data_6WNX
#
_entry.id   6WNX
#
_cell.length_a   119.732
_cell.length_b   81.866
_cell.length_c   133.198
_cell.angle_alpha   90.000
_cell.angle_beta   92.920
_cell.angle_gamma   90.000
#
_symmetry.space_group_name_H-M   'P 1 21 1'
#
loop_
_entity.id
_entity.type
_entity.pdbx_description
1 polymer 'F-box/WD repeat-containing protein 11'
2 polymer 'S-phase kinase-associated protein 1'
3 polymer 'Catenin beta-1'
4 non-polymer GLYCEROL
5 non-polymer 'SODIUM ION'
6 water water
#
loop_
_entity_poly.entity_id
_entity_poly.type
_entity_poly.pdbx_seq_one_letter_code
_entity_poly.pdbx_strand_id
1 'polypeptide(L)'
;MLQRDFITALPEQGLDHIAENILSYLDARSLCAAELVCKEWQRVISEGMLWKKLIERMVRTDPLWKGLSERRGWDQYLFK
NRPTDGPPNSFYRSLYPKIIQDIETIESNWRCGRHNLQRIQCRSENSKGVYCLQYDDEKIISGLRDNSIKIWDKTSLECL
KVLTGHTGSVLCLQYDERVIVTGSSDSTVRVWDVNTGEVLNTLIHHNEAVLHLRFSNGLMVTCSKDRSIAVWDMASATDI
TLRRVLVGHRAAVNVVDFDDKYIVSASGDRTIKVWSTSTCEFVRTLNGHKRGIACLQYRDRLVVSGSSDNTIRLWDIECG
ACLRVLEGHEELVRCIRFDNKRIVSGAYDGKIKVWDLQAALDPRAPASTLCLRTLVEHSGRVFRLQFDEFQIISSSHDDT
ILIWDFLNVPPSAQNETRSPSRTYTYISR
;
A,D,G
2 'polypeptide(L)'
;MPSIKLQSSDGEIFEVDVEIAKQSVTIKTMLEDLGMDPVPLPNVNAAILKKVIQWCTHHKDDPPDDIPVWDQEFLKVDQG
TLFELILAANYLDIKGLLDVTCKTVANMIKGKTPEEIRKTFNIKNDFTEEEEAQVRKENQWCEEK
;
B,E,H
3 'polypeptide(L)' LD(SEP)GIH(SEP)GA C,F,I
#
# COMPACT_ATOMS: atom_id res chain seq x y z
N MET A 1 11.16 -52.61 -17.96
CA MET A 1 11.34 -51.21 -17.50
C MET A 1 9.98 -50.49 -17.57
N LEU A 2 9.46 -50.19 -16.39
CA LEU A 2 8.05 -49.82 -16.09
C LEU A 2 7.94 -48.32 -15.96
N GLN A 3 9.08 -47.64 -15.90
CA GLN A 3 9.18 -46.18 -15.67
C GLN A 3 10.13 -45.56 -16.69
N ARG A 4 9.78 -44.37 -17.17
CA ARG A 4 10.49 -43.59 -18.20
C ARG A 4 10.22 -42.12 -17.85
N ASP A 5 11.28 -41.34 -17.69
CA ASP A 5 11.24 -39.86 -17.50
C ASP A 5 11.02 -39.23 -18.87
N PHE A 6 9.75 -39.03 -19.24
CA PHE A 6 9.38 -38.61 -20.61
C PHE A 6 10.11 -37.31 -20.93
N ILE A 7 10.17 -36.41 -19.96
CA ILE A 7 10.59 -35.00 -20.18
C ILE A 7 12.09 -34.96 -20.39
N THR A 8 12.83 -35.95 -19.87
CA THR A 8 14.28 -36.09 -20.14
C THR A 8 14.48 -36.95 -21.39
N ALA A 9 13.73 -38.02 -21.52
CA ALA A 9 13.95 -39.09 -22.52
C ALA A 9 13.72 -38.52 -23.91
N LEU A 10 12.77 -37.60 -24.06
CA LEU A 10 12.42 -37.06 -25.38
C LEU A 10 13.53 -36.13 -25.87
N PRO A 11 14.00 -35.13 -25.10
CA PRO A 11 15.16 -34.36 -25.49
C PRO A 11 16.38 -35.21 -25.87
N GLU A 12 16.58 -36.33 -25.18
CA GLU A 12 17.70 -37.26 -25.43
C GLU A 12 17.53 -37.90 -26.82
N GLN A 13 16.29 -37.98 -27.27
CA GLN A 13 15.88 -38.49 -28.59
C GLN A 13 15.92 -37.34 -29.63
N GLY A 14 16.30 -36.14 -29.24
CA GLY A 14 16.19 -34.93 -30.08
C GLY A 14 14.77 -34.38 -30.19
N LEU A 15 13.86 -34.84 -29.33
CA LEU A 15 12.40 -34.59 -29.50
C LEU A 15 11.91 -33.67 -28.39
N ASP A 16 12.69 -32.63 -28.11
CA ASP A 16 12.35 -31.54 -27.16
C ASP A 16 10.89 -31.09 -27.32
N HIS A 17 10.47 -30.77 -28.53
CA HIS A 17 9.14 -30.13 -28.80
C HIS A 17 8.02 -30.99 -28.23
N ILE A 18 8.17 -32.32 -28.30
CA ILE A 18 7.16 -33.29 -27.79
C ILE A 18 7.01 -33.07 -26.29
N ALA A 19 8.12 -33.12 -25.56
CA ALA A 19 8.18 -32.89 -24.11
C ALA A 19 7.50 -31.56 -23.77
N GLU A 20 7.75 -30.54 -24.59
CA GLU A 20 7.14 -29.20 -24.42
C GLU A 20 5.62 -29.33 -24.54
N ASN A 21 5.14 -30.00 -25.58
CA ASN A 21 3.68 -30.24 -25.82
C ASN A 21 3.09 -30.90 -24.58
N ILE A 22 3.74 -31.93 -24.05
CA ILE A 22 3.25 -32.61 -22.83
C ILE A 22 3.05 -31.54 -21.76
N LEU A 23 4.08 -30.75 -21.45
CA LEU A 23 4.02 -29.79 -20.33
C LEU A 23 3.00 -28.69 -20.62
N SER A 24 2.76 -28.41 -21.89
CA SER A 24 1.82 -27.35 -22.36
C SER A 24 0.39 -27.60 -21.91
N TYR A 25 0.08 -28.81 -21.43
CA TYR A 25 -1.28 -29.19 -20.93
C TYR A 25 -1.46 -28.78 -19.47
N LEU A 26 -0.37 -28.59 -18.74
CA LEU A 26 -0.40 -28.38 -17.27
C LEU A 26 -0.92 -26.98 -16.94
N ASP A 27 -1.71 -26.89 -15.86
CA ASP A 27 -2.15 -25.66 -15.19
C ASP A 27 -0.94 -25.08 -14.45
N ALA A 28 -0.94 -23.78 -14.18
CA ALA A 28 0.13 -23.08 -13.47
C ALA A 28 0.69 -23.91 -12.32
N ARG A 29 -0.16 -24.34 -11.38
CA ARG A 29 0.28 -25.00 -10.11
C ARG A 29 1.14 -26.23 -10.45
N SER A 30 0.70 -27.03 -11.42
CA SER A 30 1.39 -28.28 -11.83
C SER A 30 2.71 -27.94 -12.55
N LEU A 31 2.68 -26.93 -13.41
CA LEU A 31 3.86 -26.43 -14.15
C LEU A 31 4.96 -26.02 -13.18
N CYS A 32 4.60 -25.34 -12.09
CA CYS A 32 5.54 -24.94 -11.00
C CYS A 32 6.19 -26.18 -10.38
N ALA A 33 5.39 -27.22 -10.14
CA ALA A 33 5.85 -28.50 -9.57
C ALA A 33 6.86 -29.13 -10.52
N ALA A 34 6.52 -29.14 -11.80
CA ALA A 34 7.36 -29.73 -12.86
C ALA A 34 8.74 -29.06 -12.84
N GLU A 35 8.81 -27.72 -12.68
CA GLU A 35 10.10 -26.98 -12.64
C GLU A 35 11.02 -27.63 -11.60
N LEU A 36 10.46 -28.07 -10.46
CA LEU A 36 11.20 -28.49 -9.24
C LEU A 36 11.62 -29.96 -9.32
N VAL A 37 11.16 -30.70 -10.33
CA VAL A 37 11.39 -32.16 -10.43
C VAL A 37 12.87 -32.44 -10.65
N CYS A 38 13.52 -31.67 -11.49
CA CYS A 38 15.00 -31.74 -11.70
C CYS A 38 15.41 -30.71 -12.73
N LYS A 39 16.72 -30.42 -12.82
CA LYS A 39 17.27 -29.37 -13.70
C LYS A 39 16.84 -29.53 -15.17
N GLU A 40 16.72 -30.77 -15.65
CA GLU A 40 16.39 -31.01 -17.08
C GLU A 40 14.94 -30.60 -17.34
N TRP A 41 14.02 -30.92 -16.43
CA TRP A 41 12.61 -30.46 -16.48
C TRP A 41 12.55 -28.93 -16.47
N GLN A 42 13.22 -28.31 -15.51
CA GLN A 42 13.31 -26.83 -15.43
C GLN A 42 13.83 -26.32 -16.77
N ARG A 43 14.88 -26.96 -17.32
CA ARG A 43 15.54 -26.50 -18.56
C ARG A 43 14.51 -26.52 -19.70
N VAL A 44 13.74 -27.60 -19.81
CA VAL A 44 12.76 -27.79 -20.90
C VAL A 44 11.65 -26.75 -20.78
N ILE A 45 11.09 -26.58 -19.59
CA ILE A 45 10.07 -25.53 -19.30
C ILE A 45 10.63 -24.16 -19.70
N SER A 46 11.85 -23.88 -19.28
CA SER A 46 12.49 -22.56 -19.52
C SER A 46 12.67 -22.36 -21.03
N GLU A 47 13.34 -23.27 -21.75
CA GLU A 47 13.69 -23.07 -23.17
C GLU A 47 12.47 -23.28 -24.07
N GLY A 48 11.55 -24.16 -23.68
CA GLY A 48 10.27 -24.37 -24.40
C GLY A 48 9.33 -23.19 -24.30
N MET A 49 9.63 -22.20 -23.45
CA MET A 49 8.88 -20.92 -23.39
C MET A 49 7.47 -21.25 -22.90
N LEU A 50 7.37 -22.10 -21.87
CA LEU A 50 6.10 -22.75 -21.45
C LEU A 50 5.18 -21.74 -20.76
N TRP A 51 5.76 -20.78 -20.05
CA TRP A 51 4.98 -19.75 -19.32
C TRP A 51 4.38 -18.75 -20.32
N LYS A 52 5.14 -18.29 -21.30
CA LYS A 52 4.57 -17.49 -22.40
C LYS A 52 3.40 -18.27 -22.99
N LYS A 53 3.63 -19.56 -23.29
CA LYS A 53 2.61 -20.42 -23.97
C LYS A 53 1.37 -20.54 -23.09
N LEU A 54 1.55 -20.63 -21.79
CA LEU A 54 0.41 -20.81 -20.87
C LEU A 54 -0.43 -19.54 -20.86
N ILE A 55 0.26 -18.42 -20.67
CA ILE A 55 -0.38 -17.08 -20.67
C ILE A 55 -1.18 -16.93 -21.96
N GLU A 56 -0.61 -17.31 -23.11
CA GLU A 56 -1.35 -17.23 -24.38
C GLU A 56 -2.58 -18.13 -24.29
N ARG A 57 -2.48 -19.34 -23.76
CA ARG A 57 -3.64 -20.27 -23.67
C ARG A 57 -4.72 -19.66 -22.75
N MET A 58 -4.30 -18.95 -21.70
CA MET A 58 -5.28 -18.28 -20.81
C MET A 58 -5.98 -17.17 -21.60
N VAL A 59 -5.22 -16.41 -22.38
CA VAL A 59 -5.79 -15.25 -23.13
C VAL A 59 -6.76 -15.79 -24.17
N ARG A 60 -6.41 -16.90 -24.83
CA ARG A 60 -7.19 -17.45 -25.96
C ARG A 60 -8.47 -18.05 -25.41
N THR A 61 -8.53 -18.42 -24.13
CA THR A 61 -9.74 -19.04 -23.53
C THR A 61 -10.48 -18.00 -22.66
N ASP A 62 -9.85 -17.38 -21.67
CA ASP A 62 -10.51 -16.52 -20.65
C ASP A 62 -10.50 -15.08 -21.13
N PRO A 63 -11.70 -14.48 -21.38
CA PRO A 63 -11.79 -13.08 -21.82
C PRO A 63 -11.26 -12.09 -20.78
N LEU A 64 -11.28 -12.49 -19.51
CA LEU A 64 -10.64 -11.73 -18.42
C LEU A 64 -9.16 -11.55 -18.73
N TRP A 65 -8.47 -12.65 -19.06
CA TRP A 65 -7.02 -12.64 -19.39
C TRP A 65 -6.81 -11.81 -20.65
N LYS A 66 -7.66 -12.02 -21.66
CA LYS A 66 -7.73 -11.17 -22.88
C LYS A 66 -7.80 -9.69 -22.47
N GLY A 67 -8.81 -9.34 -21.68
CA GLY A 67 -9.03 -7.97 -21.20
C GLY A 67 -7.76 -7.39 -20.63
N LEU A 68 -7.30 -7.95 -19.51
CA LEU A 68 -6.08 -7.52 -18.80
C LEU A 68 -4.89 -7.41 -19.77
N SER A 69 -4.76 -8.33 -20.73
CA SER A 69 -3.61 -8.34 -21.68
C SER A 69 -3.57 -6.99 -22.38
N GLU A 70 -4.75 -6.48 -22.73
CA GLU A 70 -4.92 -5.20 -23.46
C GLU A 70 -4.75 -4.03 -22.49
N ARG A 71 -5.56 -3.97 -21.45
CA ARG A 71 -5.59 -2.81 -20.54
C ARG A 71 -4.22 -2.62 -19.89
N ARG A 72 -3.51 -3.70 -19.59
CA ARG A 72 -2.16 -3.66 -18.93
C ARG A 72 -1.08 -3.58 -20.00
N GLY A 73 -1.41 -3.97 -21.23
CA GLY A 73 -0.51 -3.90 -22.40
C GLY A 73 0.63 -4.90 -22.32
N TRP A 74 0.40 -6.08 -21.75
CA TRP A 74 1.38 -7.18 -21.87
C TRP A 74 0.97 -8.09 -23.02
N ASP A 75 -0.16 -7.78 -23.67
CA ASP A 75 -0.53 -8.39 -24.98
C ASP A 75 0.59 -8.13 -26.01
N GLN A 76 1.32 -7.05 -25.87
CA GLN A 76 2.35 -6.65 -26.86
C GLN A 76 3.58 -7.55 -26.71
N TYR A 77 3.63 -8.44 -25.71
CA TYR A 77 4.72 -9.44 -25.49
C TYR A 77 4.29 -10.84 -25.93
N LEU A 78 3.08 -10.95 -26.44
CA LEU A 78 2.47 -12.28 -26.74
C LEU A 78 2.38 -12.48 -28.25
N PHE A 79 2.42 -13.74 -28.67
CA PHE A 79 2.43 -14.18 -30.09
C PHE A 79 3.68 -13.56 -30.72
N LYS A 80 3.57 -13.02 -31.94
CA LYS A 80 4.71 -12.39 -32.68
C LYS A 80 5.90 -13.39 -32.78
N ASN A 81 5.61 -14.70 -32.98
CA ASN A 81 6.51 -15.84 -33.37
C ASN A 81 7.95 -15.71 -32.83
N ARG A 82 8.82 -14.88 -33.46
CA ARG A 82 10.27 -14.72 -33.14
C ARG A 82 10.45 -13.76 -31.94
N PRO A 83 11.49 -13.95 -31.09
CA PRO A 83 11.75 -13.04 -29.97
C PRO A 83 11.67 -11.53 -30.32
N THR A 84 12.52 -11.04 -31.25
CA THR A 84 12.65 -9.63 -31.72
C THR A 84 13.51 -8.86 -30.70
N ASP A 85 12.86 -8.25 -29.71
CA ASP A 85 13.46 -7.71 -28.45
C ASP A 85 13.71 -8.89 -27.51
N GLY A 86 12.95 -9.97 -27.71
CA GLY A 86 13.09 -11.30 -27.10
C GLY A 86 12.98 -11.25 -25.57
N PRO A 87 11.83 -10.84 -24.98
CA PRO A 87 11.64 -10.96 -23.54
C PRO A 87 11.89 -12.42 -23.20
N PRO A 88 12.80 -12.74 -22.24
CA PRO A 88 13.19 -14.13 -22.00
C PRO A 88 12.05 -14.91 -21.29
N ASN A 89 12.14 -16.24 -21.14
CA ASN A 89 11.12 -17.03 -20.39
C ASN A 89 10.97 -16.43 -18.99
N SER A 90 12.09 -16.22 -18.28
CA SER A 90 12.15 -15.66 -16.91
C SER A 90 11.08 -14.58 -16.71
N PHE A 91 10.85 -13.75 -17.73
CA PHE A 91 9.92 -12.57 -17.71
C PHE A 91 8.46 -13.03 -17.56
N TYR A 92 8.06 -13.96 -18.45
CA TYR A 92 6.69 -14.52 -18.54
C TYR A 92 6.43 -15.39 -17.31
N ARG A 93 7.47 -16.03 -16.81
CA ARG A 93 7.39 -16.82 -15.56
C ARG A 93 7.08 -15.86 -14.41
N SER A 94 7.67 -14.67 -14.40
CA SER A 94 7.50 -13.65 -13.33
C SER A 94 6.12 -13.01 -13.41
N LEU A 95 5.58 -12.93 -14.61
CA LEU A 95 4.34 -12.19 -14.93
C LEU A 95 3.12 -12.97 -14.45
N TYR A 96 3.08 -14.28 -14.70
CA TYR A 96 1.89 -15.10 -14.39
C TYR A 96 1.38 -14.80 -12.99
N PRO A 97 2.18 -14.92 -11.92
CA PRO A 97 1.70 -14.61 -10.58
C PRO A 97 1.20 -13.15 -10.38
N LYS A 98 1.77 -12.22 -11.13
CA LYS A 98 1.40 -10.78 -11.10
C LYS A 98 0.02 -10.58 -11.74
N ILE A 99 -0.30 -11.38 -12.76
CA ILE A 99 -1.65 -11.39 -13.38
C ILE A 99 -2.62 -11.96 -12.36
N ILE A 100 -2.27 -13.05 -11.70
CA ILE A 100 -3.16 -13.68 -10.70
C ILE A 100 -3.45 -12.65 -9.60
N GLN A 101 -2.39 -12.01 -9.07
CA GLN A 101 -2.51 -10.95 -8.06
C GLN A 101 -3.49 -9.88 -8.59
N ASP A 102 -3.20 -9.33 -9.78
CA ASP A 102 -4.07 -8.36 -10.46
C ASP A 102 -5.51 -8.86 -10.31
N ILE A 103 -5.77 -10.06 -10.83
CA ILE A 103 -7.13 -10.64 -10.89
C ILE A 103 -7.75 -10.67 -9.50
N GLU A 104 -7.02 -11.13 -8.48
CA GLU A 104 -7.61 -11.30 -7.12
C GLU A 104 -8.00 -9.93 -6.56
N THR A 105 -7.19 -8.89 -6.82
CA THR A 105 -7.48 -7.53 -6.29
C THR A 105 -8.70 -6.99 -7.03
N ILE A 106 -8.89 -7.32 -8.30
CA ILE A 106 -10.14 -6.92 -9.03
C ILE A 106 -11.35 -7.54 -8.31
N GLU A 107 -11.34 -8.86 -8.12
CA GLU A 107 -12.47 -9.55 -7.44
C GLU A 107 -12.72 -8.94 -6.07
N SER A 108 -11.64 -8.61 -5.36
CA SER A 108 -11.70 -8.00 -4.02
C SER A 108 -12.43 -6.66 -4.12
N ASN A 109 -12.15 -5.90 -5.18
CA ASN A 109 -12.75 -4.57 -5.43
C ASN A 109 -14.25 -4.73 -5.62
N TRP A 110 -14.68 -5.70 -6.42
CA TRP A 110 -16.13 -6.00 -6.60
C TRP A 110 -16.75 -6.34 -5.24
N ARG A 111 -16.12 -7.25 -4.49
CA ARG A 111 -16.62 -7.81 -3.22
C ARG A 111 -16.79 -6.71 -2.18
N CYS A 112 -15.76 -5.86 -2.06
CA CYS A 112 -15.68 -4.78 -1.06
C CYS A 112 -16.22 -3.46 -1.62
N GLY A 113 -16.61 -3.46 -2.90
CA GLY A 113 -17.26 -2.29 -3.53
C GLY A 113 -16.35 -1.06 -3.55
N ARG A 114 -15.05 -1.28 -3.71
CA ARG A 114 -14.04 -0.25 -4.07
C ARG A 114 -14.10 -0.02 -5.57
N HIS A 115 -14.26 1.21 -6.02
CA HIS A 115 -14.33 1.53 -7.47
C HIS A 115 -13.94 2.99 -7.67
N ASN A 116 -13.48 3.33 -8.88
CA ASN A 116 -13.44 4.73 -9.38
C ASN A 116 -14.79 5.08 -9.99
N LEU A 117 -15.41 6.17 -9.56
CA LEU A 117 -16.72 6.62 -10.10
C LEU A 117 -16.49 7.82 -11.00
N GLN A 118 -16.99 7.79 -12.24
CA GLN A 118 -17.08 8.97 -13.12
C GLN A 118 -18.53 9.20 -13.49
N ARG A 119 -18.93 10.46 -13.47
CA ARG A 119 -20.34 10.87 -13.60
C ARG A 119 -20.43 11.74 -14.85
N ILE A 120 -21.19 11.29 -15.84
CA ILE A 120 -21.57 12.12 -17.01
C ILE A 120 -22.91 12.76 -16.72
N GLN A 121 -22.98 14.07 -16.66
CA GLN A 121 -24.26 14.79 -16.74
C GLN A 121 -24.60 14.85 -18.23
N CYS A 122 -25.69 14.23 -18.64
CA CYS A 122 -26.15 14.24 -20.06
C CYS A 122 -26.87 15.55 -20.38
N ARG A 123 -26.96 16.48 -19.41
CA ARG A 123 -27.47 17.85 -19.64
C ARG A 123 -28.62 17.77 -20.65
N SER A 124 -29.67 17.03 -20.30
CA SER A 124 -30.89 16.86 -21.14
C SER A 124 -31.65 18.19 -21.14
N GLU A 125 -32.43 18.43 -22.22
CA GLU A 125 -33.08 19.74 -22.54
C GLU A 125 -34.24 19.97 -21.56
N ASN A 126 -35.46 19.52 -21.86
CA ASN A 126 -36.56 19.69 -20.87
C ASN A 126 -36.69 18.37 -20.13
N SER A 127 -37.37 17.40 -20.73
CA SER A 127 -37.44 16.00 -20.25
C SER A 127 -36.06 15.55 -19.78
N LYS A 128 -35.95 14.96 -18.58
CA LYS A 128 -34.70 14.43 -17.98
C LYS A 128 -34.77 12.91 -17.91
N GLY A 129 -33.65 12.26 -18.21
CA GLY A 129 -33.43 10.83 -17.93
C GLY A 129 -32.80 10.11 -19.11
N VAL A 130 -32.15 8.98 -18.84
CA VAL A 130 -31.40 8.15 -19.81
C VAL A 130 -31.89 6.71 -19.75
N TYR A 131 -32.68 6.33 -20.73
CA TYR A 131 -33.52 5.12 -20.65
C TYR A 131 -32.71 3.90 -21.04
N CYS A 132 -31.67 4.06 -21.86
CA CYS A 132 -30.88 2.93 -22.44
C CYS A 132 -29.42 3.36 -22.68
N LEU A 133 -28.53 2.39 -22.80
CA LEU A 133 -27.11 2.64 -23.14
C LEU A 133 -26.45 1.33 -23.60
N GLN A 134 -25.36 1.48 -24.34
CA GLN A 134 -24.43 0.38 -24.71
C GLN A 134 -23.04 1.00 -24.84
N TYR A 135 -21.98 0.25 -24.49
CA TYR A 135 -20.60 0.77 -24.58
C TYR A 135 -19.67 -0.27 -25.17
N ASP A 136 -18.47 0.21 -25.49
CA ASP A 136 -17.26 -0.57 -25.89
C ASP A 136 -16.01 0.18 -25.37
N ASP A 137 -14.83 -0.33 -25.75
CA ASP A 137 -13.51 0.27 -25.39
C ASP A 137 -13.52 1.76 -25.75
N GLU A 138 -14.20 2.17 -26.84
CA GLU A 138 -14.05 3.52 -27.46
C GLU A 138 -15.22 4.47 -27.14
N LYS A 139 -16.44 4.00 -27.00
CA LYS A 139 -17.57 4.94 -26.82
C LYS A 139 -18.70 4.32 -25.99
N ILE A 140 -19.54 5.22 -25.49
CA ILE A 140 -20.86 4.93 -24.86
C ILE A 140 -21.93 5.61 -25.71
N ILE A 141 -22.90 4.83 -26.20
CA ILE A 141 -24.10 5.38 -26.88
C ILE A 141 -25.28 5.25 -25.92
N SER A 142 -26.13 6.28 -25.86
CA SER A 142 -27.20 6.43 -24.85
C SER A 142 -28.46 7.01 -25.49
N GLY A 143 -29.62 6.61 -25.01
CA GLY A 143 -30.93 7.14 -25.44
C GLY A 143 -31.62 7.90 -24.31
N LEU A 144 -32.18 9.05 -24.63
CA LEU A 144 -32.66 10.01 -23.62
C LEU A 144 -34.14 10.33 -23.78
N ARG A 145 -34.76 10.80 -22.70
CA ARG A 145 -36.17 11.18 -22.61
C ARG A 145 -36.45 12.40 -23.50
N ASP A 146 -35.45 13.24 -23.74
CA ASP A 146 -35.55 14.42 -24.65
C ASP A 146 -35.53 13.98 -26.12
N ASN A 147 -35.67 12.69 -26.40
CA ASN A 147 -35.84 12.16 -27.78
C ASN A 147 -34.51 12.05 -28.54
N SER A 148 -33.37 12.45 -27.95
CA SER A 148 -32.03 12.45 -28.60
C SER A 148 -31.27 11.15 -28.30
N ILE A 149 -30.35 10.77 -29.19
CA ILE A 149 -29.28 9.77 -28.90
C ILE A 149 -27.98 10.54 -28.70
N LYS A 150 -27.24 10.27 -27.63
CA LYS A 150 -25.94 10.96 -27.41
C LYS A 150 -24.83 9.93 -27.38
N ILE A 151 -23.72 10.21 -28.05
CA ILE A 151 -22.51 9.35 -28.08
C ILE A 151 -21.41 10.06 -27.29
N TRP A 152 -20.81 9.34 -26.34
CA TRP A 152 -19.77 9.84 -25.40
C TRP A 152 -18.44 9.20 -25.71
N ASP A 153 -17.36 9.97 -25.68
CA ASP A 153 -15.99 9.42 -25.69
C ASP A 153 -15.81 8.65 -24.39
N LYS A 154 -15.39 7.39 -24.50
CA LYS A 154 -15.26 6.45 -23.37
C LYS A 154 -14.18 6.96 -22.42
N THR A 155 -13.13 7.58 -22.93
CA THR A 155 -11.96 8.02 -22.13
C THR A 155 -12.24 9.44 -21.59
N SER A 156 -12.50 10.41 -22.47
CA SER A 156 -12.61 11.85 -22.15
C SER A 156 -13.98 12.21 -21.57
N LEU A 157 -14.99 11.38 -21.80
CA LEU A 157 -16.41 11.57 -21.41
C LEU A 157 -17.03 12.76 -22.15
N GLU A 158 -16.38 13.25 -23.21
CA GLU A 158 -16.94 14.33 -24.06
C GLU A 158 -18.09 13.74 -24.90
N CYS A 159 -19.03 14.59 -25.30
CA CYS A 159 -20.12 14.24 -26.24
C CYS A 159 -19.65 14.45 -27.68
N LEU A 160 -19.62 13.38 -28.47
CA LEU A 160 -19.07 13.40 -29.85
C LEU A 160 -20.17 13.64 -30.88
N LYS A 161 -21.34 13.04 -30.71
CA LYS A 161 -22.53 13.26 -31.61
C LYS A 161 -23.80 13.41 -30.76
N VAL A 162 -24.82 14.01 -31.35
CA VAL A 162 -26.21 14.03 -30.81
C VAL A 162 -27.16 13.76 -31.98
N LEU A 163 -27.68 12.54 -32.08
CA LEU A 163 -28.58 12.17 -33.18
C LEU A 163 -30.01 12.56 -32.78
N THR A 164 -30.71 13.30 -33.65
CA THR A 164 -32.12 13.67 -33.42
C THR A 164 -32.97 13.18 -34.60
N GLY A 165 -34.28 13.04 -34.37
CA GLY A 165 -35.22 12.46 -35.35
C GLY A 165 -36.43 11.84 -34.67
N HIS A 166 -36.23 11.02 -33.64
CA HIS A 166 -37.36 10.43 -32.87
C HIS A 166 -38.17 11.60 -32.32
N THR A 167 -39.48 11.46 -32.32
CA THR A 167 -40.47 12.46 -31.86
C THR A 167 -40.92 12.07 -30.45
N GLY A 168 -40.24 11.07 -29.88
CA GLY A 168 -40.48 10.63 -28.49
C GLY A 168 -39.21 10.08 -27.89
N SER A 169 -39.18 9.92 -26.58
CA SER A 169 -38.08 9.29 -25.79
C SER A 169 -37.49 8.08 -26.53
N VAL A 170 -36.17 7.95 -26.48
CA VAL A 170 -35.43 6.76 -27.00
C VAL A 170 -35.33 5.77 -25.85
N LEU A 171 -36.01 4.63 -25.96
CA LEU A 171 -36.32 3.73 -24.83
C LEU A 171 -35.36 2.56 -24.86
N CYS A 172 -34.97 2.14 -26.05
CA CYS A 172 -34.06 1.00 -26.23
C CYS A 172 -33.13 1.33 -27.38
N LEU A 173 -31.93 0.75 -27.38
CA LEU A 173 -30.99 0.82 -28.52
C LEU A 173 -30.06 -0.38 -28.46
N GLN A 174 -29.46 -0.71 -29.57
CA GLN A 174 -28.36 -1.69 -29.69
C GLN A 174 -27.57 -1.24 -30.91
N TYR A 175 -26.25 -1.42 -30.90
CA TYR A 175 -25.40 -1.04 -32.04
C TYR A 175 -24.39 -2.17 -32.31
N ASP A 176 -23.84 -2.20 -33.52
CA ASP A 176 -22.71 -3.09 -33.88
C ASP A 176 -21.72 -2.27 -34.68
N GLU A 177 -20.82 -2.96 -35.39
CA GLU A 177 -19.75 -2.36 -36.23
C GLU A 177 -20.40 -1.39 -37.24
N ARG A 178 -21.61 -1.67 -37.72
CA ARG A 178 -22.23 -1.01 -38.89
C ARG A 178 -23.31 -0.02 -38.46
N VAL A 179 -24.19 -0.33 -37.50
CA VAL A 179 -25.42 0.49 -37.25
C VAL A 179 -25.77 0.60 -35.77
N ILE A 180 -26.57 1.63 -35.49
CA ILE A 180 -27.37 1.82 -34.25
C ILE A 180 -28.83 1.59 -34.60
N VAL A 181 -29.55 0.89 -33.74
CA VAL A 181 -31.02 0.63 -33.90
C VAL A 181 -31.73 1.08 -32.64
N THR A 182 -32.80 1.85 -32.76
CA THR A 182 -33.49 2.45 -31.60
C THR A 182 -35.00 2.30 -31.72
N GLY A 183 -35.68 2.05 -30.58
CA GLY A 183 -37.13 2.16 -30.44
C GLY A 183 -37.49 3.35 -29.58
N SER A 184 -38.56 4.04 -29.90
CA SER A 184 -38.96 5.27 -29.19
C SER A 184 -40.41 5.15 -28.70
N SER A 185 -40.78 5.99 -27.74
CA SER A 185 -42.18 6.33 -27.41
C SER A 185 -42.96 6.68 -28.70
N ASP A 186 -42.30 7.20 -29.73
CA ASP A 186 -42.96 7.61 -30.99
C ASP A 186 -43.39 6.39 -31.84
N SER A 187 -43.10 5.14 -31.40
CA SER A 187 -43.62 3.89 -32.02
C SER A 187 -42.78 3.43 -33.22
N THR A 188 -41.74 4.20 -33.57
CA THR A 188 -40.84 3.87 -34.70
C THR A 188 -39.63 3.12 -34.17
N VAL A 189 -39.05 2.30 -35.04
CA VAL A 189 -37.65 1.84 -34.91
C VAL A 189 -36.86 2.57 -35.97
N ARG A 190 -35.68 3.09 -35.60
CA ARG A 190 -34.77 3.77 -36.55
C ARG A 190 -33.41 3.08 -36.58
N VAL A 191 -32.92 2.84 -37.78
CA VAL A 191 -31.54 2.33 -38.05
C VAL A 191 -30.68 3.53 -38.44
N TRP A 192 -29.61 3.81 -37.71
CA TRP A 192 -28.66 4.89 -38.02
C TRP A 192 -27.30 4.29 -38.38
N ASP A 193 -26.53 4.98 -39.21
CA ASP A 193 -25.09 4.64 -39.44
C ASP A 193 -24.35 4.95 -38.15
N VAL A 194 -23.65 3.97 -37.61
CA VAL A 194 -22.95 4.10 -36.31
C VAL A 194 -21.85 5.17 -36.38
N ASN A 195 -21.45 5.60 -37.59
CA ASN A 195 -20.34 6.56 -37.82
C ASN A 195 -20.89 7.92 -38.24
N THR A 196 -21.51 8.00 -39.42
CA THR A 196 -22.04 9.26 -40.01
C THR A 196 -23.24 9.74 -39.21
N GLY A 197 -23.92 8.84 -38.50
CA GLY A 197 -25.16 9.14 -37.75
C GLY A 197 -26.34 9.37 -38.66
N GLU A 198 -26.20 9.04 -39.95
CA GLU A 198 -27.28 9.26 -40.96
C GLU A 198 -28.35 8.19 -40.73
N VAL A 199 -29.62 8.59 -40.82
CA VAL A 199 -30.77 7.65 -40.68
C VAL A 199 -30.76 6.78 -41.92
N LEU A 200 -30.70 5.46 -41.79
CA LEU A 200 -30.65 4.53 -42.95
C LEU A 200 -32.03 3.91 -43.22
N ASN A 201 -32.86 3.78 -42.18
CA ASN A 201 -34.19 3.11 -42.26
C ASN A 201 -35.06 3.57 -41.09
N THR A 202 -36.38 3.56 -41.29
CA THR A 202 -37.37 3.80 -40.22
C THR A 202 -38.47 2.76 -40.34
N LEU A 203 -38.63 1.89 -39.33
CA LEU A 203 -39.69 0.86 -39.31
C LEU A 203 -40.93 1.43 -38.64
N ILE A 204 -41.97 1.62 -39.45
CA ILE A 204 -43.37 1.90 -39.04
C ILE A 204 -44.09 0.56 -38.92
N HIS A 205 -44.68 0.27 -37.77
CA HIS A 205 -45.34 -1.04 -37.52
C HIS A 205 -46.07 -0.96 -36.20
N HIS A 206 -45.34 -0.92 -35.09
CA HIS A 206 -45.96 -0.83 -33.75
C HIS A 206 -46.85 0.39 -33.78
N ASN A 207 -48.02 0.24 -33.18
CA ASN A 207 -49.10 1.25 -33.02
C ASN A 207 -48.83 2.11 -31.77
N GLU A 208 -47.92 1.66 -30.91
CA GLU A 208 -47.65 2.22 -29.57
C GLU A 208 -46.15 2.13 -29.32
N ALA A 209 -45.70 2.75 -28.23
CA ALA A 209 -44.28 2.88 -27.85
C ALA A 209 -43.56 1.55 -28.08
N VAL A 210 -42.38 1.60 -28.69
CA VAL A 210 -41.50 0.43 -28.87
C VAL A 210 -40.54 0.37 -27.69
N LEU A 211 -40.64 -0.66 -26.85
CA LEU A 211 -40.07 -0.68 -25.48
C LEU A 211 -38.75 -1.41 -25.47
N HIS A 212 -38.60 -2.40 -26.35
CA HIS A 212 -37.35 -3.18 -26.41
C HIS A 212 -37.12 -3.66 -27.82
N LEU A 213 -35.87 -3.97 -28.13
CA LEU A 213 -35.45 -4.64 -29.37
C LEU A 213 -34.11 -5.33 -29.17
N ARG A 214 -33.83 -6.28 -30.04
CA ARG A 214 -32.54 -6.96 -30.17
C ARG A 214 -32.40 -7.41 -31.60
N PHE A 215 -31.19 -7.36 -32.14
CA PHE A 215 -30.87 -7.93 -33.46
C PHE A 215 -29.55 -8.69 -33.36
N SER A 216 -29.44 -9.78 -34.12
CA SER A 216 -28.22 -10.61 -34.26
C SER A 216 -28.41 -11.53 -35.47
N ASN A 217 -27.32 -11.79 -36.20
CA ASN A 217 -27.25 -12.77 -37.32
C ASN A 217 -28.44 -12.58 -38.25
N GLY A 218 -28.74 -11.33 -38.60
CA GLY A 218 -29.71 -10.99 -39.66
C GLY A 218 -31.14 -11.20 -39.22
N LEU A 219 -31.33 -11.18 -37.91
CA LEU A 219 -32.66 -11.26 -37.27
C LEU A 219 -32.79 -10.13 -36.27
N MET A 220 -33.91 -9.43 -36.29
CA MET A 220 -34.26 -8.42 -35.28
C MET A 220 -35.64 -8.75 -34.71
N VAL A 221 -35.80 -8.51 -33.43
CA VAL A 221 -37.11 -8.66 -32.72
C VAL A 221 -37.39 -7.35 -32.02
N THR A 222 -38.60 -6.84 -32.17
CA THR A 222 -39.05 -5.62 -31.50
C THR A 222 -40.23 -6.01 -30.62
N CYS A 223 -40.51 -5.27 -29.57
CA CYS A 223 -41.68 -5.53 -28.70
C CYS A 223 -42.17 -4.20 -28.19
N SER A 224 -43.48 -4.05 -27.97
CA SER A 224 -44.12 -2.73 -27.82
C SER A 224 -45.18 -2.76 -26.70
N LYS A 225 -45.55 -1.58 -26.25
CA LYS A 225 -46.71 -1.30 -25.37
C LYS A 225 -47.98 -1.84 -26.02
N ASP A 226 -48.01 -1.93 -27.36
CA ASP A 226 -49.16 -2.47 -28.12
C ASP A 226 -49.33 -3.98 -27.83
N ARG A 227 -48.47 -4.59 -27.03
CA ARG A 227 -48.61 -5.99 -26.52
C ARG A 227 -48.09 -7.01 -27.54
N SER A 228 -47.50 -6.53 -28.63
CA SER A 228 -47.01 -7.37 -29.75
C SER A 228 -45.50 -7.46 -29.70
N ILE A 229 -45.00 -8.56 -30.25
CA ILE A 229 -43.58 -8.80 -30.64
C ILE A 229 -43.55 -8.88 -32.16
N ALA A 230 -42.59 -8.24 -32.79
CA ALA A 230 -42.37 -8.32 -34.24
C ALA A 230 -41.02 -9.01 -34.45
N VAL A 231 -40.97 -9.93 -35.42
CA VAL A 231 -39.72 -10.62 -35.82
C VAL A 231 -39.40 -10.24 -37.26
N TRP A 232 -38.18 -9.77 -37.50
CA TRP A 232 -37.73 -9.23 -38.80
C TRP A 232 -36.55 -10.04 -39.32
N ASP A 233 -36.56 -10.36 -40.61
CA ASP A 233 -35.33 -10.74 -41.37
C ASP A 233 -34.58 -9.42 -41.64
N MET A 234 -33.30 -9.35 -41.26
CA MET A 234 -32.51 -8.11 -41.35
C MET A 234 -31.28 -8.37 -42.25
N ALA A 235 -31.52 -8.39 -43.57
CA ALA A 235 -30.49 -8.69 -44.59
C ALA A 235 -29.38 -7.64 -44.53
N SER A 236 -29.78 -6.37 -44.39
CA SER A 236 -28.92 -5.17 -44.37
C SER A 236 -29.65 -4.08 -43.57
N ALA A 237 -29.04 -2.92 -43.40
CA ALA A 237 -29.69 -1.77 -42.75
C ALA A 237 -30.95 -1.34 -43.52
N THR A 238 -31.02 -1.60 -44.84
CA THR A 238 -32.09 -1.09 -45.74
C THR A 238 -33.03 -2.22 -46.16
N ASP A 239 -32.62 -3.48 -46.00
CA ASP A 239 -33.39 -4.67 -46.42
C ASP A 239 -33.88 -5.39 -45.16
N ILE A 240 -34.98 -4.90 -44.58
CA ILE A 240 -35.54 -5.40 -43.29
C ILE A 240 -37.04 -5.66 -43.44
N THR A 241 -37.42 -6.95 -43.53
CA THR A 241 -38.80 -7.43 -43.82
C THR A 241 -39.40 -8.06 -42.56
N LEU A 242 -40.67 -7.77 -42.29
CA LEU A 242 -41.45 -8.36 -41.16
C LEU A 242 -41.74 -9.83 -41.48
N ARG A 243 -41.16 -10.75 -40.71
CA ARG A 243 -41.34 -12.21 -40.91
C ARG A 243 -42.63 -12.66 -40.22
N ARG A 244 -42.84 -12.37 -38.92
CA ARG A 244 -44.06 -12.78 -38.17
C ARG A 244 -44.35 -11.79 -37.04
N VAL A 245 -45.61 -11.65 -36.67
CA VAL A 245 -46.06 -10.92 -35.44
C VAL A 245 -46.51 -11.93 -34.39
N LEU A 246 -45.95 -11.93 -33.20
CA LEU A 246 -46.38 -12.82 -32.10
C LEU A 246 -47.28 -11.99 -31.19
N VAL A 247 -48.58 -12.28 -31.16
CA VAL A 247 -49.47 -11.69 -30.12
C VAL A 247 -49.75 -12.78 -29.07
N GLY A 248 -49.66 -12.42 -27.80
CA GLY A 248 -49.48 -13.39 -26.70
C GLY A 248 -49.71 -12.78 -25.33
N HIS A 249 -49.14 -11.62 -25.06
CA HIS A 249 -49.22 -10.94 -23.74
C HIS A 249 -50.52 -10.15 -23.63
N ARG A 250 -51.01 -10.03 -22.40
CA ARG A 250 -52.28 -9.34 -22.03
C ARG A 250 -51.98 -7.88 -21.69
N ALA A 251 -50.69 -7.54 -21.63
CA ALA A 251 -50.19 -6.19 -21.32
C ALA A 251 -48.91 -5.93 -22.11
N ALA A 252 -48.43 -4.69 -22.04
CA ALA A 252 -47.16 -4.25 -22.62
C ALA A 252 -46.11 -5.36 -22.54
N VAL A 253 -45.40 -5.58 -23.66
CA VAL A 253 -44.17 -6.41 -23.72
C VAL A 253 -42.96 -5.49 -23.52
N ASN A 254 -42.37 -5.54 -22.33
CA ASN A 254 -41.36 -4.58 -21.84
C ASN A 254 -39.96 -4.97 -22.33
N VAL A 255 -39.76 -6.24 -22.66
CA VAL A 255 -38.39 -6.72 -22.97
C VAL A 255 -38.48 -8.03 -23.74
N VAL A 256 -37.45 -8.24 -24.54
CA VAL A 256 -37.34 -9.35 -25.51
C VAL A 256 -35.84 -9.64 -25.64
N ASP A 257 -35.48 -10.92 -25.62
CA ASP A 257 -34.12 -11.44 -25.90
C ASP A 257 -34.32 -12.69 -26.74
N PHE A 258 -33.24 -13.24 -27.28
CA PHE A 258 -33.28 -14.48 -28.08
C PHE A 258 -31.89 -14.99 -28.40
N ASP A 259 -31.82 -16.24 -28.83
CA ASP A 259 -30.63 -16.87 -29.44
C ASP A 259 -31.14 -17.77 -30.57
N ASP A 260 -30.28 -18.65 -31.08
CA ASP A 260 -30.61 -19.61 -32.16
C ASP A 260 -31.89 -20.37 -31.84
N LYS A 261 -32.09 -20.77 -30.58
CA LYS A 261 -33.14 -21.74 -30.19
C LYS A 261 -34.47 -21.02 -29.93
N TYR A 262 -34.43 -20.03 -29.03
CA TYR A 262 -35.63 -19.45 -28.39
C TYR A 262 -35.61 -17.92 -28.48
N ILE A 263 -36.77 -17.36 -28.73
CA ILE A 263 -37.11 -15.95 -28.41
C ILE A 263 -37.78 -15.92 -27.04
N VAL A 264 -37.40 -14.96 -26.21
CA VAL A 264 -37.98 -14.82 -24.85
C VAL A 264 -38.56 -13.41 -24.72
N SER A 265 -39.85 -13.33 -24.39
CA SER A 265 -40.61 -12.09 -24.14
C SER A 265 -40.97 -12.04 -22.66
N ALA A 266 -41.02 -10.84 -22.10
CA ALA A 266 -41.51 -10.57 -20.73
C ALA A 266 -42.36 -9.31 -20.73
N SER A 267 -43.32 -9.22 -19.81
CA SER A 267 -44.51 -8.35 -19.98
C SER A 267 -44.99 -7.83 -18.64
N GLY A 268 -45.74 -6.73 -18.67
CA GLY A 268 -46.51 -6.19 -17.53
C GLY A 268 -47.55 -7.17 -17.02
N ASP A 269 -47.90 -8.15 -17.85
CA ASP A 269 -48.90 -9.19 -17.53
C ASP A 269 -48.29 -10.26 -16.61
N ARG A 270 -47.05 -10.06 -16.13
CA ARG A 270 -46.38 -10.87 -15.07
C ARG A 270 -45.81 -12.18 -15.62
N THR A 271 -45.77 -12.37 -16.93
CA THR A 271 -45.34 -13.64 -17.57
C THR A 271 -44.08 -13.42 -18.39
N ILE A 272 -43.21 -14.41 -18.38
CA ILE A 272 -42.24 -14.67 -19.47
C ILE A 272 -42.86 -15.69 -20.43
N LYS A 273 -42.75 -15.44 -21.73
CA LYS A 273 -43.15 -16.43 -22.76
C LYS A 273 -41.94 -16.76 -23.62
N VAL A 274 -41.79 -18.04 -23.95
CA VAL A 274 -40.74 -18.65 -24.80
C VAL A 274 -41.37 -19.02 -26.15
N TRP A 275 -40.69 -18.70 -27.25
CA TRP A 275 -41.09 -18.96 -28.64
C TRP A 275 -39.92 -19.58 -29.41
N SER A 276 -40.21 -20.40 -30.43
CA SER A 276 -39.19 -21.00 -31.31
C SER A 276 -38.59 -19.90 -32.16
N THR A 277 -37.27 -19.77 -32.16
CA THR A 277 -36.62 -18.77 -33.03
C THR A 277 -36.88 -19.14 -34.49
N SER A 278 -36.89 -20.44 -34.80
CA SER A 278 -37.00 -20.93 -36.19
C SER A 278 -38.46 -20.86 -36.69
N THR A 279 -39.43 -21.30 -35.87
CA THR A 279 -40.85 -21.44 -36.31
C THR A 279 -41.66 -20.21 -35.88
N CYS A 280 -41.21 -19.48 -34.85
CA CYS A 280 -41.94 -18.33 -34.26
C CYS A 280 -43.23 -18.80 -33.60
N GLU A 281 -43.41 -20.12 -33.45
CA GLU A 281 -44.53 -20.70 -32.66
C GLU A 281 -44.20 -20.56 -31.16
N PHE A 282 -45.22 -20.28 -30.36
CA PHE A 282 -45.21 -20.32 -28.88
C PHE A 282 -44.73 -21.67 -28.40
N VAL A 283 -43.96 -21.72 -27.32
CA VAL A 283 -43.47 -23.00 -26.74
C VAL A 283 -44.04 -23.13 -25.33
N ARG A 284 -43.70 -22.22 -24.43
CA ARG A 284 -44.13 -22.30 -23.01
C ARG A 284 -44.15 -20.91 -22.37
N THR A 285 -45.00 -20.75 -21.35
CA THR A 285 -45.07 -19.57 -20.45
C THR A 285 -44.30 -19.89 -19.16
N LEU A 286 -43.58 -18.91 -18.63
CA LEU A 286 -42.87 -18.98 -17.33
C LEU A 286 -43.58 -18.02 -16.40
N ASN A 287 -44.50 -18.53 -15.61
CA ASN A 287 -45.31 -17.72 -14.69
C ASN A 287 -44.78 -17.95 -13.29
N GLY A 288 -45.02 -16.98 -12.43
CA GLY A 288 -44.50 -17.00 -11.05
C GLY A 288 -44.35 -15.61 -10.48
N HIS A 289 -43.94 -14.64 -11.28
CA HIS A 289 -43.78 -13.26 -10.78
C HIS A 289 -45.16 -12.83 -10.33
N LYS A 290 -45.20 -12.06 -9.24
CA LYS A 290 -46.44 -11.60 -8.56
C LYS A 290 -46.88 -10.29 -9.18
N ARG A 291 -46.00 -9.68 -9.98
CA ARG A 291 -46.21 -8.34 -10.57
C ARG A 291 -45.52 -8.29 -11.93
N GLY A 292 -45.68 -7.17 -12.64
CA GLY A 292 -45.08 -6.91 -13.96
C GLY A 292 -43.59 -7.16 -13.94
N ILE A 293 -43.03 -7.50 -15.10
CA ILE A 293 -41.60 -7.80 -15.31
C ILE A 293 -41.05 -6.64 -16.12
N ALA A 294 -40.01 -5.97 -15.60
CA ALA A 294 -39.46 -4.73 -16.17
C ALA A 294 -38.20 -5.05 -16.97
N CYS A 295 -37.54 -6.18 -16.70
CA CYS A 295 -36.22 -6.46 -17.30
C CYS A 295 -35.96 -7.97 -17.29
N LEU A 296 -35.09 -8.41 -18.18
CA LEU A 296 -34.77 -9.85 -18.37
C LEU A 296 -33.48 -10.00 -19.17
N GLN A 297 -32.72 -11.07 -18.94
CA GLN A 297 -31.65 -11.52 -19.87
C GLN A 297 -31.78 -13.03 -20.07
N TYR A 298 -31.52 -13.53 -21.26
CA TYR A 298 -31.57 -14.99 -21.59
C TYR A 298 -30.21 -15.40 -22.11
N ARG A 299 -29.64 -16.49 -21.58
CA ARG A 299 -28.39 -17.10 -22.10
C ARG A 299 -28.35 -18.59 -21.73
N ASP A 300 -28.16 -19.47 -22.72
CA ASP A 300 -27.99 -20.94 -22.54
C ASP A 300 -29.34 -21.54 -22.10
N ARG A 301 -29.42 -21.97 -20.84
CA ARG A 301 -30.67 -22.52 -20.27
C ARG A 301 -31.30 -21.48 -19.34
N LEU A 302 -30.60 -20.37 -19.10
CA LEU A 302 -30.92 -19.51 -17.94
C LEU A 302 -31.60 -18.25 -18.41
N VAL A 303 -32.77 -18.01 -17.85
CA VAL A 303 -33.49 -16.71 -17.93
C VAL A 303 -33.40 -16.11 -16.53
N VAL A 304 -32.97 -14.87 -16.47
CA VAL A 304 -32.96 -14.04 -15.23
C VAL A 304 -33.88 -12.87 -15.50
N SER A 305 -34.72 -12.54 -14.52
CA SER A 305 -35.80 -11.55 -14.69
C SER A 305 -35.92 -10.72 -13.43
N GLY A 306 -36.32 -9.46 -13.60
CA GLY A 306 -36.57 -8.51 -12.50
C GLY A 306 -37.97 -7.96 -12.60
N SER A 307 -38.67 -7.89 -11.48
CA SER A 307 -40.11 -7.57 -11.47
C SER A 307 -40.44 -6.35 -10.61
N SER A 308 -41.60 -5.79 -10.88
CA SER A 308 -42.35 -4.80 -10.06
C SER A 308 -42.66 -5.39 -8.68
N ASP A 309 -42.45 -6.68 -8.49
CA ASP A 309 -42.68 -7.38 -7.20
C ASP A 309 -41.43 -7.24 -6.32
N ASN A 310 -40.39 -6.56 -6.81
CA ASN A 310 -39.12 -6.28 -6.08
C ASN A 310 -38.20 -7.49 -6.06
N THR A 311 -38.59 -8.61 -6.67
CA THR A 311 -37.75 -9.82 -6.75
C THR A 311 -37.02 -9.89 -8.09
N ILE A 312 -35.90 -10.62 -8.08
CA ILE A 312 -35.26 -11.22 -9.28
C ILE A 312 -35.50 -12.74 -9.21
N ARG A 313 -35.80 -13.36 -10.36
CA ARG A 313 -35.96 -14.82 -10.46
C ARG A 313 -34.97 -15.36 -11.51
N LEU A 314 -34.43 -16.53 -11.21
CA LEU A 314 -33.61 -17.34 -12.14
C LEU A 314 -34.48 -18.51 -12.59
N TRP A 315 -34.59 -18.73 -13.89
CA TRP A 315 -35.43 -19.82 -14.43
C TRP A 315 -34.57 -20.73 -15.31
N ASP A 316 -34.98 -21.99 -15.40
CA ASP A 316 -34.54 -22.91 -16.46
C ASP A 316 -35.56 -22.84 -17.59
N ILE A 317 -35.16 -22.50 -18.81
CA ILE A 317 -36.15 -22.28 -19.92
C ILE A 317 -36.72 -23.62 -20.34
N GLU A 318 -36.10 -24.76 -20.03
CA GLU A 318 -36.53 -26.05 -20.64
C GLU A 318 -37.73 -26.58 -19.85
N CYS A 319 -37.72 -26.57 -18.53
CA CYS A 319 -38.88 -27.02 -17.71
C CYS A 319 -39.65 -25.83 -17.13
N GLY A 320 -39.13 -24.60 -17.28
CA GLY A 320 -39.81 -23.36 -16.86
C GLY A 320 -39.82 -23.18 -15.35
N ALA A 321 -39.02 -23.98 -14.64
CA ALA A 321 -38.93 -23.97 -13.16
C ALA A 321 -38.10 -22.75 -12.72
N CYS A 322 -38.53 -22.11 -11.64
CA CYS A 322 -37.77 -21.05 -10.98
C CYS A 322 -36.78 -21.72 -10.06
N LEU A 323 -35.48 -21.44 -10.25
CA LEU A 323 -34.37 -22.09 -9.50
C LEU A 323 -34.05 -21.28 -8.26
N ARG A 324 -34.22 -19.97 -8.35
CA ARG A 324 -33.85 -19.04 -7.26
C ARG A 324 -34.70 -17.78 -7.35
N VAL A 325 -35.20 -17.36 -6.20
CA VAL A 325 -35.72 -15.99 -6.01
C VAL A 325 -34.66 -15.15 -5.27
N LEU A 326 -34.37 -13.96 -5.77
CA LEU A 326 -33.41 -13.04 -5.12
C LEU A 326 -34.19 -11.86 -4.55
N GLU A 327 -34.17 -11.73 -3.21
CA GLU A 327 -34.87 -10.62 -2.51
C GLU A 327 -33.83 -9.70 -1.85
N GLY A 328 -34.08 -8.40 -1.87
CA GLY A 328 -33.20 -7.39 -1.28
C GLY A 328 -33.47 -6.01 -1.81
N HIS A 329 -33.76 -5.88 -3.09
CA HIS A 329 -34.17 -4.58 -3.67
C HIS A 329 -35.41 -4.14 -2.92
N GLU A 330 -35.48 -2.89 -2.48
CA GLU A 330 -36.64 -2.36 -1.72
C GLU A 330 -37.63 -1.74 -2.71
N GLU A 331 -37.32 -1.81 -4.01
CA GLU A 331 -38.23 -1.24 -5.03
C GLU A 331 -38.21 -2.10 -6.29
N LEU A 332 -38.95 -1.67 -7.31
CA LEU A 332 -39.03 -2.35 -8.61
C LEU A 332 -37.64 -2.57 -9.20
N VAL A 333 -37.39 -3.75 -9.75
CA VAL A 333 -36.10 -4.11 -10.42
C VAL A 333 -36.22 -3.76 -11.91
N ARG A 334 -35.53 -2.69 -12.35
CA ARG A 334 -35.83 -2.03 -13.64
C ARG A 334 -34.82 -2.38 -14.71
N CYS A 335 -33.69 -2.96 -14.34
CA CYS A 335 -32.69 -3.40 -15.33
C CYS A 335 -31.83 -4.46 -14.65
N ILE A 336 -31.17 -5.28 -15.45
CA ILE A 336 -30.51 -6.51 -14.96
C ILE A 336 -29.63 -7.09 -16.08
N ARG A 337 -28.40 -7.46 -15.78
CA ARG A 337 -27.57 -8.22 -16.72
C ARG A 337 -26.84 -9.28 -15.90
N PHE A 338 -26.20 -10.23 -16.56
CA PHE A 338 -25.32 -11.24 -15.91
C PHE A 338 -24.24 -11.70 -16.89
N ASP A 339 -23.14 -12.21 -16.34
CA ASP A 339 -22.12 -13.05 -17.03
C ASP A 339 -22.01 -14.38 -16.24
N ASN A 340 -20.90 -15.10 -16.30
CA ASN A 340 -20.79 -16.40 -15.58
C ASN A 340 -20.60 -16.15 -14.08
N LYS A 341 -20.07 -14.99 -13.68
CA LYS A 341 -19.63 -14.77 -12.28
C LYS A 341 -20.77 -14.08 -11.51
N ARG A 342 -21.51 -13.19 -12.16
CA ARG A 342 -22.49 -12.41 -11.38
C ARG A 342 -23.66 -11.87 -12.21
N ILE A 343 -24.64 -11.43 -11.42
CA ILE A 343 -25.86 -10.68 -11.78
C ILE A 343 -25.64 -9.28 -11.25
N VAL A 344 -25.94 -8.28 -12.08
CA VAL A 344 -25.97 -6.87 -11.64
C VAL A 344 -27.34 -6.32 -11.97
N SER A 345 -28.07 -5.89 -10.94
CA SER A 345 -29.46 -5.36 -11.06
C SER A 345 -29.47 -3.88 -10.67
N GLY A 346 -30.36 -3.12 -11.29
CA GLY A 346 -30.67 -1.74 -10.88
C GLY A 346 -32.13 -1.64 -10.54
N ALA A 347 -32.47 -0.82 -9.56
CA ALA A 347 -33.86 -0.65 -9.11
C ALA A 347 -34.31 0.82 -9.09
N TYR A 348 -35.62 1.00 -8.95
CA TYR A 348 -36.31 2.31 -8.96
C TYR A 348 -35.82 3.20 -7.82
N ASP A 349 -35.16 2.66 -6.79
CA ASP A 349 -34.68 3.48 -5.65
C ASP A 349 -33.27 3.96 -5.95
N GLY A 350 -32.77 3.75 -7.18
CA GLY A 350 -31.47 4.23 -7.64
C GLY A 350 -30.32 3.40 -7.13
N LYS A 351 -30.62 2.24 -6.52
CA LYS A 351 -29.59 1.34 -5.94
C LYS A 351 -29.24 0.28 -6.98
N ILE A 352 -27.99 -0.15 -6.99
CA ILE A 352 -27.54 -1.25 -7.88
C ILE A 352 -26.99 -2.37 -6.99
N LYS A 353 -27.34 -3.60 -7.31
CA LYS A 353 -26.92 -4.77 -6.51
C LYS A 353 -26.10 -5.69 -7.38
N VAL A 354 -25.11 -6.34 -6.78
CA VAL A 354 -24.20 -7.31 -7.43
C VAL A 354 -24.42 -8.61 -6.68
N TRP A 355 -24.71 -9.68 -7.42
CA TRP A 355 -25.09 -10.99 -6.86
C TRP A 355 -24.11 -12.09 -7.32
N ASP A 356 -23.80 -13.01 -6.42
CA ASP A 356 -22.99 -14.21 -6.77
C ASP A 356 -23.88 -15.11 -7.60
N LEU A 357 -23.67 -15.19 -8.90
CA LEU A 357 -24.55 -15.98 -9.79
C LEU A 357 -24.44 -17.46 -9.43
N GLN A 358 -23.22 -17.97 -9.28
CA GLN A 358 -23.01 -19.42 -9.09
C GLN A 358 -23.65 -19.80 -7.76
N ALA A 359 -23.54 -18.95 -6.74
CA ALA A 359 -24.16 -19.19 -5.41
C ALA A 359 -25.69 -19.19 -5.58
N ALA A 360 -26.23 -18.28 -6.37
CA ALA A 360 -27.69 -18.16 -6.58
C ALA A 360 -28.23 -19.50 -7.10
N LEU A 361 -27.54 -20.12 -8.06
CA LEU A 361 -27.88 -21.42 -8.69
C LEU A 361 -27.62 -22.61 -7.76
N ASP A 362 -26.78 -22.49 -6.72
CA ASP A 362 -26.59 -23.58 -5.71
C ASP A 362 -27.77 -23.48 -4.75
N PRO A 363 -28.76 -24.40 -4.84
CA PRO A 363 -29.94 -24.33 -3.98
C PRO A 363 -29.64 -24.46 -2.48
N ARG A 364 -28.45 -24.95 -2.13
CA ARG A 364 -27.96 -25.09 -0.74
C ARG A 364 -27.58 -23.72 -0.18
N ALA A 365 -27.06 -22.84 -1.03
CA ALA A 365 -26.62 -21.48 -0.67
C ALA A 365 -27.76 -20.73 0.01
N PRO A 366 -27.51 -20.10 1.19
CA PRO A 366 -28.51 -19.22 1.80
C PRO A 366 -28.61 -17.91 1.01
N ALA A 367 -29.79 -17.29 1.03
CA ALA A 367 -30.04 -15.89 0.59
C ALA A 367 -28.99 -14.95 1.21
N SER A 368 -28.74 -15.12 2.50
CA SER A 368 -27.67 -14.49 3.28
C SER A 368 -26.44 -14.22 2.42
N THR A 369 -25.98 -15.18 1.63
CA THR A 369 -24.66 -15.13 0.95
C THR A 369 -24.73 -14.54 -0.48
N LEU A 370 -25.88 -14.06 -0.96
CA LEU A 370 -26.12 -13.97 -2.44
C LEU A 370 -25.84 -12.57 -2.96
N CYS A 371 -26.19 -11.56 -2.20
CA CYS A 371 -25.91 -10.13 -2.53
C CYS A 371 -24.50 -9.80 -2.07
N LEU A 372 -23.55 -9.66 -3.00
CA LEU A 372 -22.14 -9.32 -2.67
C LEU A 372 -22.04 -7.86 -2.23
N ARG A 373 -22.82 -6.98 -2.87
CA ARG A 373 -22.62 -5.53 -2.73
C ARG A 373 -23.86 -4.75 -3.15
N THR A 374 -24.10 -3.61 -2.48
CA THR A 374 -25.09 -2.59 -2.84
C THR A 374 -24.37 -1.28 -3.11
N LEU A 375 -24.59 -0.74 -4.32
CA LEU A 375 -23.91 0.44 -4.91
C LEU A 375 -24.92 1.57 -5.05
N VAL A 376 -24.72 2.65 -4.31
CA VAL A 376 -25.71 3.74 -4.16
C VAL A 376 -25.03 5.05 -4.54
N GLU A 377 -25.16 5.44 -5.81
CA GLU A 377 -24.61 6.72 -6.31
C GLU A 377 -25.65 7.42 -7.18
N HIS A 378 -26.57 6.71 -7.81
CA HIS A 378 -27.67 7.34 -8.57
C HIS A 378 -28.64 7.99 -7.58
N SER A 379 -29.28 9.09 -7.97
CA SER A 379 -30.33 9.77 -7.19
C SER A 379 -31.65 9.69 -7.95
N GLY A 380 -31.85 8.61 -8.69
CA GLY A 380 -33.10 8.39 -9.43
C GLY A 380 -33.18 6.98 -9.95
N ARG A 381 -34.32 6.59 -10.47
CA ARG A 381 -34.53 5.22 -10.99
C ARG A 381 -33.37 4.85 -11.89
N VAL A 382 -32.96 3.60 -11.85
CA VAL A 382 -31.91 3.07 -12.78
C VAL A 382 -32.60 2.40 -13.95
N PHE A 383 -32.37 2.90 -15.17
CA PHE A 383 -33.11 2.47 -16.38
C PHE A 383 -32.33 1.40 -17.13
N ARG A 384 -31.01 1.38 -16.95
CA ARG A 384 -30.16 0.51 -17.79
C ARG A 384 -28.76 0.42 -17.23
N LEU A 385 -28.16 -0.75 -17.33
CA LEU A 385 -26.71 -0.93 -17.08
C LEU A 385 -26.15 -2.00 -18.01
N GLN A 386 -24.84 -1.93 -18.18
CA GLN A 386 -24.02 -2.93 -18.88
C GLN A 386 -22.76 -3.07 -18.04
N PHE A 387 -22.21 -4.28 -17.96
CA PHE A 387 -20.98 -4.51 -17.21
C PHE A 387 -20.15 -5.58 -17.89
N ASP A 388 -18.90 -5.66 -17.47
CA ASP A 388 -17.93 -6.69 -17.90
C ASP A 388 -17.07 -7.03 -16.69
N GLU A 389 -15.95 -7.70 -16.90
CA GLU A 389 -15.09 -8.22 -15.80
CA GLU A 389 -15.14 -8.22 -15.77
C GLU A 389 -14.57 -7.05 -14.94
N PHE A 390 -14.58 -5.81 -15.46
CA PHE A 390 -13.84 -4.65 -14.88
C PHE A 390 -14.69 -3.46 -14.46
N GLN A 391 -15.92 -3.37 -14.96
CA GLN A 391 -16.70 -2.13 -14.75
C GLN A 391 -18.18 -2.38 -14.91
N ILE A 392 -18.96 -1.52 -14.28
CA ILE A 392 -20.40 -1.28 -14.57
C ILE A 392 -20.52 0.11 -15.19
N ILE A 393 -21.35 0.24 -16.21
CA ILE A 393 -21.88 1.54 -16.66
C ILE A 393 -23.40 1.48 -16.57
N SER A 394 -23.96 2.46 -15.86
CA SER A 394 -25.40 2.53 -15.49
C SER A 394 -25.94 3.89 -15.92
N SER A 395 -27.21 3.95 -16.32
CA SER A 395 -27.90 5.22 -16.64
C SER A 395 -29.21 5.31 -15.87
N SER A 396 -29.75 6.52 -15.74
CA SER A 396 -30.73 6.81 -14.67
C SER A 396 -31.63 8.01 -15.03
N HIS A 397 -32.78 8.04 -14.37
CA HIS A 397 -33.75 9.16 -14.38
C HIS A 397 -33.05 10.46 -13.90
N ASP A 398 -32.02 10.35 -13.07
CA ASP A 398 -31.28 11.50 -12.50
C ASP A 398 -30.47 12.17 -13.63
N ASP A 399 -30.57 11.68 -14.85
CA ASP A 399 -30.00 12.30 -16.07
C ASP A 399 -28.49 12.10 -16.10
N THR A 400 -27.95 11.12 -15.36
CA THR A 400 -26.50 10.83 -15.34
C THR A 400 -26.23 9.47 -15.98
N ILE A 401 -25.03 9.29 -16.53
CA ILE A 401 -24.41 7.96 -16.75
C ILE A 401 -23.29 7.84 -15.74
N LEU A 402 -23.20 6.69 -15.07
CA LEU A 402 -22.13 6.41 -14.09
C LEU A 402 -21.24 5.32 -14.65
N ILE A 403 -19.93 5.56 -14.63
CA ILE A 403 -18.93 4.48 -14.88
C ILE A 403 -18.38 4.10 -13.50
N TRP A 404 -18.60 2.85 -13.10
CA TRP A 404 -18.01 2.24 -11.89
C TRP A 404 -16.80 1.41 -12.32
N ASP A 405 -15.57 1.84 -11.98
CA ASP A 405 -14.33 1.14 -12.41
C ASP A 405 -13.74 0.36 -11.24
N PHE A 406 -13.66 -0.96 -11.36
CA PHE A 406 -13.15 -1.89 -10.30
C PHE A 406 -11.70 -2.28 -10.63
N LEU A 407 -11.15 -1.73 -11.71
CA LEU A 407 -9.75 -2.02 -12.17
C LEU A 407 -8.84 -0.88 -11.75
N ASN A 408 -9.14 0.33 -12.22
CA ASN A 408 -8.34 1.57 -12.04
C ASN A 408 -8.95 2.29 -10.85
N VAL A 409 -8.64 1.80 -9.66
CA VAL A 409 -9.24 2.26 -8.38
C VAL A 409 -8.20 3.13 -7.66
N PRO A 410 -8.59 4.20 -6.95
CA PRO A 410 -7.64 4.98 -6.14
C PRO A 410 -7.59 4.88 -4.59
N PRO B 2 -7.03 -50.57 -51.91
CA PRO B 2 -6.41 -51.89 -51.63
C PRO B 2 -5.85 -52.04 -50.20
N SER B 3 -5.03 -53.07 -50.00
CA SER B 3 -4.13 -53.24 -48.83
C SER B 3 -2.70 -52.97 -49.28
N ILE B 4 -1.81 -52.72 -48.33
CA ILE B 4 -0.39 -52.34 -48.58
C ILE B 4 0.45 -52.90 -47.43
N LYS B 5 1.67 -53.32 -47.72
CA LYS B 5 2.53 -54.03 -46.75
C LYS B 5 3.31 -53.04 -45.87
N LEU B 6 3.17 -53.13 -44.55
CA LEU B 6 4.07 -52.42 -43.58
C LEU B 6 5.01 -53.44 -42.97
N GLN B 7 6.27 -53.05 -42.82
CA GLN B 7 7.35 -53.93 -42.35
C GLN B 7 7.91 -53.36 -41.04
N SER B 8 7.59 -54.03 -39.94
CA SER B 8 8.15 -53.78 -38.61
C SER B 8 9.67 -53.85 -38.66
N SER B 9 10.30 -53.13 -37.73
CA SER B 9 11.75 -53.10 -37.45
C SER B 9 12.29 -54.53 -37.38
N ASP B 10 11.48 -55.47 -36.91
CA ASP B 10 11.88 -56.89 -36.67
C ASP B 10 11.37 -57.81 -37.79
N GLY B 11 11.19 -57.33 -39.03
CA GLY B 11 10.92 -58.19 -40.20
C GLY B 11 9.44 -58.43 -40.51
N GLU B 12 8.55 -58.50 -39.52
CA GLU B 12 7.13 -58.88 -39.71
C GLU B 12 6.40 -57.89 -40.61
N ILE B 13 5.62 -58.42 -41.56
CA ILE B 13 4.80 -57.65 -42.54
C ILE B 13 3.34 -57.61 -42.06
N PHE B 14 2.66 -56.49 -42.27
CA PHE B 14 1.21 -56.30 -41.99
C PHE B 14 0.55 -55.75 -43.25
N GLU B 15 -0.47 -56.46 -43.75
CA GLU B 15 -1.30 -55.99 -44.87
C GLU B 15 -2.43 -55.13 -44.28
N VAL B 16 -2.33 -53.82 -44.50
CA VAL B 16 -3.23 -52.76 -43.93
C VAL B 16 -3.96 -52.05 -45.06
N ASP B 17 -5.29 -51.97 -44.96
CA ASP B 17 -6.14 -51.06 -45.77
C ASP B 17 -5.38 -49.75 -45.89
N VAL B 18 -5.16 -49.32 -47.12
CA VAL B 18 -4.36 -48.11 -47.42
C VAL B 18 -5.01 -46.89 -46.76
N GLU B 19 -6.34 -46.78 -46.81
CA GLU B 19 -7.13 -45.68 -46.20
C GLU B 19 -6.71 -45.52 -44.73
N ILE B 20 -6.58 -46.62 -43.99
CA ILE B 20 -6.21 -46.60 -42.53
C ILE B 20 -4.73 -46.27 -42.39
N ALA B 21 -3.87 -46.96 -43.13
CA ALA B 21 -2.38 -46.75 -43.14
C ALA B 21 -2.02 -45.27 -43.32
N LYS B 22 -2.72 -44.54 -44.21
CA LYS B 22 -2.38 -43.15 -44.59
C LYS B 22 -2.84 -42.16 -43.51
N GLN B 23 -3.42 -42.62 -42.40
CA GLN B 23 -3.61 -41.80 -41.20
C GLN B 23 -2.22 -41.36 -40.74
N SER B 24 -1.22 -42.20 -41.03
CA SER B 24 0.23 -41.87 -40.89
C SER B 24 0.69 -41.09 -42.12
N VAL B 25 0.94 -39.80 -41.92
CA VAL B 25 1.46 -38.88 -42.96
C VAL B 25 2.80 -39.43 -43.44
N THR B 26 3.64 -39.89 -42.54
CA THR B 26 4.95 -40.47 -42.92
C THR B 26 4.67 -41.53 -43.97
N ILE B 27 3.87 -42.52 -43.63
CA ILE B 27 3.50 -43.63 -44.56
C ILE B 27 2.86 -43.07 -45.83
N LYS B 28 1.99 -42.06 -45.72
CA LYS B 28 1.37 -41.44 -46.92
C LYS B 28 2.50 -41.09 -47.88
N THR B 29 3.50 -40.34 -47.38
CA THR B 29 4.62 -39.75 -48.14
C THR B 29 5.45 -40.86 -48.77
N MET B 30 5.73 -41.91 -48.02
CA MET B 30 6.54 -43.06 -48.47
C MET B 30 5.84 -43.77 -49.61
N LEU B 31 4.52 -43.91 -49.52
CA LEU B 31 3.69 -44.57 -50.56
C LEU B 31 3.61 -43.66 -51.80
N GLU B 32 3.35 -42.38 -51.59
CA GLU B 32 2.94 -41.46 -52.67
C GLU B 32 4.19 -40.87 -53.33
N ASP B 33 5.11 -40.27 -52.56
CA ASP B 33 6.27 -39.55 -53.12
C ASP B 33 7.40 -40.55 -53.44
N LEU B 34 7.48 -41.68 -52.74
CA LEU B 34 8.67 -42.56 -52.79
C LEU B 34 8.36 -43.95 -53.37
N GLY B 35 7.09 -44.24 -53.69
CA GLY B 35 6.65 -45.52 -54.28
C GLY B 35 7.12 -46.74 -53.51
N MET B 36 7.31 -46.62 -52.19
CA MET B 36 7.77 -47.76 -51.35
C MET B 36 6.68 -48.84 -51.32
N ASP B 37 7.03 -50.09 -51.67
CA ASP B 37 6.25 -51.32 -51.43
C ASP B 37 7.22 -52.47 -51.22
N PRO B 38 7.32 -53.07 -50.01
CA PRO B 38 6.55 -52.64 -48.85
C PRO B 38 7.03 -51.30 -48.28
N VAL B 39 6.56 -50.95 -47.09
CA VAL B 39 6.98 -49.72 -46.36
C VAL B 39 7.78 -50.17 -45.15
N PRO B 40 9.11 -49.99 -45.16
CA PRO B 40 9.93 -50.33 -44.00
C PRO B 40 9.64 -49.32 -42.90
N LEU B 41 9.61 -49.82 -41.67
CA LEU B 41 9.59 -48.99 -40.43
C LEU B 41 10.72 -49.50 -39.54
N PRO B 42 11.98 -49.11 -39.81
CA PRO B 42 13.11 -49.54 -38.98
C PRO B 42 12.97 -49.03 -37.54
N ASN B 43 12.18 -47.99 -37.32
CA ASN B 43 12.01 -47.33 -36.01
C ASN B 43 10.85 -47.92 -35.20
N VAL B 44 10.03 -48.77 -35.81
CA VAL B 44 8.80 -49.28 -35.12
C VAL B 44 8.76 -50.80 -35.19
N ASN B 45 8.64 -51.48 -34.04
CA ASN B 45 8.62 -52.95 -33.94
C ASN B 45 7.18 -53.47 -34.10
N ALA B 46 7.00 -54.78 -34.19
CA ALA B 46 5.70 -55.42 -34.48
C ALA B 46 4.76 -55.06 -33.34
N ALA B 47 5.17 -55.39 -32.12
CA ALA B 47 4.40 -55.15 -30.89
C ALA B 47 3.68 -53.80 -31.03
N ILE B 48 4.44 -52.72 -31.18
CA ILE B 48 3.92 -51.32 -31.18
C ILE B 48 3.12 -51.09 -32.45
N LEU B 49 3.59 -51.59 -33.57
CA LEU B 49 2.94 -51.35 -34.88
C LEU B 49 1.51 -51.89 -34.81
N LYS B 50 1.32 -53.05 -34.19
CA LYS B 50 -0.03 -53.65 -33.97
C LYS B 50 -0.91 -52.61 -33.27
N LYS B 51 -0.41 -52.11 -32.13
CA LYS B 51 -1.10 -51.13 -31.25
C LYS B 51 -1.51 -49.93 -32.09
N VAL B 52 -0.66 -49.50 -33.00
CA VAL B 52 -0.90 -48.28 -33.81
C VAL B 52 -2.00 -48.56 -34.83
N ILE B 53 -1.88 -49.67 -35.54
CA ILE B 53 -2.88 -50.07 -36.57
C ILE B 53 -4.24 -50.11 -35.86
N GLN B 54 -4.30 -50.86 -34.75
CA GLN B 54 -5.48 -50.93 -33.87
C GLN B 54 -6.01 -49.51 -33.61
N TRP B 55 -5.15 -48.61 -33.15
CA TRP B 55 -5.58 -47.23 -32.79
C TRP B 55 -6.17 -46.55 -34.01
N CYS B 56 -5.57 -46.69 -35.20
CA CYS B 56 -6.05 -46.06 -36.47
C CYS B 56 -7.36 -46.71 -36.92
N THR B 57 -7.40 -48.05 -36.93
CA THR B 57 -8.61 -48.85 -37.22
C THR B 57 -9.76 -48.29 -36.37
N HIS B 58 -9.62 -48.30 -35.04
N HIS B 58 -9.62 -48.30 -35.04
CA HIS B 58 -10.67 -47.90 -34.07
CA HIS B 58 -10.67 -47.90 -34.07
C HIS B 58 -11.00 -46.41 -34.20
C HIS B 58 -11.00 -46.41 -34.20
N HIS B 59 -10.08 -45.60 -34.71
CA HIS B 59 -10.34 -44.20 -35.10
C HIS B 59 -10.70 -44.15 -36.57
N LYS B 60 -11.36 -45.18 -37.13
CA LYS B 60 -11.63 -45.26 -38.61
C LYS B 60 -11.77 -43.84 -39.15
N ASP B 61 -12.53 -42.99 -38.42
CA ASP B 61 -13.01 -41.62 -38.76
C ASP B 61 -12.36 -40.56 -37.83
N ASP B 62 -11.02 -40.66 -37.64
CA ASP B 62 -10.16 -40.05 -36.57
C ASP B 62 -10.95 -39.07 -35.67
N PRO B 63 -11.80 -39.55 -34.72
CA PRO B 63 -12.40 -38.67 -33.70
C PRO B 63 -11.74 -38.72 -32.32
N PRO B 64 -10.45 -38.31 -32.11
CA PRO B 64 -9.92 -38.10 -30.77
C PRO B 64 -10.24 -36.68 -30.25
N ASP B 65 -11.38 -36.52 -29.56
CA ASP B 65 -11.83 -35.21 -28.97
C ASP B 65 -10.85 -34.86 -27.84
N ASP B 66 -11.07 -35.37 -26.62
CA ASP B 66 -10.12 -35.22 -25.48
C ASP B 66 -9.37 -36.55 -25.37
N ILE B 67 -9.54 -37.27 -24.26
CA ILE B 67 -9.30 -38.73 -24.10
C ILE B 67 -10.66 -39.45 -24.08
N PRO B 68 -11.19 -39.94 -25.24
CA PRO B 68 -12.38 -40.82 -25.24
C PRO B 68 -12.18 -42.10 -24.40
N VAL B 69 -13.26 -42.79 -24.07
CA VAL B 69 -13.23 -43.94 -23.12
C VAL B 69 -12.34 -45.05 -23.71
N TRP B 70 -12.50 -45.36 -25.01
CA TRP B 70 -11.72 -46.41 -25.71
C TRP B 70 -10.22 -46.15 -25.57
N ASP B 71 -9.82 -44.91 -25.84
CA ASP B 71 -8.42 -44.45 -25.84
C ASP B 71 -7.82 -44.63 -24.44
N GLN B 72 -8.61 -44.35 -23.42
CA GLN B 72 -8.15 -44.50 -22.02
C GLN B 72 -7.75 -45.95 -21.79
N GLU B 73 -8.63 -46.90 -22.14
CA GLU B 73 -8.37 -48.33 -21.89
C GLU B 73 -7.23 -48.75 -22.81
N PHE B 74 -7.23 -48.28 -24.05
CA PHE B 74 -6.15 -48.57 -25.03
C PHE B 74 -4.80 -48.17 -24.43
N LEU B 75 -4.77 -47.07 -23.68
CA LEU B 75 -3.50 -46.46 -23.17
C LEU B 75 -3.23 -46.91 -21.75
N LYS B 76 -3.97 -47.87 -21.20
CA LYS B 76 -3.63 -48.44 -19.87
C LYS B 76 -2.50 -49.46 -20.08
N VAL B 77 -1.29 -48.98 -20.41
CA VAL B 77 -0.05 -49.77 -20.67
C VAL B 77 1.09 -49.23 -19.81
N ASP B 78 2.21 -49.95 -19.64
CA ASP B 78 3.34 -49.45 -18.81
C ASP B 78 3.89 -48.19 -19.46
N GLN B 79 4.59 -47.37 -18.68
CA GLN B 79 5.25 -46.13 -19.16
C GLN B 79 6.16 -46.48 -20.35
N GLY B 80 6.93 -47.58 -20.25
CA GLY B 80 7.79 -48.06 -21.36
C GLY B 80 7.04 -48.06 -22.69
N THR B 81 5.93 -48.81 -22.77
CA THR B 81 5.07 -48.96 -23.97
C THR B 81 4.55 -47.59 -24.40
N LEU B 82 4.06 -46.80 -23.45
CA LEU B 82 3.51 -45.45 -23.73
C LEU B 82 4.58 -44.61 -24.42
N PHE B 83 5.79 -44.61 -23.90
CA PHE B 83 6.93 -43.91 -24.55
C PHE B 83 7.11 -44.41 -25.98
N GLU B 84 7.23 -45.72 -26.16
CA GLU B 84 7.42 -46.38 -27.48
C GLU B 84 6.30 -45.94 -28.43
N LEU B 85 5.10 -45.73 -27.90
CA LEU B 85 3.94 -45.23 -28.66
C LEU B 85 4.14 -43.77 -29.04
N ILE B 86 4.68 -42.96 -28.16
CA ILE B 86 4.91 -41.52 -28.49
C ILE B 86 5.97 -41.48 -29.60
N LEU B 87 7.04 -42.25 -29.47
CA LEU B 87 8.11 -42.26 -30.49
C LEU B 87 7.52 -42.63 -31.85
N ALA B 88 6.70 -43.69 -31.87
CA ALA B 88 6.12 -44.24 -33.12
C ALA B 88 5.13 -43.26 -33.71
N ALA B 89 4.31 -42.62 -32.88
CA ALA B 89 3.30 -41.63 -33.33
C ALA B 89 4.03 -40.51 -34.07
N ASN B 90 5.12 -40.05 -33.49
CA ASN B 90 5.91 -38.94 -34.03
C ASN B 90 6.59 -39.39 -35.32
N TYR B 91 7.17 -40.59 -35.32
CA TYR B 91 7.86 -41.19 -36.49
C TYR B 91 6.88 -41.35 -37.65
N LEU B 92 5.65 -41.75 -37.37
CA LEU B 92 4.64 -41.97 -38.44
C LEU B 92 3.85 -40.70 -38.70
N ASP B 93 4.06 -39.67 -37.88
CA ASP B 93 3.30 -38.39 -38.01
C ASP B 93 1.80 -38.72 -38.00
N ILE B 94 1.32 -39.22 -36.86
CA ILE B 94 -0.12 -39.41 -36.54
C ILE B 94 -0.52 -38.44 -35.41
N LYS B 95 -0.98 -37.25 -35.78
CA LYS B 95 -1.20 -36.16 -34.79
C LYS B 95 -2.09 -36.67 -33.64
N GLY B 96 -3.24 -37.28 -33.95
CA GLY B 96 -4.23 -37.64 -32.91
C GLY B 96 -3.66 -38.59 -31.88
N LEU B 97 -2.87 -39.54 -32.33
CA LEU B 97 -2.26 -40.55 -31.45
C LEU B 97 -1.19 -39.87 -30.61
N LEU B 98 -0.39 -39.05 -31.24
CA LEU B 98 0.64 -38.29 -30.53
C LEU B 98 -0.06 -37.41 -29.48
N ASP B 99 -1.20 -36.82 -29.83
CA ASP B 99 -1.93 -35.89 -28.93
C ASP B 99 -2.45 -36.63 -27.71
N VAL B 100 -3.05 -37.81 -27.86
CA VAL B 100 -3.65 -38.57 -26.70
C VAL B 100 -2.51 -39.04 -25.81
N THR B 101 -1.47 -39.63 -26.41
CA THR B 101 -0.33 -40.19 -25.67
C THR B 101 0.30 -39.07 -24.82
N CYS B 102 0.36 -37.87 -25.37
CA CYS B 102 1.00 -36.71 -24.69
C CYS B 102 0.13 -36.28 -23.52
N LYS B 103 -1.16 -36.06 -23.78
CA LYS B 103 -2.15 -35.68 -22.74
C LYS B 103 -2.15 -36.76 -21.64
N THR B 104 -1.88 -38.03 -21.97
CA THR B 104 -1.85 -39.14 -20.99
C THR B 104 -0.69 -38.94 -20.02
N VAL B 105 0.49 -38.57 -20.51
CA VAL B 105 1.66 -38.30 -19.61
C VAL B 105 1.39 -37.03 -18.81
N ALA B 106 0.88 -35.99 -19.45
CA ALA B 106 0.47 -34.74 -18.76
C ALA B 106 -0.41 -35.11 -17.55
N ASN B 107 -1.34 -36.04 -17.74
CA ASN B 107 -2.31 -36.43 -16.70
C ASN B 107 -1.55 -37.15 -15.59
N MET B 108 -0.49 -37.86 -15.92
CA MET B 108 0.37 -38.51 -14.89
C MET B 108 1.20 -37.48 -14.12
N ILE B 109 1.30 -36.24 -14.59
CA ILE B 109 2.06 -35.16 -13.90
C ILE B 109 1.12 -34.27 -13.07
N LYS B 110 -0.07 -33.92 -13.57
CA LYS B 110 -0.95 -32.89 -12.94
C LYS B 110 -1.26 -33.28 -11.49
N GLY B 111 -1.33 -32.27 -10.63
CA GLY B 111 -1.84 -32.37 -9.24
C GLY B 111 -0.91 -33.15 -8.34
N LYS B 112 0.40 -33.11 -8.56
CA LYS B 112 1.36 -33.84 -7.72
C LYS B 112 2.48 -32.89 -7.28
N THR B 113 2.99 -33.10 -6.07
CA THR B 113 4.21 -32.46 -5.55
C THR B 113 5.42 -32.95 -6.37
N PRO B 114 6.48 -32.12 -6.50
CA PRO B 114 7.66 -32.53 -7.24
C PRO B 114 8.13 -33.93 -6.82
N GLU B 115 8.23 -34.15 -5.51
CA GLU B 115 8.64 -35.47 -4.93
C GLU B 115 7.73 -36.57 -5.49
N GLU B 116 6.40 -36.37 -5.49
CA GLU B 116 5.42 -37.38 -5.96
C GLU B 116 5.71 -37.70 -7.42
N ILE B 117 5.95 -36.67 -8.22
CA ILE B 117 6.28 -36.80 -9.67
C ILE B 117 7.57 -37.62 -9.83
N ARG B 118 8.62 -37.29 -9.05
CA ARG B 118 9.93 -37.98 -9.14
C ARG B 118 9.71 -39.48 -8.95
N LYS B 119 8.87 -39.87 -7.98
CA LYS B 119 8.66 -41.29 -7.62
C LYS B 119 7.92 -41.98 -8.78
N THR B 120 7.01 -41.27 -9.45
CA THR B 120 6.25 -41.77 -10.61
C THR B 120 7.19 -42.21 -11.74
N PHE B 121 8.21 -41.40 -12.06
CA PHE B 121 9.03 -41.58 -13.28
C PHE B 121 10.47 -42.01 -12.96
N ASN B 122 10.80 -42.14 -11.66
CA ASN B 122 12.14 -42.57 -11.18
C ASN B 122 13.16 -41.51 -11.60
N ILE B 123 13.04 -40.32 -11.00
CA ILE B 123 13.91 -39.15 -11.28
C ILE B 123 14.60 -38.78 -9.98
N LYS B 124 15.89 -38.45 -10.06
CA LYS B 124 16.71 -38.02 -8.90
C LYS B 124 16.65 -36.50 -8.86
N ASN B 125 16.39 -35.92 -7.68
CA ASN B 125 16.46 -34.47 -7.45
C ASN B 125 17.91 -34.03 -7.64
N ASP B 126 18.23 -33.32 -8.73
CA ASP B 126 19.61 -32.86 -9.01
C ASP B 126 19.70 -31.36 -8.70
N PHE B 127 18.91 -30.84 -7.75
CA PHE B 127 18.97 -29.43 -7.33
C PHE B 127 19.78 -29.34 -6.06
N THR B 128 20.64 -28.33 -5.94
CA THR B 128 21.30 -27.97 -4.66
C THR B 128 20.16 -27.66 -3.69
N GLU B 129 20.37 -27.77 -2.38
CA GLU B 129 19.32 -27.38 -1.40
C GLU B 129 19.08 -25.86 -1.54
N GLU B 130 20.12 -25.11 -1.95
CA GLU B 130 20.09 -23.65 -2.21
C GLU B 130 19.15 -23.40 -3.38
N GLU B 131 19.53 -23.84 -4.58
CA GLU B 131 18.75 -23.68 -5.84
C GLU B 131 17.28 -24.02 -5.64
N GLU B 132 17.02 -25.02 -4.81
CA GLU B 132 15.66 -25.57 -4.58
C GLU B 132 14.83 -24.60 -3.73
N ALA B 133 15.35 -24.20 -2.57
CA ALA B 133 14.75 -23.17 -1.69
C ALA B 133 14.35 -21.94 -2.52
N GLN B 134 15.20 -21.54 -3.46
CA GLN B 134 15.06 -20.33 -4.32
C GLN B 134 13.78 -20.50 -5.16
N VAL B 135 13.61 -21.66 -5.78
CA VAL B 135 12.46 -21.94 -6.70
C VAL B 135 11.20 -22.09 -5.84
N ARG B 136 11.28 -22.85 -4.74
CA ARG B 136 10.16 -23.09 -3.79
C ARG B 136 9.52 -21.75 -3.42
N LYS B 137 10.36 -20.79 -2.99
CA LYS B 137 9.99 -19.38 -2.65
C LYS B 137 9.31 -18.74 -3.87
N GLU B 138 9.96 -18.78 -5.03
CA GLU B 138 9.51 -18.13 -6.29
C GLU B 138 8.11 -18.61 -6.69
N ASN B 139 7.75 -19.86 -6.35
CA ASN B 139 6.56 -20.60 -6.85
C ASN B 139 5.47 -20.70 -5.77
N GLN B 140 5.73 -20.23 -4.54
CA GLN B 140 4.86 -20.50 -3.36
C GLN B 140 3.51 -19.81 -3.57
N TRP B 141 3.42 -18.85 -4.50
CA TRP B 141 2.17 -18.12 -4.79
C TRP B 141 1.04 -19.09 -5.20
N CYS B 142 1.31 -20.25 -5.78
CA CYS B 142 0.24 -21.16 -6.25
C CYS B 142 -0.21 -22.15 -5.14
N GLU B 143 0.24 -21.99 -3.88
CA GLU B 143 -0.30 -22.68 -2.66
C GLU B 143 -0.68 -21.63 -1.60
N LEU C 1 -44.30 9.45 -16.23
CA LEU C 1 -42.85 9.08 -15.91
C LEU C 1 -42.60 7.57 -16.12
N ASP C 2 -41.36 7.17 -16.38
CA ASP C 2 -40.98 5.84 -16.96
C ASP C 2 -41.84 5.39 -18.15
N GLY C 4 -40.53 3.56 -20.34
CA GLY C 4 -39.82 2.41 -20.87
C GLY C 4 -40.53 1.13 -20.52
N ILE C 5 -41.41 1.13 -19.52
CA ILE C 5 -42.14 -0.11 -19.10
C ILE C 5 -43.57 0.25 -18.69
N HIS C 6 -44.41 -0.78 -18.79
CA HIS C 6 -45.82 -0.75 -18.37
C HIS C 6 -46.16 -2.04 -17.63
N GLY C 8 -49.75 -4.27 -16.10
CA GLY C 8 -51.14 -4.39 -16.51
C GLY C 8 -52.12 -4.07 -15.41
N ALA C 9 -51.65 -3.92 -14.16
CA ALA C 9 -52.38 -4.15 -12.87
C ALA C 9 -53.77 -4.71 -13.11
N LEU D 2 2.95 70.17 -3.88
CA LEU D 2 2.59 69.47 -2.62
C LEU D 2 2.84 67.97 -2.81
N GLN D 3 3.24 67.28 -1.72
CA GLN D 3 3.47 65.81 -1.68
C GLN D 3 2.65 65.20 -0.52
N ARG D 4 2.99 63.97 -0.07
CA ARG D 4 2.20 63.14 0.88
C ARG D 4 3.09 62.13 1.62
N ASP D 5 2.73 61.79 2.86
CA ASP D 5 3.48 60.84 3.72
C ASP D 5 3.12 59.40 3.34
N PHE D 6 1.86 59.11 3.03
CA PHE D 6 1.36 57.75 2.66
C PHE D 6 1.11 56.89 3.91
N ILE D 7 2.15 56.49 4.66
CA ILE D 7 2.02 55.51 5.78
C ILE D 7 1.30 56.16 6.96
N THR D 8 1.35 57.49 7.07
CA THR D 8 0.59 58.26 8.07
C THR D 8 -0.78 58.63 7.50
N ALA D 9 -0.81 59.06 6.24
CA ALA D 9 -2.00 59.67 5.60
C ALA D 9 -3.11 58.63 5.50
N LEU D 10 -2.77 57.37 5.26
CA LEU D 10 -3.78 56.32 5.03
C LEU D 10 -4.48 55.97 6.33
N PRO D 11 -3.76 55.67 7.43
CA PRO D 11 -4.41 55.49 8.74
C PRO D 11 -5.31 56.67 9.14
N GLU D 12 -4.91 57.90 8.79
CA GLU D 12 -5.69 59.12 9.09
C GLU D 12 -7.01 59.10 8.32
N GLN D 13 -7.01 58.38 7.21
CA GLN D 13 -8.17 58.16 6.32
C GLN D 13 -8.96 56.92 6.77
N GLY D 14 -8.54 56.28 7.87
CA GLY D 14 -9.13 55.01 8.33
C GLY D 14 -8.69 53.82 7.49
N LEU D 15 -7.63 53.98 6.69
CA LEU D 15 -7.21 52.98 5.68
C LEU D 15 -5.89 52.36 6.11
N ASP D 16 -5.78 52.04 7.40
CA ASP D 16 -4.63 51.34 8.01
C ASP D 16 -4.21 50.16 7.12
N HIS D 17 -5.15 49.28 6.78
CA HIS D 17 -4.86 47.99 6.11
C HIS D 17 -4.08 48.23 4.81
N ILE D 18 -4.40 49.32 4.09
CA ILE D 18 -3.75 49.68 2.80
C ILE D 18 -2.26 49.92 3.06
N ALA D 19 -1.96 50.82 4.00
CA ALA D 19 -0.59 51.17 4.42
C ALA D 19 0.15 49.89 4.79
N GLU D 20 -0.52 48.97 5.49
CA GLU D 20 0.05 47.66 5.88
C GLU D 20 0.44 46.89 4.62
N ASN D 21 -0.46 46.78 3.63
CA ASN D 21 -0.21 46.10 2.34
C ASN D 21 1.04 46.70 1.70
N ILE D 22 1.11 48.03 1.66
CA ILE D 22 2.31 48.70 1.09
C ILE D 22 3.55 48.15 1.80
N LEU D 23 3.58 48.21 3.12
CA LEU D 23 4.79 47.81 3.91
C LEU D 23 5.05 46.31 3.75
N SER D 24 4.01 45.52 3.48
CA SER D 24 4.08 44.04 3.34
C SER D 24 5.00 43.64 2.18
N TYR D 25 5.31 44.57 1.27
CA TYR D 25 6.15 44.34 0.06
C TYR D 25 7.63 44.48 0.39
N LEU D 26 7.97 45.10 1.53
CA LEU D 26 9.38 45.37 1.94
C LEU D 26 10.06 44.07 2.38
N ASP D 27 11.35 43.94 2.09
CA ASP D 27 12.27 42.92 2.64
C ASP D 27 12.58 43.29 4.09
N ALA D 28 12.97 42.32 4.90
CA ALA D 28 13.29 42.50 6.33
C ALA D 28 14.10 43.80 6.55
N ARG D 29 15.21 43.97 5.83
CA ARG D 29 16.17 45.08 6.08
C ARG D 29 15.46 46.44 5.94
N SER D 30 14.63 46.59 4.91
CA SER D 30 13.87 47.83 4.62
C SER D 30 12.76 48.04 5.66
N LEU D 31 12.07 46.96 6.07
CA LEU D 31 11.04 46.99 7.15
C LEU D 31 11.66 47.58 8.43
N CYS D 32 12.88 47.18 8.77
CA CYS D 32 13.62 47.69 9.95
C CYS D 32 13.86 49.19 9.81
N ALA D 33 14.23 49.64 8.61
CA ALA D 33 14.46 51.06 8.27
C ALA D 33 13.14 51.83 8.48
N ALA D 34 12.05 51.27 7.96
CA ALA D 34 10.70 51.88 8.04
C ALA D 34 10.34 52.12 9.52
N GLU D 35 10.64 51.18 10.42
CA GLU D 35 10.35 51.33 11.87
C GLU D 35 10.93 52.66 12.36
N LEU D 36 12.11 53.04 11.86
CA LEU D 36 12.94 54.15 12.42
C LEU D 36 12.57 55.49 11.76
N VAL D 37 11.69 55.49 10.76
CA VAL D 37 11.32 56.71 10.00
C VAL D 37 10.58 57.69 10.92
N CYS D 38 9.67 57.21 11.77
CA CYS D 38 9.00 58.02 12.82
C CYS D 38 8.05 57.13 13.61
N LYS D 39 7.53 57.64 14.73
CA LYS D 39 6.76 56.84 15.73
C LYS D 39 5.52 56.26 15.03
N GLU D 40 4.90 57.01 14.13
CA GLU D 40 3.64 56.59 13.46
C GLU D 40 3.91 55.37 12.57
N TRP D 41 5.00 55.37 11.82
CA TRP D 41 5.44 54.21 11.00
C TRP D 41 5.69 53.02 11.91
N GLN D 42 6.47 53.20 12.97
CA GLN D 42 6.72 52.13 13.98
C GLN D 42 5.36 51.61 14.46
N ARG D 43 4.42 52.51 14.80
CA ARG D 43 3.10 52.14 15.36
C ARG D 43 2.37 51.24 14.37
N VAL D 44 2.35 51.64 13.09
CA VAL D 44 1.62 50.92 12.00
C VAL D 44 2.23 49.53 11.83
N ILE D 45 3.55 49.45 11.71
CA ILE D 45 4.29 48.16 11.57
C ILE D 45 3.94 47.27 12.75
N SER D 46 4.00 47.84 13.96
CA SER D 46 3.77 47.09 15.22
C SER D 46 2.33 46.54 15.23
N GLU D 47 1.33 47.41 15.10
CA GLU D 47 -0.09 47.03 15.30
C GLU D 47 -0.61 46.30 14.06
N GLY D 48 -0.10 46.63 12.87
CA GLY D 48 -0.44 45.97 11.59
C GLY D 48 0.09 44.54 11.53
N MET D 49 0.92 44.12 12.48
CA MET D 49 1.37 42.72 12.62
C MET D 49 2.21 42.37 11.37
N LEU D 50 3.11 43.28 10.99
CA LEU D 50 3.79 43.27 9.67
C LEU D 50 4.83 42.15 9.59
N TRP D 51 5.42 41.73 10.72
CA TRP D 51 6.41 40.61 10.74
C TRP D 51 5.68 39.29 10.45
N LYS D 52 4.57 39.02 11.15
CA LYS D 52 3.70 37.87 10.83
C LYS D 52 3.36 37.93 9.34
N LYS D 53 2.93 39.10 8.86
CA LYS D 53 2.47 39.29 7.45
C LYS D 53 3.62 38.96 6.48
N LEU D 54 4.83 39.37 6.82
CA LEU D 54 6.00 39.17 5.93
C LEU D 54 6.27 37.67 5.87
N ILE D 55 6.38 37.05 7.04
CA ILE D 55 6.63 35.59 7.17
C ILE D 55 5.57 34.85 6.36
N GLU D 56 4.30 35.25 6.42
CA GLU D 56 3.25 34.62 5.59
C GLU D 56 3.61 34.81 4.13
N ARG D 57 4.01 36.01 3.71
CA ARG D 57 4.35 36.29 2.29
C ARG D 57 5.58 35.47 1.90
N MET D 58 6.52 35.27 2.81
CA MET D 58 7.72 34.40 2.56
C MET D 58 7.22 32.98 2.33
N VAL D 59 6.31 32.49 3.15
CA VAL D 59 5.82 31.09 3.07
C VAL D 59 5.09 30.92 1.75
N ARG D 60 4.28 31.91 1.35
CA ARG D 60 3.42 31.80 0.14
C ARG D 60 4.32 31.84 -1.10
N THR D 61 5.51 32.41 -1.03
CA THR D 61 6.39 32.59 -2.22
C THR D 61 7.54 31.57 -2.18
N ASP D 62 8.32 31.52 -1.10
CA ASP D 62 9.53 30.65 -0.99
C ASP D 62 9.15 29.31 -0.38
N PRO D 63 9.27 28.20 -1.14
CA PRO D 63 8.98 26.87 -0.61
C PRO D 63 9.90 26.46 0.56
N LEU D 64 11.09 27.05 0.61
CA LEU D 64 12.03 26.96 1.76
C LEU D 64 11.29 27.36 3.03
N TRP D 65 10.68 28.55 3.01
CA TRP D 65 9.97 29.13 4.18
C TRP D 65 8.78 28.24 4.51
N LYS D 66 8.04 27.85 3.46
CA LYS D 66 6.94 26.86 3.56
C LYS D 66 7.45 25.61 4.29
N GLY D 67 8.51 24.99 3.77
CA GLY D 67 9.10 23.77 4.33
C GLY D 67 9.36 23.93 5.81
N LEU D 68 10.27 24.83 6.15
CA LEU D 68 10.66 25.12 7.54
C LEU D 68 9.43 25.37 8.43
N SER D 69 8.42 26.09 7.92
CA SER D 69 7.21 26.45 8.70
C SER D 69 6.57 25.15 9.22
N GLU D 70 6.58 24.12 8.37
CA GLU D 70 5.97 22.79 8.66
C GLU D 70 6.90 21.99 9.57
N ARG D 71 8.14 21.77 9.15
CA ARG D 71 9.05 20.85 9.88
C ARG D 71 9.31 21.40 11.29
N ARG D 72 9.36 22.72 11.45
CA ARG D 72 9.57 23.37 12.77
C ARG D 72 8.24 23.55 13.50
N GLY D 73 7.15 23.60 12.73
CA GLY D 73 5.78 23.75 13.26
C GLY D 73 5.54 25.15 13.82
N TRP D 74 6.11 26.19 13.21
CA TRP D 74 5.69 27.59 13.50
C TRP D 74 4.64 28.02 12.46
N ASP D 75 4.35 27.15 11.48
CA ASP D 75 3.19 27.32 10.55
C ASP D 75 1.90 27.45 11.36
N GLN D 76 1.82 26.84 12.54
CA GLN D 76 0.56 26.79 13.31
C GLN D 76 0.26 28.17 13.90
N TYR D 77 1.22 29.10 13.84
CA TYR D 77 1.10 30.50 14.39
C TYR D 77 0.94 31.49 13.25
N LEU D 78 0.70 31.01 12.03
CA LEU D 78 0.48 31.83 10.82
C LEU D 78 -0.97 31.67 10.33
N PHE D 79 -1.43 32.65 9.54
CA PHE D 79 -2.77 32.68 8.91
C PHE D 79 -3.79 32.68 10.04
N LYS D 80 -4.26 31.51 10.49
CA LYS D 80 -5.09 31.36 11.73
C LYS D 80 -4.37 31.99 12.93
N PRO D 87 -0.21 35.77 20.79
CA PRO D 87 0.61 35.78 19.56
C PRO D 87 1.11 37.18 19.16
N PRO D 88 1.82 37.93 20.03
CA PRO D 88 2.01 39.36 19.83
C PRO D 88 3.04 39.65 18.71
N ASN D 89 3.10 40.90 18.20
CA ASN D 89 4.03 41.25 17.08
C ASN D 89 5.47 40.96 17.54
N SER D 90 5.82 41.45 18.74
CA SER D 90 7.13 41.26 19.43
C SER D 90 7.71 39.88 19.12
N PHE D 91 6.86 38.84 19.11
CA PHE D 91 7.26 37.41 18.95
C PHE D 91 7.78 37.13 17.53
N TYR D 92 7.04 37.60 16.52
CA TYR D 92 7.35 37.43 15.07
C TYR D 92 8.61 38.21 14.73
N ARG D 93 8.84 39.34 15.37
CA ARG D 93 10.10 40.11 15.26
C ARG D 93 11.27 39.21 15.71
N SER D 94 11.11 38.48 16.83
CA SER D 94 12.17 37.64 17.46
C SER D 94 12.44 36.40 16.61
N LEU D 95 11.39 35.93 15.92
CA LEU D 95 11.38 34.65 15.18
C LEU D 95 12.22 34.78 13.90
N TYR D 96 12.01 35.85 13.14
CA TYR D 96 12.62 36.02 11.80
C TYR D 96 14.10 35.65 11.84
N PRO D 97 14.95 36.26 12.70
CA PRO D 97 16.36 35.91 12.72
C PRO D 97 16.66 34.44 13.11
N LYS D 98 15.76 33.81 13.89
CA LYS D 98 15.88 32.38 14.28
C LYS D 98 15.63 31.48 13.08
N ILE D 99 14.73 31.91 12.19
CA ILE D 99 14.48 31.21 10.90
C ILE D 99 15.73 31.37 10.04
N ILE D 100 16.29 32.56 9.97
CA ILE D 100 17.50 32.82 9.13
C ILE D 100 18.65 31.94 9.64
N GLN D 101 18.85 31.90 10.96
CA GLN D 101 19.86 31.01 11.59
C GLN D 101 19.57 29.56 11.15
N ASP D 102 18.35 29.10 11.36
CA ASP D 102 17.89 27.77 10.86
C ASP D 102 18.41 27.58 9.44
N ILE D 103 18.02 28.48 8.55
CA ILE D 103 18.36 28.41 7.09
C ILE D 103 19.88 28.28 6.93
N GLU D 104 20.68 29.08 7.62
CA GLU D 104 22.15 29.06 7.40
C GLU D 104 22.77 27.76 7.90
N THR D 105 22.21 27.10 8.92
CA THR D 105 22.73 25.78 9.38
C THR D 105 22.46 24.72 8.29
N ILE D 106 21.34 24.85 7.59
CA ILE D 106 21.04 24.00 6.41
C ILE D 106 22.13 24.23 5.36
N GLU D 107 22.38 25.47 4.96
CA GLU D 107 23.44 25.83 3.98
C GLU D 107 24.78 25.22 4.40
N SER D 108 25.09 25.27 5.70
CA SER D 108 26.34 24.71 6.26
C SER D 108 26.38 23.21 5.97
N ASN D 109 25.23 22.54 6.11
CA ASN D 109 25.08 21.08 5.87
C ASN D 109 25.43 20.75 4.40
N TRP D 110 24.91 21.56 3.47
CA TRP D 110 25.22 21.43 2.03
C TRP D 110 26.73 21.62 1.81
N ARG D 111 27.30 22.67 2.41
CA ARG D 111 28.72 23.08 2.24
C ARG D 111 29.65 21.98 2.74
N CYS D 112 29.34 21.41 3.91
CA CYS D 112 30.15 20.36 4.60
C CYS D 112 29.71 18.96 4.15
N GLY D 113 28.61 18.88 3.40
CA GLY D 113 28.08 17.62 2.86
C GLY D 113 27.73 16.63 3.93
N ARG D 114 27.22 17.12 5.07
CA ARG D 114 26.56 16.25 6.08
C ARG D 114 25.08 16.11 5.67
N HIS D 115 24.61 14.87 5.60
CA HIS D 115 23.27 14.51 5.09
C HIS D 115 22.84 13.14 5.65
N ASN D 116 21.53 12.92 5.76
CA ASN D 116 20.91 11.58 5.99
C ASN D 116 20.66 10.97 4.61
N LEU D 117 21.12 9.75 4.39
CA LEU D 117 20.90 9.06 3.09
C LEU D 117 19.85 7.96 3.29
N GLN D 118 18.84 7.88 2.41
CA GLN D 118 17.99 6.68 2.25
C GLN D 118 18.12 6.14 0.82
N ARG D 119 18.21 4.82 0.70
CA ARG D 119 18.44 4.10 -0.57
C ARG D 119 17.20 3.27 -0.85
N ILE D 120 16.54 3.51 -1.96
CA ILE D 120 15.48 2.60 -2.49
C ILE D 120 16.13 1.65 -3.49
N GLN D 121 16.12 0.35 -3.21
CA GLN D 121 16.40 -0.65 -4.26
C GLN D 121 15.07 -0.83 -5.00
N CYS D 122 15.03 -0.50 -6.29
CA CYS D 122 13.83 -0.68 -7.15
C CYS D 122 13.68 -2.14 -7.59
N ARG D 123 14.57 -3.03 -7.14
CA ARG D 123 14.47 -4.50 -7.37
C ARG D 123 13.92 -4.74 -8.79
N SER D 124 14.58 -4.22 -9.84
CA SER D 124 14.10 -4.35 -11.24
C SER D 124 14.41 -5.78 -11.70
N GLU D 125 13.62 -6.27 -12.66
CA GLU D 125 13.56 -7.70 -13.10
C GLU D 125 14.82 -8.03 -13.94
N ASN D 126 14.73 -7.85 -15.25
CA ASN D 126 15.78 -8.17 -16.23
C ASN D 126 16.66 -6.93 -16.40
N SER D 127 16.27 -6.05 -17.32
CA SER D 127 16.86 -4.71 -17.47
C SER D 127 16.93 -4.05 -16.08
N LYS D 128 18.08 -3.46 -15.70
CA LYS D 128 18.26 -2.70 -14.44
C LYS D 128 18.52 -1.21 -14.76
N GLY D 129 17.96 -0.29 -13.95
CA GLY D 129 18.29 1.14 -13.96
C GLY D 129 17.07 2.02 -13.90
N VAL D 130 17.24 3.29 -13.48
CA VAL D 130 16.14 4.28 -13.32
C VAL D 130 16.48 5.57 -14.07
N TYR D 131 15.86 5.76 -15.22
CA TYR D 131 16.28 6.77 -16.21
C TYR D 131 15.79 8.17 -15.82
N CYS D 132 14.68 8.27 -15.11
CA CYS D 132 14.00 9.56 -14.78
C CYS D 132 13.24 9.48 -13.45
N LEU D 133 12.91 10.64 -12.90
CA LEU D 133 12.11 10.73 -11.65
C LEU D 133 11.56 12.16 -11.49
N GLN D 134 10.54 12.27 -10.65
CA GLN D 134 10.03 13.55 -10.10
C GLN D 134 9.43 13.26 -8.72
N TYR D 135 9.49 14.21 -7.80
CA TYR D 135 8.93 14.02 -6.42
C TYR D 135 8.16 15.25 -5.96
N ASP D 136 7.45 15.07 -4.84
CA ASP D 136 6.76 16.10 -4.03
C ASP D 136 6.77 15.68 -2.57
N ASP D 137 6.09 16.43 -1.70
CA ASP D 137 5.93 16.12 -0.26
C ASP D 137 5.47 14.67 -0.08
N GLU D 138 4.63 14.14 -0.98
CA GLU D 138 3.87 12.87 -0.76
C GLU D 138 4.44 11.68 -1.55
N LYS D 139 5.03 11.87 -2.72
CA LYS D 139 5.47 10.70 -3.50
C LYS D 139 6.67 11.04 -4.37
N ILE D 140 7.34 9.96 -4.81
CA ILE D 140 8.37 9.93 -5.89
C ILE D 140 7.84 9.04 -7.00
N ILE D 141 7.76 9.58 -8.21
CA ILE D 141 7.43 8.79 -9.43
C ILE D 141 8.71 8.63 -10.24
N SER D 142 8.92 7.45 -10.81
CA SER D 142 10.19 7.03 -11.44
C SER D 142 9.90 6.23 -12.71
N GLY D 143 10.76 6.37 -13.73
CA GLY D 143 10.74 5.57 -14.97
C GLY D 143 11.96 4.67 -15.06
N LEU D 144 11.74 3.41 -15.45
CA LEU D 144 12.77 2.35 -15.30
C LEU D 144 13.04 1.69 -16.64
N ARG D 145 14.19 1.03 -16.72
CA ARG D 145 14.69 0.38 -17.95
C ARG D 145 13.82 -0.84 -18.28
N ASP D 146 13.18 -1.43 -17.27
CA ASP D 146 12.27 -2.58 -17.41
C ASP D 146 10.91 -2.11 -17.95
N ASN D 147 10.81 -0.87 -18.44
CA ASN D 147 9.61 -0.38 -19.18
C ASN D 147 8.48 0.04 -18.23
N SER D 148 8.68 -0.09 -16.91
CA SER D 148 7.63 0.20 -15.90
C SER D 148 7.82 1.61 -15.35
N ILE D 149 6.73 2.20 -14.85
CA ILE D 149 6.75 3.38 -13.95
C ILE D 149 6.50 2.88 -12.54
N LYS D 150 7.28 3.29 -11.56
CA LYS D 150 7.07 2.90 -10.15
C LYS D 150 6.84 4.16 -9.32
N ILE D 151 5.83 4.13 -8.45
CA ILE D 151 5.48 5.25 -7.53
C ILE D 151 5.82 4.79 -6.12
N TRP D 152 6.61 5.61 -5.42
CA TRP D 152 7.12 5.33 -4.06
C TRP D 152 6.46 6.29 -3.07
N ASP D 153 6.08 5.77 -1.90
CA ASP D 153 5.68 6.63 -0.76
C ASP D 153 6.93 7.42 -0.34
N LYS D 154 6.77 8.74 -0.26
CA LYS D 154 7.87 9.70 0.02
C LYS D 154 8.44 9.42 1.40
N THR D 155 7.59 9.05 2.36
CA THR D 155 7.99 8.88 3.79
C THR D 155 8.43 7.43 4.00
N SER D 156 7.61 6.43 3.70
CA SER D 156 7.85 5.00 4.01
C SER D 156 8.78 4.33 2.99
N LEU D 157 8.91 4.93 1.80
CA LEU D 157 9.70 4.42 0.63
C LEU D 157 9.10 3.12 0.07
N GLU D 158 7.88 2.75 0.46
CA GLU D 158 7.17 1.57 -0.10
C GLU D 158 6.74 1.90 -1.54
N CYS D 159 6.60 0.87 -2.36
CA CYS D 159 6.10 0.96 -3.76
C CYS D 159 4.58 0.87 -3.74
N LEU D 160 3.87 1.90 -4.18
CA LEU D 160 2.40 2.00 -4.09
C LEU D 160 1.75 1.47 -5.37
N LYS D 161 2.31 1.79 -6.53
CA LYS D 161 1.80 1.36 -7.86
C LYS D 161 2.98 0.99 -8.75
N VAL D 162 2.67 0.20 -9.78
CA VAL D 162 3.60 -0.12 -10.89
C VAL D 162 2.84 0.00 -12.21
N LEU D 163 3.01 1.09 -12.95
CA LEU D 163 2.30 1.32 -14.22
C LEU D 163 3.06 0.63 -15.36
N THR D 164 2.37 -0.20 -16.14
CA THR D 164 2.95 -0.91 -17.31
C THR D 164 2.13 -0.59 -18.55
N GLY D 165 2.78 -0.62 -19.71
CA GLY D 165 2.19 -0.16 -20.99
C GLY D 165 3.28 0.04 -22.03
N HIS D 166 4.32 0.79 -21.69
CA HIS D 166 5.42 1.06 -22.65
C HIS D 166 6.04 -0.29 -22.98
N THR D 167 6.47 -0.46 -24.24
CA THR D 167 7.14 -1.69 -24.76
C THR D 167 8.66 -1.43 -24.76
N GLY D 168 9.09 -0.31 -24.16
CA GLY D 168 10.51 0.03 -24.02
C GLY D 168 10.74 0.85 -22.77
N SER D 169 12.00 0.99 -22.36
CA SER D 169 12.45 1.84 -21.22
C SER D 169 11.68 3.17 -21.19
N VAL D 170 11.32 3.61 -19.98
CA VAL D 170 10.72 4.94 -19.73
C VAL D 170 11.87 5.90 -19.46
N LEU D 171 12.09 6.84 -20.37
CA LEU D 171 13.34 7.64 -20.46
C LEU D 171 13.14 9.00 -19.79
N CYS D 172 11.94 9.54 -19.90
CA CYS D 172 11.60 10.85 -19.35
C CYS D 172 10.20 10.76 -18.79
N LEU D 173 9.88 11.57 -17.78
CA LEU D 173 8.50 11.72 -17.29
C LEU D 173 8.36 13.09 -16.66
N GLN D 174 7.13 13.56 -16.56
CA GLN D 174 6.74 14.75 -15.77
C GLN D 174 5.31 14.49 -15.33
N TYR D 175 4.92 14.95 -14.14
CA TYR D 175 3.53 14.80 -13.66
C TYR D 175 3.05 16.11 -13.05
N ASP D 176 1.73 16.26 -12.94
CA ASP D 176 1.08 17.34 -12.16
C ASP D 176 -0.07 16.76 -11.36
N GLU D 177 -0.96 17.61 -10.87
CA GLU D 177 -2.11 17.19 -10.03
C GLU D 177 -3.00 16.22 -10.83
N ARG D 178 -3.03 16.30 -12.17
CA ARG D 178 -4.01 15.54 -13.01
C ARG D 178 -3.32 14.33 -13.69
N VAL D 179 -2.09 14.43 -14.23
CA VAL D 179 -1.52 13.38 -15.14
C VAL D 179 -0.01 13.16 -14.92
N ILE D 180 0.43 11.98 -15.37
CA ILE D 180 1.85 11.61 -15.64
C ILE D 180 2.00 11.54 -17.15
N VAL D 181 3.11 12.05 -17.68
CA VAL D 181 3.42 11.99 -19.13
C VAL D 181 4.82 11.39 -19.28
N THR D 182 4.99 10.42 -20.17
CA THR D 182 6.24 9.64 -20.30
C THR D 182 6.59 9.46 -21.78
N GLY D 183 7.89 9.50 -22.08
CA GLY D 183 8.47 9.09 -23.37
C GLY D 183 9.29 7.84 -23.18
N SER D 184 9.25 6.94 -24.15
CA SER D 184 9.92 5.62 -24.03
C SER D 184 10.87 5.41 -25.21
N SER D 185 11.82 4.49 -25.04
CA SER D 185 12.55 3.83 -26.16
C SER D 185 11.55 3.33 -27.22
N ASP D 186 10.32 3.00 -26.85
CA ASP D 186 9.32 2.47 -27.82
C ASP D 186 8.80 3.57 -28.75
N SER D 187 9.22 4.83 -28.59
CA SER D 187 8.95 5.98 -29.50
C SER D 187 7.63 6.68 -29.18
N THR D 188 6.88 6.17 -28.20
CA THR D 188 5.54 6.68 -27.84
C THR D 188 5.68 7.63 -26.68
N VAL D 189 4.74 8.57 -26.59
CA VAL D 189 4.46 9.32 -25.34
C VAL D 189 3.14 8.80 -24.79
N ARG D 190 3.08 8.58 -23.49
CA ARG D 190 1.86 8.10 -22.81
C ARG D 190 1.48 9.08 -21.72
N VAL D 191 0.20 9.43 -21.69
CA VAL D 191 -0.46 10.21 -20.62
C VAL D 191 -1.16 9.23 -19.70
N TRP D 192 -0.82 9.25 -18.41
CA TRP D 192 -1.47 8.39 -17.40
C TRP D 192 -2.27 9.26 -16.43
N ASP D 193 -3.36 8.71 -15.89
CA ASP D 193 -4.09 9.33 -14.76
C ASP D 193 -3.18 9.20 -13.54
N VAL D 194 -2.81 10.33 -12.94
CA VAL D 194 -1.80 10.33 -11.84
C VAL D 194 -2.34 9.56 -10.63
N ASN D 195 -3.65 9.31 -10.57
CA ASN D 195 -4.31 8.62 -9.42
C ASN D 195 -4.64 7.16 -9.76
N THR D 196 -5.53 6.91 -10.73
CA THR D 196 -5.97 5.54 -11.16
C THR D 196 -4.81 4.79 -11.82
N GLY D 197 -3.85 5.50 -12.38
CA GLY D 197 -2.72 4.90 -13.11
C GLY D 197 -3.14 4.38 -14.47
N GLU D 198 -4.35 4.70 -14.92
CA GLU D 198 -4.83 4.25 -16.26
C GLU D 198 -4.12 5.07 -17.34
N VAL D 199 -3.72 4.43 -18.44
CA VAL D 199 -3.29 5.12 -19.67
C VAL D 199 -4.48 5.86 -20.26
N LEU D 200 -4.36 7.17 -20.44
CA LEU D 200 -5.47 8.02 -20.95
C LEU D 200 -5.25 8.38 -22.42
N ASN D 201 -4.01 8.39 -22.89
CA ASN D 201 -3.65 8.79 -24.27
C ASN D 201 -2.27 8.18 -24.58
N THR D 202 -2.02 7.95 -25.85
CA THR D 202 -0.73 7.46 -26.39
C THR D 202 -0.46 8.24 -27.68
N LEU D 203 0.60 9.05 -27.69
CA LEU D 203 0.99 9.83 -28.87
C LEU D 203 1.99 8.99 -29.67
N ILE D 204 1.56 8.54 -30.84
CA ILE D 204 2.43 7.97 -31.91
C ILE D 204 2.83 9.14 -32.82
N HIS D 205 4.13 9.31 -33.04
CA HIS D 205 4.69 10.44 -33.84
C HIS D 205 6.17 10.23 -34.08
N HIS D 206 6.98 10.35 -33.04
CA HIS D 206 8.44 10.08 -33.17
C HIS D 206 8.56 8.67 -33.71
N ASN D 207 9.45 8.46 -34.68
CA ASN D 207 9.73 7.12 -35.28
C ASN D 207 10.92 6.50 -34.56
N GLU D 208 11.51 7.19 -33.58
CA GLU D 208 12.64 6.71 -32.76
C GLU D 208 12.41 7.12 -31.30
N ALA D 209 13.19 6.56 -30.39
CA ALA D 209 13.09 6.77 -28.92
C ALA D 209 12.81 8.24 -28.60
N VAL D 210 11.84 8.47 -27.72
CA VAL D 210 11.50 9.81 -27.20
C VAL D 210 12.30 10.04 -25.94
N LEU D 211 13.22 11.02 -25.96
CA LEU D 211 14.35 11.11 -24.99
C LEU D 211 14.00 12.12 -23.90
N HIS D 212 13.23 13.13 -24.25
CA HIS D 212 12.82 14.16 -23.27
C HIS D 212 11.46 14.71 -23.66
N LEU D 213 10.82 15.31 -22.67
CA LEU D 213 9.58 16.08 -22.84
C LEU D 213 9.42 17.02 -21.64
N ARG D 214 8.62 18.06 -21.86
CA ARG D 214 8.15 18.96 -20.81
C ARG D 214 6.80 19.49 -21.24
N PHE D 215 5.91 19.74 -20.29
CA PHE D 215 4.60 20.37 -20.55
C PHE D 215 4.31 21.39 -19.46
N SER D 216 3.63 22.47 -19.84
CA SER D 216 3.14 23.54 -18.94
C SER D 216 2.13 24.40 -19.70
N ASN D 217 1.15 25.00 -19.01
CA ASN D 217 0.17 25.98 -19.56
C ASN D 217 -0.36 25.50 -20.91
N GLY D 218 -0.72 24.21 -21.02
CA GLY D 218 -1.45 23.65 -22.18
C GLY D 218 -0.55 23.52 -23.39
N LEU D 219 0.75 23.44 -23.14
CA LEU D 219 1.79 23.22 -24.17
C LEU D 219 2.70 22.08 -23.71
N MET D 220 2.96 21.14 -24.59
CA MET D 220 3.97 20.08 -24.38
C MET D 220 4.97 20.11 -25.54
N VAL D 221 6.23 19.83 -25.23
CA VAL D 221 7.30 19.68 -26.25
C VAL D 221 7.95 18.34 -26.02
N THR D 222 8.12 17.58 -27.07
CA THR D 222 8.80 16.27 -27.03
C THR D 222 10.02 16.39 -27.93
N CYS D 223 11.04 15.58 -27.69
CA CYS D 223 12.23 15.55 -28.55
C CYS D 223 12.74 14.12 -28.58
N SER D 224 13.33 13.71 -29.70
CA SER D 224 13.60 12.28 -29.98
C SER D 224 14.98 12.06 -30.60
N LYS D 225 15.42 10.81 -30.56
CA LYS D 225 16.59 10.25 -31.28
C LYS D 225 16.43 10.53 -32.77
N ASP D 226 15.19 10.64 -33.25
CA ASP D 226 14.89 10.94 -34.67
C ASP D 226 15.35 12.36 -35.04
N ARG D 227 15.91 13.14 -34.10
CA ARG D 227 16.55 14.45 -34.37
C ARG D 227 15.50 15.59 -34.40
N SER D 228 14.25 15.26 -34.11
CA SER D 228 13.11 16.21 -34.18
C SER D 228 12.69 16.63 -32.77
N ILE D 229 12.11 17.81 -32.70
CA ILE D 229 11.30 18.34 -31.56
C ILE D 229 9.87 18.46 -32.07
N ALA D 230 8.92 18.03 -31.25
CA ALA D 230 7.47 18.18 -31.53
C ALA D 230 6.91 19.17 -30.52
N VAL D 231 6.07 20.09 -30.97
CA VAL D 231 5.35 21.05 -30.10
C VAL D 231 3.86 20.73 -30.17
N TRP D 232 3.22 20.54 -29.01
CA TRP D 232 1.80 20.14 -28.92
C TRP D 232 0.99 21.19 -28.15
N ASP D 233 -0.22 21.49 -28.64
CA ASP D 233 -1.30 22.11 -27.85
C ASP D 233 -1.87 20.99 -26.97
N MET D 234 -1.90 21.19 -25.65
CA MET D 234 -2.29 20.16 -24.67
C MET D 234 -3.52 20.65 -23.88
N ALA D 235 -4.69 20.64 -24.53
CA ALA D 235 -5.97 21.15 -23.98
C ALA D 235 -6.34 20.36 -22.74
N SER D 236 -6.17 19.03 -22.81
CA SER D 236 -6.50 18.02 -21.79
C SER D 236 -5.58 16.82 -21.99
N ALA D 237 -5.70 15.83 -21.11
CA ALA D 237 -5.05 14.52 -21.26
C ALA D 237 -5.36 13.87 -22.63
N THR D 238 -6.55 14.10 -23.18
CA THR D 238 -7.11 13.38 -24.36
C THR D 238 -7.12 14.27 -25.60
N ASP D 239 -6.98 15.59 -25.41
CA ASP D 239 -7.02 16.59 -26.50
C ASP D 239 -5.62 17.17 -26.66
N ILE D 240 -4.77 16.45 -27.39
CA ILE D 240 -3.33 16.80 -27.56
C ILE D 240 -2.96 16.75 -29.05
N THR D 241 -2.88 17.91 -29.69
CA THR D 241 -2.72 18.11 -31.16
C THR D 241 -1.31 18.65 -31.44
N LEU D 242 -0.68 18.11 -32.48
CA LEU D 242 0.65 18.50 -32.98
C LEU D 242 0.56 19.89 -33.63
N ARG D 243 1.19 20.90 -33.02
CA ARG D 243 1.19 22.29 -33.54
C ARG D 243 2.30 22.44 -34.61
N ARG D 244 3.55 22.08 -34.32
CA ARG D 244 4.68 22.18 -35.30
C ARG D 244 5.76 21.14 -34.99
N VAL D 245 6.52 20.74 -36.01
CA VAL D 245 7.76 19.91 -35.83
C VAL D 245 8.97 20.78 -36.15
N LEU D 246 9.91 20.93 -35.22
CA LEU D 246 11.16 21.71 -35.44
C LEU D 246 12.27 20.73 -35.80
N VAL D 247 12.72 20.74 -37.05
CA VAL D 247 13.91 19.94 -37.43
C VAL D 247 15.06 20.91 -37.68
N GLY D 248 16.23 20.60 -37.11
CA GLY D 248 17.28 21.59 -36.79
C GLY D 248 18.57 20.92 -36.34
N HIS D 249 18.52 19.92 -35.47
CA HIS D 249 19.70 19.19 -34.98
C HIS D 249 20.16 18.12 -35.97
N ARG D 250 21.46 17.84 -36.00
CA ARG D 250 22.08 16.90 -36.97
C ARG D 250 22.35 15.59 -36.25
N ALA D 251 21.92 15.48 -34.99
CA ALA D 251 21.97 14.25 -34.17
C ALA D 251 20.81 14.25 -33.18
N ALA D 252 20.61 13.14 -32.47
CA ALA D 252 19.60 12.98 -31.39
C ALA D 252 19.45 14.28 -30.61
N VAL D 253 18.20 14.68 -30.36
CA VAL D 253 17.82 15.77 -29.40
C VAL D 253 17.55 15.14 -28.03
N ASN D 254 18.51 15.29 -27.10
CA ASN D 254 18.57 14.57 -25.81
C ASN D 254 17.70 15.26 -24.76
N VAL D 255 17.42 16.53 -24.93
CA VAL D 255 16.73 17.31 -23.87
C VAL D 255 16.13 18.56 -24.48
N VAL D 256 15.08 19.01 -23.84
CA VAL D 256 14.25 20.16 -24.27
C VAL D 256 13.69 20.76 -22.99
N ASP D 257 13.70 22.07 -22.86
CA ASP D 257 13.07 22.86 -21.77
C ASP D 257 12.47 24.08 -22.44
N PHE D 258 11.63 24.84 -21.73
CA PHE D 258 10.98 26.04 -22.30
C PHE D 258 10.25 26.83 -21.23
N ASP D 259 9.92 28.07 -21.57
CA ASP D 259 9.02 28.94 -20.79
C ASP D 259 8.18 29.73 -21.79
N ASP D 260 7.51 30.80 -21.33
CA ASP D 260 6.69 31.70 -22.16
C ASP D 260 7.44 32.10 -23.44
N LYS D 261 8.73 32.41 -23.32
CA LYS D 261 9.48 33.13 -24.38
C LYS D 261 10.10 32.13 -25.35
N TYR D 262 10.86 31.19 -24.81
CA TYR D 262 11.81 30.35 -25.57
C TYR D 262 11.60 28.87 -25.26
N ILE D 263 11.71 28.07 -26.31
CA ILE D 263 12.02 26.62 -26.23
C ILE D 263 13.53 26.49 -26.39
N VAL D 264 14.13 25.62 -25.59
CA VAL D 264 15.60 25.34 -25.66
C VAL D 264 15.76 23.84 -25.89
N SER D 265 16.45 23.48 -26.95
CA SER D 265 16.78 22.09 -27.33
C SER D 265 18.28 21.91 -27.20
N ALA D 266 18.72 20.70 -26.86
CA ALA D 266 20.16 20.33 -26.79
C ALA D 266 20.32 18.92 -27.33
N SER D 267 21.47 18.62 -27.91
CA SER D 267 21.61 17.52 -28.89
C SER D 267 22.99 16.89 -28.79
N GLY D 268 23.11 15.65 -29.29
CA GLY D 268 24.39 14.96 -29.51
C GLY D 268 25.27 15.69 -30.52
N ASP D 269 24.68 16.59 -31.31
CA ASP D 269 25.38 17.40 -32.32
C ASP D 269 26.15 18.57 -31.65
N ARG D 270 26.21 18.63 -30.31
CA ARG D 270 27.05 19.56 -29.51
C ARG D 270 26.48 20.98 -29.43
N THR D 271 25.24 21.19 -29.86
CA THR D 271 24.59 22.51 -29.92
C THR D 271 23.43 22.57 -28.95
N ILE D 272 23.26 23.72 -28.34
CA ILE D 272 21.95 24.19 -27.83
C ILE D 272 21.32 25.06 -28.92
N LYS D 273 20.04 24.85 -29.20
CA LYS D 273 19.28 25.74 -30.10
C LYS D 273 18.11 26.35 -29.33
N VAL D 274 17.88 27.63 -29.57
CA VAL D 274 16.78 28.45 -28.99
C VAL D 274 15.73 28.70 -30.07
N TRP D 275 14.45 28.55 -29.71
CA TRP D 275 13.29 28.74 -30.61
C TRP D 275 12.23 29.60 -29.89
N SER D 276 11.41 30.32 -30.66
CA SER D 276 10.32 31.14 -30.11
C SER D 276 9.23 30.21 -29.64
N THR D 277 8.80 30.34 -28.39
CA THR D 277 7.67 29.54 -27.88
C THR D 277 6.41 29.93 -28.64
N SER D 278 6.25 31.21 -28.98
CA SER D 278 5.03 31.71 -29.65
C SER D 278 5.03 31.36 -31.15
N THR D 279 6.14 31.55 -31.87
CA THR D 279 6.20 31.39 -33.34
C THR D 279 6.73 30.00 -33.74
N CYS D 280 7.47 29.34 -32.87
CA CYS D 280 8.15 28.04 -33.18
C CYS D 280 9.25 28.24 -34.22
N GLU D 281 9.60 29.48 -34.54
CA GLU D 281 10.74 29.76 -35.46
C GLU D 281 12.03 29.69 -34.64
N PHE D 282 13.09 29.18 -35.26
CA PHE D 282 14.48 29.19 -34.76
C PHE D 282 14.90 30.62 -34.44
N VAL D 283 15.67 30.81 -33.39
CA VAL D 283 16.14 32.15 -32.97
C VAL D 283 17.67 32.17 -33.03
N ARG D 284 18.34 31.32 -32.24
CA ARG D 284 19.83 31.30 -32.20
C ARG D 284 20.36 29.94 -31.74
N THR D 285 21.58 29.59 -32.16
CA THR D 285 22.37 28.41 -31.71
C THR D 285 23.35 28.85 -30.62
N LEU D 286 23.55 28.01 -29.60
CA LEU D 286 24.56 28.23 -28.54
C LEU D 286 25.59 27.11 -28.69
N ASN D 287 26.68 27.41 -29.39
CA ASN D 287 27.75 26.41 -29.63
C ASN D 287 28.93 26.80 -28.74
N GLY D 288 29.79 25.83 -28.49
CA GLY D 288 30.93 25.95 -27.57
C GLY D 288 31.30 24.62 -26.99
N HIS D 289 30.33 23.79 -26.61
CA HIS D 289 30.63 22.43 -26.11
C HIS D 289 31.43 21.71 -27.20
N LYS D 290 32.38 20.90 -26.76
CA LYS D 290 33.36 20.17 -27.61
C LYS D 290 32.79 18.81 -27.96
N ARG D 291 31.72 18.42 -27.28
CA ARG D 291 31.10 17.07 -27.40
C ARG D 291 29.59 17.21 -27.18
N GLY D 292 28.87 16.10 -27.38
CA GLY D 292 27.40 16.05 -27.24
C GLY D 292 26.96 16.54 -25.88
N ILE D 293 25.73 17.03 -25.80
CA ILE D 293 25.10 17.59 -24.58
C ILE D 293 24.06 16.59 -24.11
N ALA D 294 24.16 16.16 -22.84
CA ALA D 294 23.33 15.09 -22.26
C ALA D 294 22.21 15.70 -21.43
N CYS D 295 22.36 16.93 -20.95
CA CYS D 295 21.40 17.48 -19.99
C CYS D 295 21.45 19.00 -19.99
N LEU D 296 20.37 19.64 -19.57
CA LEU D 296 20.24 21.12 -19.63
C LEU D 296 19.08 21.56 -18.73
N GLN D 297 19.16 22.75 -18.14
CA GLN D 297 18.00 23.42 -17.49
C GLN D 297 17.97 24.87 -17.97
N TYR D 298 16.78 25.42 -18.20
CA TYR D 298 16.59 26.81 -18.70
C TYR D 298 15.68 27.50 -17.70
N ARG D 299 16.10 28.68 -17.22
CA ARG D 299 15.30 29.52 -16.30
C ARG D 299 15.75 30.97 -16.39
N ASP D 300 14.82 31.87 -16.68
CA ASP D 300 15.05 33.33 -16.79
C ASP D 300 15.92 33.60 -18.03
N ARG D 301 17.17 34.01 -17.81
CA ARG D 301 18.12 34.28 -18.91
C ARG D 301 19.17 33.16 -18.96
N LEU D 302 19.10 32.22 -18.03
CA LEU D 302 20.23 31.31 -17.77
C LEU D 302 19.90 29.93 -18.32
N VAL D 303 20.77 29.44 -19.17
CA VAL D 303 20.83 28.04 -19.62
C VAL D 303 22.07 27.46 -18.97
N VAL D 304 21.88 26.34 -18.29
CA VAL D 304 22.97 25.52 -17.74
C VAL D 304 22.92 24.18 -18.46
N SER D 305 24.08 23.68 -18.86
CA SER D 305 24.19 22.48 -19.73
C SER D 305 25.35 21.61 -19.25
N GLY D 306 25.20 20.29 -19.44
CA GLY D 306 26.24 19.28 -19.14
C GLY D 306 26.52 18.43 -20.36
N SER D 307 27.79 18.15 -20.64
CA SER D 307 28.20 17.57 -21.93
C SER D 307 29.01 16.29 -21.71
N SER D 308 29.09 15.50 -22.78
CA SER D 308 30.01 14.36 -22.97
C SER D 308 31.46 14.86 -22.91
N ASP D 309 31.69 16.17 -22.91
CA ASP D 309 33.05 16.75 -22.82
C ASP D 309 33.45 16.87 -21.35
N ASN D 310 32.60 16.43 -20.43
CA ASN D 310 32.86 16.41 -18.95
C ASN D 310 32.71 17.80 -18.34
N THR D 311 32.38 18.84 -19.13
CA THR D 311 32.18 20.22 -18.62
C THR D 311 30.70 20.49 -18.44
N ILE D 312 30.42 21.42 -17.54
CA ILE D 312 29.12 22.14 -17.41
C ILE D 312 29.36 23.56 -17.91
N ARG D 313 28.42 24.12 -18.67
CA ARG D 313 28.49 25.52 -19.14
C ARG D 313 27.26 26.30 -18.68
N LEU D 314 27.48 27.56 -18.31
CA LEU D 314 26.43 28.55 -18.04
C LEU D 314 26.35 29.50 -19.22
N TRP D 315 25.16 29.72 -19.76
CA TRP D 315 24.97 30.60 -20.93
C TRP D 315 23.96 31.68 -20.61
N ASP D 316 24.10 32.82 -21.28
CA ASP D 316 23.05 33.85 -21.35
C ASP D 316 22.28 33.61 -22.63
N ILE D 317 20.98 33.38 -22.56
CA ILE D 317 20.19 32.93 -23.74
C ILE D 317 20.03 34.08 -24.72
N GLU D 318 20.22 35.33 -24.29
CA GLU D 318 19.89 36.48 -25.18
C GLU D 318 21.05 36.74 -26.13
N CYS D 319 22.29 36.73 -25.66
CA CYS D 319 23.47 36.95 -26.55
C CYS D 319 24.14 35.60 -26.88
N GLY D 320 23.74 34.52 -26.22
CA GLY D 320 24.27 33.17 -26.47
C GLY D 320 25.68 32.95 -25.95
N ALA D 321 26.18 33.89 -25.16
CA ALA D 321 27.55 33.88 -24.62
C ALA D 321 27.64 32.87 -23.47
N CYS D 322 28.75 32.19 -23.37
CA CYS D 322 29.06 31.32 -22.22
C CYS D 322 29.66 32.19 -21.13
N LEU D 323 29.04 32.19 -19.95
CA LEU D 323 29.44 33.01 -18.79
C LEU D 323 30.47 32.26 -17.95
N ARG D 324 30.42 30.94 -17.90
CA ARG D 324 31.28 30.11 -17.05
C ARG D 324 31.34 28.68 -17.57
N VAL D 325 32.54 28.12 -17.58
CA VAL D 325 32.77 26.67 -17.76
C VAL D 325 33.09 26.05 -16.40
N LEU D 326 32.44 24.94 -16.06
CA LEU D 326 32.66 24.24 -14.77
C LEU D 326 33.33 22.91 -15.08
N GLU D 327 34.59 22.76 -14.69
CA GLU D 327 35.31 21.47 -14.77
C GLU D 327 35.35 20.82 -13.39
N GLY D 328 35.53 19.50 -13.35
CA GLY D 328 35.63 18.73 -12.10
C GLY D 328 35.15 17.32 -12.31
N HIS D 329 34.01 17.14 -12.97
CA HIS D 329 33.50 15.79 -13.29
C HIS D 329 34.56 15.10 -14.13
N GLU D 330 34.90 13.86 -13.78
CA GLU D 330 35.91 13.08 -14.52
C GLU D 330 35.22 12.28 -15.61
N GLU D 331 33.90 12.44 -15.75
CA GLU D 331 33.07 11.65 -16.70
C GLU D 331 31.95 12.48 -17.28
N LEU D 332 31.24 11.94 -18.25
CA LEU D 332 30.10 12.61 -18.92
C LEU D 332 29.12 13.14 -17.86
N VAL D 333 28.59 14.36 -18.06
CA VAL D 333 27.61 15.00 -17.15
C VAL D 333 26.21 14.70 -17.69
N ARG D 334 25.47 13.83 -16.99
CA ARG D 334 24.30 13.11 -17.55
C ARG D 334 22.99 13.73 -17.07
N CYS D 335 23.01 14.53 -16.02
CA CYS D 335 21.81 15.22 -15.52
C CYS D 335 22.28 16.43 -14.73
N ILE D 336 21.42 17.41 -14.56
CA ILE D 336 21.78 18.74 -14.01
C ILE D 336 20.52 19.54 -13.66
N ARG D 337 20.47 20.14 -12.49
CA ARG D 337 19.40 21.10 -12.16
C ARG D 337 20.04 22.25 -11.41
N PHE D 338 19.30 23.34 -11.19
CA PHE D 338 19.74 24.47 -10.35
C PHE D 338 18.52 25.17 -9.73
N ASP D 339 18.76 25.88 -8.64
CA ASP D 339 17.86 26.94 -8.07
C ASP D 339 18.70 28.23 -8.00
N ASN D 340 18.35 29.19 -7.14
CA ASN D 340 19.09 30.47 -7.03
C ASN D 340 20.46 30.24 -6.36
N LYS D 341 20.59 29.22 -5.52
CA LYS D 341 21.77 29.06 -4.64
C LYS D 341 22.78 28.12 -5.29
N ARG D 342 22.32 27.11 -6.02
CA ARG D 342 23.29 26.11 -6.54
C ARG D 342 22.82 25.35 -7.76
N ILE D 343 23.83 24.73 -8.36
CA ILE D 343 23.81 23.73 -9.47
C ILE D 343 24.09 22.38 -8.83
N VAL D 344 23.31 21.36 -9.19
CA VAL D 344 23.56 19.97 -8.77
C VAL D 344 23.61 19.11 -10.02
N SER D 345 24.75 18.48 -10.27
CA SER D 345 25.04 17.69 -11.48
C SER D 345 25.28 16.25 -11.08
N GLY D 346 24.85 15.32 -11.95
CA GLY D 346 25.16 13.88 -11.82
C GLY D 346 25.91 13.41 -13.03
N ALA D 347 26.86 12.50 -12.87
CA ALA D 347 27.75 12.06 -13.97
C ALA D 347 27.81 10.53 -14.07
N TYR D 348 28.34 10.07 -15.20
CA TYR D 348 28.48 8.64 -15.59
C TYR D 348 29.34 7.87 -14.59
N ASP D 349 30.15 8.52 -13.75
CA ASP D 349 30.99 7.80 -12.76
C ASP D 349 30.22 7.67 -11.44
N GLY D 350 28.93 7.98 -11.44
CA GLY D 350 28.04 7.81 -10.27
C GLY D 350 28.24 8.88 -9.21
N LYS D 351 29.00 9.92 -9.53
CA LYS D 351 29.32 11.01 -8.58
C LYS D 351 28.34 12.15 -8.82
N ILE D 352 27.98 12.85 -7.75
CA ILE D 352 27.13 14.05 -7.83
C ILE D 352 27.93 15.21 -7.29
N LYS D 353 27.84 16.36 -7.97
CA LYS D 353 28.58 17.56 -7.56
C LYS D 353 27.57 18.68 -7.27
N VAL D 354 27.91 19.52 -6.31
CA VAL D 354 27.11 20.69 -5.89
C VAL D 354 28.00 21.90 -6.09
N TRP D 355 27.50 22.90 -6.81
CA TRP D 355 28.27 24.08 -7.23
C TRP D 355 27.63 25.37 -6.70
N ASP D 356 28.46 26.33 -6.27
CA ASP D 356 27.97 27.66 -5.83
C ASP D 356 27.54 28.40 -7.08
N LEU D 357 26.23 28.55 -7.31
CA LEU D 357 25.75 29.14 -8.58
C LEU D 357 26.18 30.61 -8.65
N GLN D 358 25.98 31.35 -7.56
CA GLN D 358 26.24 32.81 -7.55
C GLN D 358 27.72 33.01 -7.82
N ALA D 359 28.58 32.20 -7.22
CA ALA D 359 30.05 32.26 -7.43
C ALA D 359 30.36 31.96 -8.90
N ALA D 360 29.71 30.97 -9.50
CA ALA D 360 29.95 30.55 -10.90
C ALA D 360 29.74 31.75 -11.82
N LEU D 361 28.65 32.51 -11.60
CA LEU D 361 28.27 33.72 -12.36
C LEU D 361 29.14 34.94 -12.05
N ASP D 362 29.86 34.97 -10.91
CA ASP D 362 30.87 36.03 -10.62
C ASP D 362 32.13 35.67 -11.40
N PRO D 363 32.42 36.34 -12.53
CA PRO D 363 33.57 35.97 -13.36
C PRO D 363 34.91 36.13 -12.64
N ARG D 364 34.95 36.88 -11.53
CA ARG D 364 36.15 37.09 -10.67
C ARG D 364 36.47 35.79 -9.91
N ALA D 365 35.44 35.05 -9.50
CA ALA D 365 35.55 33.83 -8.68
C ALA D 365 36.49 32.83 -9.36
N PRO D 366 37.50 32.30 -8.65
CA PRO D 366 38.37 31.26 -9.20
C PRO D 366 37.65 29.91 -9.26
N ALA D 367 37.91 29.13 -10.32
CA ALA D 367 37.24 27.83 -10.57
C ALA D 367 37.50 26.90 -9.38
N SER D 368 38.73 26.90 -8.88
CA SER D 368 39.16 26.27 -7.62
C SER D 368 38.03 26.24 -6.58
N THR D 369 37.31 27.34 -6.37
CA THR D 369 36.37 27.50 -5.24
C THR D 369 34.91 27.13 -5.58
N LEU D 370 34.60 26.63 -6.78
CA LEU D 370 33.18 26.64 -7.29
C LEU D 370 32.41 25.35 -6.97
N CYS D 371 33.11 24.22 -6.91
CA CYS D 371 32.56 22.92 -6.48
C CYS D 371 32.53 22.86 -4.97
N LEU D 372 31.35 22.98 -4.35
CA LEU D 372 31.19 22.98 -2.87
C LEU D 372 31.43 21.57 -2.33
N ARG D 373 30.99 20.55 -3.08
CA ARG D 373 30.89 19.18 -2.53
C ARG D 373 30.82 18.15 -3.65
N THR D 374 31.42 16.98 -3.38
CA THR D 374 31.31 15.77 -4.23
C THR D 374 30.72 14.63 -3.40
N LEU D 375 29.60 14.08 -3.90
CA LEU D 375 28.70 13.13 -3.19
C LEU D 375 28.73 11.80 -3.93
N VAL D 376 29.25 10.79 -3.25
CA VAL D 376 29.61 9.49 -3.90
C VAL D 376 28.87 8.39 -3.13
N GLU D 377 27.67 8.03 -3.58
CA GLU D 377 26.89 6.94 -2.97
C GLU D 377 26.31 6.05 -4.06
N HIS D 378 26.09 6.55 -5.26
CA HIS D 378 25.68 5.71 -6.41
C HIS D 378 26.88 4.85 -6.84
N SER D 379 26.61 3.63 -7.33
CA SER D 379 27.62 2.71 -7.89
C SER D 379 27.34 2.51 -9.38
N GLY D 380 26.79 3.51 -10.05
CA GLY D 380 26.45 3.43 -11.49
C GLY D 380 26.13 4.80 -12.06
N ARG D 381 26.03 4.92 -13.37
CA ARG D 381 25.73 6.23 -14.00
C ARG D 381 24.52 6.87 -13.29
N VAL D 382 24.54 8.19 -13.14
CA VAL D 382 23.40 8.96 -12.59
C VAL D 382 22.57 9.50 -13.75
N PHE D 383 21.31 9.10 -13.84
CA PHE D 383 20.43 9.39 -14.99
C PHE D 383 19.59 10.62 -14.72
N ARG D 384 19.31 10.92 -13.46
CA ARG D 384 18.34 11.97 -13.12
C ARG D 384 18.43 12.39 -11.67
N LEU D 385 18.28 13.68 -11.40
CA LEU D 385 18.09 14.17 -10.03
C LEU D 385 17.14 15.37 -10.01
N GLN D 386 16.57 15.60 -8.85
CA GLN D 386 15.71 16.75 -8.53
C GLN D 386 16.11 17.15 -7.12
N PHE D 387 16.12 18.45 -6.83
CA PHE D 387 16.49 18.91 -5.48
C PHE D 387 15.72 20.17 -5.14
N ASP D 388 15.75 20.50 -3.87
CA ASP D 388 15.16 21.73 -3.31
C ASP D 388 16.07 22.21 -2.18
N GLU D 389 15.59 23.13 -1.36
CA GLU D 389 16.42 23.77 -0.32
C GLU D 389 16.89 22.73 0.70
N PHE D 390 16.29 21.53 0.76
CA PHE D 390 16.47 20.55 1.87
C PHE D 390 17.04 19.20 1.44
N GLN D 391 16.95 18.84 0.16
CA GLN D 391 17.28 17.47 -0.25
C GLN D 391 17.60 17.38 -1.74
N ILE D 392 18.37 16.36 -2.08
CA ILE D 392 18.52 15.83 -3.46
C ILE D 392 17.86 14.47 -3.49
N ILE D 393 17.12 14.20 -4.56
CA ILE D 393 16.72 12.82 -4.92
C ILE D 393 17.27 12.52 -6.31
N SER D 394 18.04 11.45 -6.41
CA SER D 394 18.84 11.05 -7.58
C SER D 394 18.49 9.61 -7.93
N SER D 395 18.51 9.28 -9.21
CA SER D 395 18.31 7.89 -9.70
C SER D 395 19.44 7.51 -10.64
N SER D 396 19.63 6.21 -10.86
CA SER D 396 20.91 5.66 -11.35
C SER D 396 20.74 4.30 -12.04
N HIS D 397 21.68 4.00 -12.92
CA HIS D 397 21.87 2.69 -13.58
C HIS D 397 22.06 1.58 -12.54
N ASP D 398 22.53 1.89 -11.33
CA ASP D 398 22.74 0.92 -10.22
C ASP D 398 21.37 0.45 -9.69
N ASP D 399 20.27 0.94 -10.26
CA ASP D 399 18.89 0.49 -9.96
C ASP D 399 18.45 1.00 -8.57
N THR D 400 19.07 2.06 -8.05
CA THR D 400 18.69 2.69 -6.76
C THR D 400 18.14 4.10 -6.99
N ILE D 401 17.26 4.54 -6.09
CA ILE D 401 16.91 5.98 -5.93
C ILE D 401 17.45 6.38 -4.57
N LEU D 402 18.16 7.50 -4.52
CA LEU D 402 18.82 7.99 -3.28
C LEU D 402 18.16 9.29 -2.85
N ILE D 403 17.76 9.37 -1.58
CA ILE D 403 17.30 10.63 -0.96
C ILE D 403 18.44 11.13 -0.07
N TRP D 404 19.03 12.27 -0.42
CA TRP D 404 20.07 12.98 0.38
C TRP D 404 19.40 14.09 1.19
N ASP D 405 19.33 13.96 2.52
CA ASP D 405 18.59 14.91 3.40
C ASP D 405 19.62 15.78 4.13
N PHE D 406 19.58 17.10 3.88
CA PHE D 406 20.49 18.11 4.48
C PHE D 406 19.79 18.83 5.62
N LEU D 407 18.58 18.38 5.96
CA LEU D 407 17.70 18.93 7.02
C LEU D 407 17.95 18.21 8.36
N ASN D 408 18.02 16.88 8.35
CA ASN D 408 18.29 16.02 9.55
C ASN D 408 16.96 15.77 10.29
N VAL D 409 15.84 15.76 9.56
CA VAL D 409 14.45 15.57 10.10
C VAL D 409 13.45 15.92 8.97
N ILE E 4 -22.74 53.48 -20.28
CA ILE E 4 -23.41 53.63 -18.93
C ILE E 4 -22.73 54.80 -18.19
N LYS E 5 -23.53 55.62 -17.50
CA LYS E 5 -23.13 57.00 -17.10
C LYS E 5 -22.49 56.98 -15.71
N LEU E 6 -21.26 57.48 -15.58
CA LEU E 6 -20.62 57.73 -14.25
C LEU E 6 -20.58 59.24 -14.00
N GLN E 7 -20.81 59.65 -12.75
CA GLN E 7 -20.94 61.08 -12.36
C GLN E 7 -19.87 61.44 -11.33
N SER E 8 -18.88 62.20 -11.75
CA SER E 8 -17.81 62.77 -10.90
C SER E 8 -18.44 63.58 -9.77
N SER E 9 -17.70 63.66 -8.66
CA SER E 9 -17.96 64.51 -7.47
C SER E 9 -18.35 65.93 -7.89
N ASP E 10 -17.78 66.42 -9.00
CA ASP E 10 -17.93 67.83 -9.47
C ASP E 10 -18.90 67.89 -10.66
N GLY E 11 -19.88 66.99 -10.75
CA GLY E 11 -21.01 67.11 -11.72
C GLY E 11 -20.80 66.39 -13.04
N GLU E 12 -19.58 66.34 -13.60
CA GLU E 12 -19.33 65.85 -14.99
C GLU E 12 -19.71 64.36 -15.13
N ILE E 13 -20.43 64.01 -16.21
CA ILE E 13 -20.90 62.62 -16.53
C ILE E 13 -19.97 62.01 -17.58
N PHE E 14 -19.64 60.72 -17.47
CA PHE E 14 -18.83 59.97 -18.47
C PHE E 14 -19.56 58.69 -18.90
N GLU E 15 -19.76 58.52 -20.21
CA GLU E 15 -20.37 57.30 -20.80
C GLU E 15 -19.23 56.31 -21.05
N VAL E 16 -19.17 55.23 -20.27
CA VAL E 16 -18.19 54.10 -20.42
C VAL E 16 -18.90 52.82 -20.86
N ASP E 17 -18.38 52.18 -21.91
CA ASP E 17 -18.76 50.79 -22.28
C ASP E 17 -18.81 49.99 -20.97
N VAL E 18 -19.92 49.31 -20.72
CA VAL E 18 -20.22 48.64 -19.43
C VAL E 18 -19.08 47.67 -19.07
N GLU E 19 -18.59 46.90 -20.05
CA GLU E 19 -17.50 45.88 -19.93
C GLU E 19 -16.37 46.41 -19.03
N ILE E 20 -15.88 47.62 -19.32
CA ILE E 20 -14.64 48.20 -18.68
C ILE E 20 -14.98 48.60 -17.24
N ALA E 21 -16.08 49.35 -17.07
CA ALA E 21 -16.57 49.91 -15.79
C ALA E 21 -16.60 48.85 -14.68
N LYS E 22 -17.02 47.61 -14.96
CA LYS E 22 -17.23 46.54 -13.94
C LYS E 22 -15.90 45.97 -13.44
N GLN E 23 -14.75 46.43 -13.96
CA GLN E 23 -13.44 46.12 -13.35
C GLN E 23 -13.45 46.70 -11.93
N SER E 24 -14.24 47.75 -11.73
CA SER E 24 -14.60 48.29 -10.38
C SER E 24 -15.76 47.49 -9.78
N VAL E 25 -15.47 46.69 -8.77
CA VAL E 25 -16.47 45.89 -8.02
C VAL E 25 -17.51 46.85 -7.43
N THR E 26 -17.06 47.95 -6.84
CA THR E 26 -18.00 48.95 -6.27
C THR E 26 -19.02 49.28 -7.36
N ILE E 27 -18.55 49.75 -8.51
CA ILE E 27 -19.42 50.13 -9.67
C ILE E 27 -20.29 48.94 -10.07
N LYS E 28 -19.71 47.73 -10.13
CA LYS E 28 -20.46 46.52 -10.51
C LYS E 28 -21.72 46.49 -9.63
N THR E 29 -21.54 46.58 -8.31
CA THR E 29 -22.59 46.39 -7.28
C THR E 29 -23.70 47.44 -7.49
N MET E 30 -23.30 48.69 -7.69
CA MET E 30 -24.26 49.82 -7.86
C MET E 30 -25.11 49.60 -9.13
N LEU E 31 -24.48 49.10 -10.19
CA LEU E 31 -25.16 48.84 -11.48
C LEU E 31 -26.06 47.62 -11.36
N GLU E 32 -25.57 46.55 -10.74
CA GLU E 32 -26.22 45.22 -10.78
C GLU E 32 -27.26 45.13 -9.66
N ASP E 33 -26.86 45.39 -8.41
CA ASP E 33 -27.75 45.15 -7.24
C ASP E 33 -28.68 46.35 -7.05
N LEU E 34 -28.29 47.56 -7.48
CA LEU E 34 -29.01 48.80 -7.12
C LEU E 34 -29.61 49.50 -8.36
N GLY E 35 -29.36 48.99 -9.56
CA GLY E 35 -29.91 49.55 -10.82
C GLY E 35 -29.63 51.03 -10.99
N MET E 36 -28.52 51.53 -10.44
CA MET E 36 -28.17 52.98 -10.53
C MET E 36 -27.88 53.35 -11.99
N ASP E 37 -28.57 54.37 -12.50
CA ASP E 37 -28.24 55.10 -13.77
C ASP E 37 -28.68 56.54 -13.62
N PRO E 38 -27.76 57.53 -13.56
CA PRO E 38 -26.32 57.26 -13.62
C PRO E 38 -25.79 56.66 -12.32
N VAL E 39 -24.45 56.63 -12.18
CA VAL E 39 -23.74 56.20 -10.96
C VAL E 39 -23.07 57.42 -10.35
N PRO E 40 -23.60 57.99 -9.25
CA PRO E 40 -22.93 59.10 -8.58
C PRO E 40 -21.67 58.60 -7.88
N LEU E 41 -20.60 59.40 -7.93
CA LEU E 41 -19.32 59.16 -7.20
C LEU E 41 -18.92 60.44 -6.48
N PRO E 42 -19.58 60.73 -5.33
CA PRO E 42 -19.29 61.94 -4.57
C PRO E 42 -17.85 61.99 -4.06
N ASN E 43 -17.18 60.83 -3.97
CA ASN E 43 -15.80 60.70 -3.44
C ASN E 43 -14.74 60.97 -4.53
N VAL E 44 -15.09 60.92 -5.81
CA VAL E 44 -14.08 60.92 -6.91
C VAL E 44 -14.37 62.02 -7.93
N ASN E 45 -13.39 62.88 -8.18
CA ASN E 45 -13.50 64.04 -9.09
C ASN E 45 -13.21 63.64 -10.55
N ALA E 46 -13.44 64.58 -11.48
CA ALA E 46 -13.28 64.38 -12.93
C ALA E 46 -11.84 63.98 -13.21
N ALA E 47 -10.90 64.85 -12.81
CA ALA E 47 -9.45 64.64 -13.01
C ALA E 47 -9.12 63.16 -12.84
N ILE E 48 -9.39 62.61 -11.65
CA ILE E 48 -9.01 61.22 -11.28
C ILE E 48 -9.86 60.23 -12.09
N LEU E 49 -11.14 60.52 -12.25
CA LEU E 49 -12.05 59.61 -12.98
C LEU E 49 -11.54 59.39 -14.40
N LYS E 50 -11.05 60.44 -15.07
CA LYS E 50 -10.41 60.35 -16.41
C LYS E 50 -9.32 59.27 -16.35
N LYS E 51 -8.39 59.44 -15.41
CA LYS E 51 -7.19 58.58 -15.24
C LYS E 51 -7.63 57.12 -15.10
N VAL E 52 -8.77 56.89 -14.42
CA VAL E 52 -9.28 55.53 -14.12
C VAL E 52 -9.70 54.84 -15.43
N ILE E 53 -10.50 55.53 -16.25
CA ILE E 53 -10.96 54.98 -17.55
C ILE E 53 -9.73 54.48 -18.29
N GLN E 54 -8.78 55.40 -18.48
CA GLN E 54 -7.48 55.13 -19.14
C GLN E 54 -6.90 53.84 -18.56
N TRP E 55 -6.77 53.76 -17.24
CA TRP E 55 -6.09 52.60 -16.61
C TRP E 55 -6.86 51.32 -16.96
N CYS E 56 -8.20 51.35 -16.89
CA CYS E 56 -9.04 50.15 -17.16
C CYS E 56 -9.05 49.83 -18.67
N THR E 57 -8.18 48.90 -19.12
CA THR E 57 -8.05 48.50 -20.54
C THR E 57 -7.81 46.98 -20.59
N HIS E 58 -6.71 46.51 -19.99
CA HIS E 58 -6.34 45.08 -19.76
C HIS E 58 -6.92 44.59 -18.42
N HIS E 59 -6.84 43.29 -18.13
CA HIS E 59 -7.41 42.66 -16.89
C HIS E 59 -6.37 41.78 -16.17
N LYS E 60 -5.08 41.83 -16.57
CA LYS E 60 -4.09 40.70 -16.47
C LYS E 60 -2.64 41.21 -16.55
N ASP E 61 -2.10 41.65 -15.42
CA ASP E 61 -0.89 42.53 -15.35
C ASP E 61 0.35 41.64 -15.22
N PRO E 68 4.56 46.34 -13.78
CA PRO E 68 4.49 46.04 -15.23
C PRO E 68 5.02 47.20 -16.09
N VAL E 69 5.03 47.06 -17.42
CA VAL E 69 5.68 48.03 -18.38
C VAL E 69 4.87 49.33 -18.49
N TRP E 70 3.71 49.27 -19.15
CA TRP E 70 2.83 50.46 -19.40
C TRP E 70 2.41 51.07 -18.07
N ASP E 71 2.02 50.23 -17.12
CA ASP E 71 1.57 50.62 -15.76
C ASP E 71 2.72 51.34 -15.05
N GLN E 72 3.97 50.90 -15.24
CA GLN E 72 5.14 51.55 -14.60
C GLN E 72 5.20 53.01 -15.07
N GLU E 73 5.14 53.22 -16.38
CA GLU E 73 5.25 54.57 -16.99
C GLU E 73 4.02 55.36 -16.54
N PHE E 74 2.84 54.74 -16.54
CA PHE E 74 1.58 55.36 -16.06
C PHE E 74 1.72 55.83 -14.60
N LEU E 75 2.96 55.92 -14.10
CA LEU E 75 3.33 56.55 -12.79
C LEU E 75 3.73 58.02 -13.03
N LYS E 76 3.40 58.60 -14.17
CA LYS E 76 3.83 59.95 -14.58
C LYS E 76 2.90 60.94 -13.88
N VAL E 77 3.08 61.10 -12.56
CA VAL E 77 2.14 61.83 -11.65
C VAL E 77 2.95 62.78 -10.74
N ASP E 78 2.45 63.05 -9.53
CA ASP E 78 3.00 64.08 -8.62
C ASP E 78 2.50 63.82 -7.20
N GLN E 79 2.76 62.63 -6.69
CA GLN E 79 2.59 62.30 -5.24
C GLN E 79 1.14 62.58 -4.78
N GLY E 80 0.73 63.85 -4.67
CA GLY E 80 -0.67 64.25 -4.42
C GLY E 80 -1.64 63.42 -5.27
N THR E 81 -1.49 63.46 -6.60
CA THR E 81 -2.37 62.73 -7.56
C THR E 81 -2.30 61.23 -7.29
N LEU E 82 -1.10 60.68 -7.09
CA LEU E 82 -0.90 59.23 -6.80
C LEU E 82 -1.75 58.86 -5.58
N PHE E 83 -1.68 59.66 -4.52
CA PHE E 83 -2.50 59.43 -3.30
C PHE E 83 -3.99 59.39 -3.68
N GLU E 84 -4.46 60.43 -4.38
CA GLU E 84 -5.88 60.55 -4.83
C GLU E 84 -6.29 59.28 -5.59
N LEU E 85 -5.36 58.73 -6.36
CA LEU E 85 -5.57 57.51 -7.15
C LEU E 85 -5.67 56.29 -6.23
N ILE E 86 -4.88 56.23 -5.17
CA ILE E 86 -4.96 55.08 -4.23
C ILE E 86 -6.33 55.13 -3.56
N LEU E 87 -6.74 56.31 -3.10
CA LEU E 87 -8.04 56.49 -2.43
C LEU E 87 -9.16 55.97 -3.35
N ALA E 88 -9.13 56.40 -4.62
CA ALA E 88 -10.16 56.09 -5.63
C ALA E 88 -10.18 54.57 -5.94
N ALA E 89 -9.00 53.97 -6.08
CA ALA E 89 -8.85 52.52 -6.39
C ALA E 89 -9.53 51.71 -5.28
N ASN E 90 -9.28 52.11 -4.04
CA ASN E 90 -9.81 51.43 -2.84
C ASN E 90 -11.33 51.62 -2.81
N TYR E 91 -11.80 52.84 -3.06
CA TYR E 91 -13.23 53.21 -3.04
C TYR E 91 -13.97 52.40 -4.13
N LEU E 92 -13.35 52.23 -5.29
CA LEU E 92 -14.02 51.53 -6.42
C LEU E 92 -13.74 50.02 -6.35
N ASP E 93 -12.86 49.61 -5.42
CA ASP E 93 -12.51 48.17 -5.27
C ASP E 93 -12.01 47.67 -6.64
N ILE E 94 -10.88 48.21 -7.08
CA ILE E 94 -10.12 47.76 -8.29
C ILE E 94 -8.78 47.17 -7.84
N LYS E 95 -8.78 45.88 -7.50
CA LYS E 95 -7.53 45.08 -7.45
C LYS E 95 -6.85 45.34 -8.80
N GLY E 96 -5.53 45.29 -8.82
CA GLY E 96 -4.77 45.69 -10.01
C GLY E 96 -4.36 47.12 -9.83
N LEU E 97 -5.32 48.05 -9.80
CA LEU E 97 -4.96 49.51 -9.75
C LEU E 97 -4.49 49.83 -8.33
N LEU E 98 -5.22 49.35 -7.36
CA LEU E 98 -4.83 49.54 -5.94
C LEU E 98 -3.47 48.86 -5.76
N ASP E 99 -3.32 47.66 -6.35
CA ASP E 99 -2.11 46.83 -6.18
C ASP E 99 -0.91 47.52 -6.83
N VAL E 100 -1.06 48.07 -8.05
CA VAL E 100 0.07 48.71 -8.78
C VAL E 100 0.47 49.99 -8.03
N THR E 101 -0.51 50.82 -7.67
CA THR E 101 -0.26 52.11 -6.98
C THR E 101 0.52 51.83 -5.69
N CYS E 102 0.16 50.75 -5.00
CA CYS E 102 0.77 50.40 -3.69
C CYS E 102 2.21 49.95 -3.94
N LYS E 103 2.42 49.01 -4.85
CA LYS E 103 3.76 48.50 -5.24
C LYS E 103 4.63 49.68 -5.70
N THR E 104 4.05 50.72 -6.32
CA THR E 104 4.82 51.89 -6.80
C THR E 104 5.40 52.66 -5.60
N VAL E 105 4.61 52.85 -4.54
CA VAL E 105 5.07 53.52 -3.29
C VAL E 105 6.10 52.61 -2.61
N ALA E 106 5.80 51.32 -2.48
CA ALA E 106 6.74 50.33 -1.92
C ALA E 106 8.10 50.46 -2.61
N ASN E 107 8.11 50.65 -3.93
CA ASN E 107 9.37 50.75 -4.71
C ASN E 107 10.10 52.03 -4.29
N MET E 108 9.36 53.08 -3.95
CA MET E 108 9.95 54.36 -3.47
C MET E 108 10.53 54.18 -2.05
N ILE E 109 10.16 53.12 -1.33
CA ILE E 109 10.63 52.87 0.07
C ILE E 109 11.79 51.88 0.10
N LYS E 110 11.77 50.81 -0.73
CA LYS E 110 12.68 49.63 -0.57
C LYS E 110 14.14 50.08 -0.59
N GLY E 111 14.98 49.49 0.27
CA GLY E 111 16.44 49.60 0.21
C GLY E 111 16.93 51.02 0.48
N LYS E 112 16.30 51.74 1.40
CA LYS E 112 16.74 53.09 1.78
C LYS E 112 16.91 53.16 3.28
N THR E 113 17.88 53.98 3.72
CA THR E 113 18.10 54.34 5.14
C THR E 113 16.91 55.17 5.61
N PRO E 114 16.57 55.13 6.92
CA PRO E 114 15.47 55.94 7.44
C PRO E 114 15.61 57.40 6.99
N GLU E 115 16.82 57.96 7.11
CA GLU E 115 17.10 59.36 6.68
C GLU E 115 16.69 59.53 5.21
N GLU E 116 17.09 58.60 4.33
CA GLU E 116 16.80 58.67 2.88
C GLU E 116 15.29 58.68 2.67
N ILE E 117 14.57 57.83 3.40
CA ILE E 117 13.08 57.74 3.35
C ILE E 117 12.48 59.10 3.76
N ARG E 118 12.95 59.68 4.87
CA ARG E 118 12.43 60.96 5.39
C ARG E 118 12.53 62.02 4.29
N LYS E 119 13.65 62.06 3.56
CA LYS E 119 13.90 63.10 2.52
C LYS E 119 12.94 62.88 1.35
N THR E 120 12.64 61.63 1.03
CA THR E 120 11.71 61.24 -0.06
C THR E 120 10.32 61.85 0.17
N PHE E 121 9.80 61.75 1.40
CA PHE E 121 8.38 62.08 1.71
C PHE E 121 8.26 63.31 2.61
N ASN E 122 9.39 63.94 2.97
CA ASN E 122 9.44 65.18 3.79
C ASN E 122 8.89 64.90 5.19
N ILE E 123 9.57 64.05 5.96
CA ILE E 123 9.11 63.56 7.30
C ILE E 123 10.10 63.96 8.38
N LYS E 124 9.61 64.32 9.58
CA LYS E 124 10.45 64.70 10.75
C LYS E 124 10.70 63.45 11.60
N ASN E 125 11.97 63.21 11.94
CA ASN E 125 12.37 62.19 12.94
C ASN E 125 11.86 62.65 14.31
N ASP E 126 10.87 62.00 14.91
CA ASP E 126 10.39 62.38 16.27
C ASP E 126 10.92 61.39 17.32
N PHE E 127 12.07 60.77 17.12
CA PHE E 127 12.62 59.77 18.07
C PHE E 127 13.71 60.42 18.93
N THR E 128 13.76 60.05 20.22
CA THR E 128 14.96 60.29 21.07
C THR E 128 16.09 59.38 20.56
N GLU E 129 17.32 59.90 20.63
CA GLU E 129 18.54 59.15 20.29
C GLU E 129 18.68 57.94 21.23
N GLU E 130 18.11 58.00 22.45
CA GLU E 130 18.13 56.88 23.44
C GLU E 130 17.37 55.67 22.86
N GLU E 131 16.04 55.77 22.79
CA GLU E 131 15.17 54.63 22.34
C GLU E 131 15.67 54.12 20.97
N GLU E 132 16.28 54.99 20.15
CA GLU E 132 16.75 54.67 18.78
C GLU E 132 17.98 53.76 18.82
N ALA E 133 19.01 54.13 19.59
CA ALA E 133 20.19 53.30 19.88
C ALA E 133 19.78 51.86 20.23
N GLN E 134 18.71 51.68 21.01
CA GLN E 134 18.22 50.32 21.46
C GLN E 134 17.71 49.50 20.25
N VAL E 135 17.12 50.18 19.28
CA VAL E 135 16.62 49.60 18.00
C VAL E 135 17.76 48.96 17.19
N ARG E 136 18.95 49.58 17.12
CA ARG E 136 20.15 49.02 16.41
C ARG E 136 20.32 47.52 16.72
N LYS E 137 20.33 47.18 18.02
CA LYS E 137 20.39 45.78 18.56
C LYS E 137 19.24 44.95 17.96
N GLU E 138 18.00 45.43 18.07
CA GLU E 138 16.77 44.75 17.59
C GLU E 138 16.87 44.37 16.10
N ASN E 139 17.59 45.14 15.28
CA ASN E 139 17.78 44.88 13.82
C ASN E 139 19.17 45.37 13.36
N LEU F 1 23.90 0.86 -24.28
CA LEU F 1 23.31 0.68 -22.92
C LEU F 1 22.49 1.92 -22.47
N ASP F 2 23.05 3.14 -22.45
CA ASP F 2 22.27 4.35 -22.03
C ASP F 2 21.36 4.81 -23.15
N GLY F 4 19.03 6.80 -23.04
CA GLY F 4 18.46 8.09 -22.71
C GLY F 4 19.06 9.23 -23.53
N ILE F 5 20.26 9.01 -24.07
CA ILE F 5 21.03 10.06 -24.81
C ILE F 5 21.79 9.40 -25.95
N HIS F 6 22.19 10.21 -26.95
CA HIS F 6 23.10 9.82 -28.05
C HIS F 6 24.04 10.96 -28.43
N GLY F 8 27.06 12.29 -31.60
CA GLY F 8 26.97 12.98 -32.87
C GLY F 8 26.69 12.02 -34.00
N ALA F 9 26.15 12.54 -35.11
CA ALA F 9 25.72 11.78 -36.31
C ALA F 9 26.84 10.84 -36.75
N MET G 1 -10.11 -33.02 -0.86
CA MET G 1 -9.99 -31.80 -1.76
C MET G 1 -8.96 -30.80 -1.19
N LEU G 2 -8.95 -29.59 -1.72
CA LEU G 2 -7.87 -28.58 -1.52
C LEU G 2 -8.24 -27.74 -0.29
N GLN G 3 -9.55 -27.60 -0.05
CA GLN G 3 -10.12 -26.60 0.88
C GLN G 3 -11.22 -27.24 1.71
N ARG G 4 -11.24 -26.88 2.99
CA ARG G 4 -12.07 -27.45 4.07
C ARG G 4 -12.17 -26.34 5.12
N ASP G 5 -13.40 -25.94 5.44
CA ASP G 5 -13.72 -24.96 6.51
C ASP G 5 -13.70 -25.72 7.83
N PHE G 6 -12.54 -25.82 8.46
CA PHE G 6 -12.35 -26.67 9.66
C PHE G 6 -13.36 -26.23 10.71
N ILE G 7 -13.59 -24.94 10.84
CA ILE G 7 -14.33 -24.38 12.00
C ILE G 7 -15.83 -24.67 11.84
N THR G 8 -16.28 -24.88 10.61
CA THR G 8 -17.67 -25.34 10.32
C THR G 8 -17.71 -26.88 10.32
N ALA G 9 -16.71 -27.51 9.70
CA ALA G 9 -16.70 -28.95 9.41
C ALA G 9 -16.64 -29.74 10.71
N LEU G 10 -15.99 -29.22 11.74
CA LEU G 10 -15.82 -29.95 13.00
C LEU G 10 -17.13 -29.98 13.76
N PRO G 11 -17.80 -28.84 13.99
CA PRO G 11 -19.15 -28.85 14.56
C PRO G 11 -20.13 -29.78 13.83
N GLU G 12 -20.01 -29.86 12.51
CA GLU G 12 -20.84 -30.74 11.66
C GLU G 12 -20.59 -32.20 12.02
N GLN G 13 -19.39 -32.48 12.51
CA GLN G 13 -18.92 -33.80 12.97
C GLN G 13 -19.29 -34.01 14.44
N GLY G 14 -19.95 -33.03 15.06
CA GLY G 14 -20.20 -33.03 16.52
C GLY G 14 -18.97 -32.67 17.34
N LEU G 15 -17.93 -32.13 16.70
CA LEU G 15 -16.61 -31.96 17.32
C LEU G 15 -16.34 -30.47 17.54
N ASP G 16 -17.36 -29.75 17.99
CA ASP G 16 -17.29 -28.32 18.32
C ASP G 16 -16.04 -28.01 19.14
N HIS G 17 -15.80 -28.76 20.22
CA HIS G 17 -14.74 -28.45 21.21
C HIS G 17 -13.39 -28.34 20.50
N ILE G 18 -13.15 -29.16 19.49
CA ILE G 18 -11.87 -29.18 18.73
C ILE G 18 -11.70 -27.82 18.05
N ALA G 19 -12.69 -27.40 17.28
CA ALA G 19 -12.71 -26.12 16.55
C ALA G 19 -12.48 -24.99 17.55
N GLU G 20 -13.06 -25.08 18.74
CA GLU G 20 -12.86 -24.09 19.82
C GLU G 20 -11.37 -24.05 20.20
N ASN G 21 -10.75 -25.20 20.44
CA ASN G 21 -9.31 -25.33 20.77
C ASN G 21 -8.49 -24.67 19.67
N ILE G 22 -8.80 -24.92 18.42
CA ILE G 22 -8.08 -24.27 17.30
C ILE G 22 -8.11 -22.77 17.54
N LEU G 23 -9.29 -22.20 17.71
CA LEU G 23 -9.46 -20.73 17.79
C LEU G 23 -8.82 -20.20 19.07
N SER G 24 -8.73 -21.03 20.10
CA SER G 24 -8.19 -20.68 21.44
C SER G 24 -6.72 -20.26 21.36
N TYR G 25 -6.05 -20.56 20.24
CA TYR G 25 -4.62 -20.24 20.00
C TYR G 25 -4.45 -18.80 19.55
N LEU G 26 -5.51 -18.21 18.99
CA LEU G 26 -5.45 -16.90 18.31
C LEU G 26 -5.27 -15.77 19.32
N ASP G 27 -4.52 -14.74 18.91
CA ASP G 27 -4.41 -13.43 19.58
C ASP G 27 -5.72 -12.66 19.34
N ALA G 28 -6.05 -11.71 20.21
CA ALA G 28 -7.25 -10.85 20.11
C ALA G 28 -7.55 -10.48 18.66
N ARG G 29 -6.58 -9.87 17.97
CA ARG G 29 -6.80 -9.26 16.64
C ARG G 29 -7.29 -10.33 15.65
N SER G 30 -6.71 -11.53 15.69
CA SER G 30 -7.07 -12.66 14.80
C SER G 30 -8.44 -13.22 15.20
N LEU G 31 -8.72 -13.34 16.50
CA LEU G 31 -10.03 -13.76 17.03
C LEU G 31 -11.15 -12.87 16.48
N CYS G 32 -10.93 -11.55 16.46
CA CYS G 32 -11.88 -10.55 15.90
C CYS G 32 -12.12 -10.82 14.42
N ALA G 33 -11.06 -11.13 13.69
CA ALA G 33 -11.11 -11.44 12.24
C ALA G 33 -11.98 -12.68 12.06
N ALA G 34 -11.73 -13.70 12.89
CA ALA G 34 -12.43 -14.98 12.84
C ALA G 34 -13.93 -14.75 13.02
N GLU G 35 -14.35 -13.86 13.93
CA GLU G 35 -15.78 -13.55 14.15
C GLU G 35 -16.45 -13.18 12.82
N LEU G 36 -15.72 -12.48 11.95
CA LEU G 36 -16.27 -11.82 10.74
C LEU G 36 -16.21 -12.73 9.52
N VAL G 37 -15.64 -13.92 9.68
CA VAL G 37 -15.45 -14.86 8.53
C VAL G 37 -16.82 -15.36 8.04
N CYS G 38 -17.72 -15.68 8.96
CA CYS G 38 -19.11 -16.09 8.71
C CYS G 38 -19.79 -16.39 10.05
N LYS G 39 -21.11 -16.53 10.01
CA LYS G 39 -21.98 -16.62 11.21
C LYS G 39 -21.56 -17.83 12.04
N GLU G 40 -21.17 -18.93 11.41
CA GLU G 40 -20.85 -20.20 12.10
C GLU G 40 -19.59 -20.00 12.94
N TRP G 41 -18.57 -19.34 12.40
CA TRP G 41 -17.33 -19.00 13.13
C TRP G 41 -17.69 -18.12 14.31
N GLN G 42 -18.45 -17.05 14.09
CA GLN G 42 -18.95 -16.19 15.19
C GLN G 42 -19.66 -17.08 16.24
N ARG G 43 -20.52 -18.00 15.80
CA ARG G 43 -21.31 -18.86 16.72
C ARG G 43 -20.36 -19.70 17.58
N VAL G 44 -19.34 -20.29 16.98
CA VAL G 44 -18.36 -21.17 17.68
C VAL G 44 -17.58 -20.35 18.72
N ILE G 45 -17.07 -19.20 18.31
CA ILE G 45 -16.36 -18.24 19.21
C ILE G 45 -17.28 -17.90 20.37
N SER G 46 -18.53 -17.57 20.07
CA SER G 46 -19.52 -17.14 21.07
C SER G 46 -19.79 -18.28 22.05
N GLU G 47 -20.19 -19.46 21.58
CA GLU G 47 -20.64 -20.58 22.48
C GLU G 47 -19.43 -21.24 23.14
N GLY G 48 -18.28 -21.30 22.45
CA GLY G 48 -17.02 -21.82 22.99
C GLY G 48 -16.44 -20.96 24.11
N MET G 49 -16.97 -19.76 24.34
CA MET G 49 -16.58 -18.89 25.47
C MET G 49 -15.12 -18.46 25.24
N LEU G 50 -14.78 -18.10 24.01
CA LEU G 50 -13.38 -17.92 23.56
C LEU G 50 -12.79 -16.63 24.14
N TRP G 51 -13.62 -15.60 24.33
CA TRP G 51 -13.16 -14.30 24.87
C TRP G 51 -12.91 -14.45 26.37
N LYS G 52 -13.79 -15.11 27.12
CA LYS G 52 -13.48 -15.46 28.54
C LYS G 52 -12.13 -16.19 28.57
N LYS G 53 -11.96 -17.18 27.70
CA LYS G 53 -10.76 -18.06 27.66
C LYS G 53 -9.53 -17.21 27.38
N LEU G 54 -9.66 -16.25 26.48
CA LEU G 54 -8.51 -15.42 26.07
C LEU G 54 -8.09 -14.54 27.25
N ILE G 55 -9.07 -13.85 27.82
CA ILE G 55 -8.88 -13.00 29.04
C ILE G 55 -8.15 -13.83 30.10
N GLU G 56 -8.58 -15.07 30.33
CA GLU G 56 -7.91 -15.94 31.32
C GLU G 56 -6.46 -16.15 30.89
N ARG G 57 -6.22 -16.44 29.61
CA ARG G 57 -4.84 -16.69 29.09
C ARG G 57 -4.02 -15.42 29.25
N MET G 58 -4.63 -14.24 29.06
CA MET G 58 -3.90 -12.96 29.23
C MET G 58 -3.51 -12.82 30.71
N VAL G 59 -4.43 -13.13 31.61
CA VAL G 59 -4.19 -12.97 33.07
C VAL G 59 -3.07 -13.94 33.48
N ARG G 60 -3.09 -15.17 32.96
CA ARG G 60 -2.14 -16.22 33.39
C ARG G 60 -0.75 -15.90 32.84
N THR G 61 -0.63 -15.09 31.77
CA THR G 61 0.69 -14.79 31.14
C THR G 61 1.12 -13.37 31.53
N ASP G 62 0.31 -12.35 31.27
CA ASP G 62 0.68 -10.91 31.42
C ASP G 62 0.32 -10.44 32.83
N PRO G 63 1.33 -10.07 33.64
CA PRO G 63 1.09 -9.60 35.01
C PRO G 63 0.30 -8.29 35.06
N LEU G 64 0.37 -7.52 33.98
CA LEU G 64 -0.45 -6.32 33.78
C LEU G 64 -1.93 -6.73 33.86
N TRP G 65 -2.31 -7.74 33.08
CA TRP G 65 -3.71 -8.24 33.02
C TRP G 65 -4.09 -8.80 34.39
N LYS G 66 -3.18 -9.57 34.98
CA LYS G 66 -3.31 -10.10 36.38
C LYS G 66 -3.64 -8.92 37.29
N GLY G 67 -2.75 -7.91 37.31
CA GLY G 67 -2.88 -6.71 38.14
C GLY G 67 -4.26 -6.13 38.02
N LEU G 68 -4.56 -5.59 36.83
CA LEU G 68 -5.88 -5.00 36.50
C LEU G 68 -7.05 -5.89 36.92
N SER G 69 -6.96 -7.22 36.74
CA SER G 69 -8.06 -8.16 37.08
C SER G 69 -8.42 -7.96 38.55
N GLU G 70 -7.41 -7.77 39.39
CA GLU G 70 -7.53 -7.62 40.87
C GLU G 70 -7.97 -6.19 41.19
N ARG G 71 -7.21 -5.19 40.75
CA ARG G 71 -7.45 -3.81 41.19
C ARG G 71 -8.82 -3.34 40.70
N ARG G 72 -9.26 -3.79 39.52
CA ARG G 72 -10.59 -3.46 38.93
C ARG G 72 -11.65 -4.43 39.47
N GLY G 73 -11.22 -5.61 39.90
CA GLY G 73 -12.10 -6.66 40.46
C GLY G 73 -12.99 -7.27 39.41
N TRP G 74 -12.51 -7.46 38.18
CA TRP G 74 -13.22 -8.32 37.20
C TRP G 74 -12.62 -9.73 37.26
N ASP G 75 -11.58 -9.94 38.07
CA ASP G 75 -11.05 -11.28 38.43
C ASP G 75 -12.19 -12.13 39.02
N GLN G 76 -13.17 -11.51 39.67
CA GLN G 76 -14.24 -12.26 40.37
C GLN G 76 -15.19 -12.91 39.35
N TYR G 77 -15.08 -12.57 38.06
CA TYR G 77 -15.90 -13.12 36.94
C TYR G 77 -15.12 -14.17 36.15
N LEU G 78 -13.90 -14.48 36.59
CA LEU G 78 -13.01 -15.40 35.86
C LEU G 78 -12.91 -16.74 36.61
N PHE G 79 -12.71 -17.81 35.84
CA PHE G 79 -12.66 -19.22 36.31
C PHE G 79 -14.04 -19.54 36.93
N PRO G 87 -22.70 -15.37 33.58
CA PRO G 87 -22.33 -14.18 32.78
C PRO G 87 -22.05 -14.62 31.35
N PRO G 88 -22.79 -14.13 30.32
CA PRO G 88 -22.77 -14.74 28.98
C PRO G 88 -21.46 -14.43 28.25
N ASN G 89 -21.13 -15.08 27.11
CA ASN G 89 -19.91 -14.72 26.32
C ASN G 89 -19.98 -13.24 25.97
N SER G 90 -21.12 -12.77 25.47
CA SER G 90 -21.38 -11.36 25.07
C SER G 90 -20.65 -10.40 26.03
N PHE G 91 -20.67 -10.69 27.33
CA PHE G 91 -20.10 -9.84 28.42
C PHE G 91 -18.57 -9.74 28.30
N TYR G 92 -17.92 -10.91 28.21
CA TYR G 92 -16.44 -11.08 28.11
C TYR G 92 -15.95 -10.54 26.77
N ARG G 93 -16.76 -10.68 25.73
CA ARG G 93 -16.46 -10.11 24.40
C ARG G 93 -16.44 -8.58 24.54
N SER G 94 -17.37 -8.00 25.31
CA SER G 94 -17.52 -6.54 25.50
C SER G 94 -16.40 -5.98 26.39
N LEU G 95 -15.90 -6.82 27.29
CA LEU G 95 -14.94 -6.44 28.35
C LEU G 95 -13.55 -6.28 27.74
N TYR G 96 -13.13 -7.22 26.88
CA TYR G 96 -11.76 -7.25 26.34
C TYR G 96 -11.34 -5.85 25.90
N PRO G 97 -12.06 -5.19 24.97
CA PRO G 97 -11.67 -3.85 24.54
C PRO G 97 -11.67 -2.78 25.64
N LYS G 98 -12.47 -2.93 26.69
CA LYS G 98 -12.53 -2.03 27.85
C LYS G 98 -11.24 -2.17 28.70
N ILE G 99 -10.71 -3.38 28.75
CA ILE G 99 -9.39 -3.65 29.41
C ILE G 99 -8.32 -3.00 28.55
N ILE G 100 -8.38 -3.18 27.24
CA ILE G 100 -7.37 -2.59 26.32
C ILE G 100 -7.40 -1.07 26.48
N GLN G 101 -8.59 -0.46 26.46
CA GLN G 101 -8.77 0.99 26.72
C GLN G 101 -8.07 1.34 28.03
N ASP G 102 -8.45 0.67 29.12
CA ASP G 102 -7.80 0.83 30.45
C ASP G 102 -6.29 0.89 30.22
N ILE G 103 -5.74 -0.17 29.65
CA ILE G 103 -4.28 -0.34 29.46
C ILE G 103 -3.72 0.85 28.71
N GLU G 104 -4.33 1.28 27.61
CA GLU G 104 -3.75 2.35 26.77
C GLU G 104 -3.74 3.67 27.54
N THR G 105 -4.73 3.94 28.40
CA THR G 105 -4.77 5.20 29.20
C THR G 105 -3.65 5.15 30.24
N ILE G 106 -3.35 3.98 30.79
CA ILE G 106 -2.21 3.80 31.71
C ILE G 106 -0.92 4.19 30.96
N GLU G 107 -0.67 3.55 29.82
CA GLU G 107 0.57 3.79 29.04
C GLU G 107 0.66 5.27 28.69
N SER G 108 -0.48 5.89 28.37
CA SER G 108 -0.55 7.33 28.01
C SER G 108 -0.09 8.15 29.22
N ASN G 109 -0.48 7.74 30.42
CA ASN G 109 -0.12 8.42 31.69
C ASN G 109 1.40 8.39 31.88
N TRP G 110 2.01 7.22 31.66
CA TRP G 110 3.48 7.07 31.74
C TRP G 110 4.13 7.99 30.70
N ARG G 111 3.64 7.95 29.46
CA ARG G 111 4.20 8.65 28.28
C ARG G 111 4.16 10.17 28.50
N CYS G 112 3.02 10.67 28.99
CA CYS G 112 2.72 12.11 29.20
C CYS G 112 3.06 12.52 30.63
N GLY G 113 3.48 11.57 31.46
CA GLY G 113 3.95 11.86 32.83
C GLY G 113 2.87 12.48 33.70
N ARG G 114 1.61 12.09 33.48
CA ARG G 114 0.46 12.34 34.40
C ARG G 114 0.54 11.31 35.54
N HIS G 115 0.55 11.74 36.80
CA HIS G 115 0.59 10.83 37.98
C HIS G 115 0.01 11.54 39.21
N ASN G 116 -0.48 10.76 40.19
CA ASN G 116 -0.76 11.23 41.57
C ASN G 116 0.53 11.03 42.37
N LEU G 117 0.98 12.07 43.06
CA LEU G 117 2.20 12.00 43.89
C LEU G 117 1.81 11.99 45.36
N GLN G 118 2.36 11.07 46.15
CA GLN G 118 2.34 11.13 47.64
C GLN G 118 3.77 11.18 48.15
N ARG G 119 4.02 12.04 49.12
CA ARG G 119 5.37 12.34 49.64
C ARG G 119 5.38 11.92 51.11
N ILE G 120 6.23 10.98 51.47
CA ILE G 120 6.54 10.67 52.89
C ILE G 120 7.76 11.48 53.33
N GLN G 121 7.59 12.37 54.30
CA GLN G 121 8.72 12.95 55.04
C GLN G 121 9.11 11.92 56.09
N CYS G 122 10.31 11.35 55.98
CA CYS G 122 10.77 10.24 56.87
C CYS G 122 11.31 10.80 58.19
N ARG G 123 11.22 12.12 58.40
CA ARG G 123 11.55 12.78 59.69
C ARG G 123 12.78 12.08 60.27
N SER G 124 13.91 12.05 59.55
CA SER G 124 15.18 11.44 60.05
C SER G 124 15.73 12.33 61.18
N GLU G 125 16.51 11.72 62.10
CA GLU G 125 16.96 12.35 63.37
C GLU G 125 18.07 13.38 63.05
N ASN G 126 19.34 12.98 62.99
CA ASN G 126 20.39 13.97 62.63
C ASN G 126 20.68 13.80 61.15
N SER G 127 21.53 12.86 60.78
CA SER G 127 21.76 12.42 59.38
C SER G 127 20.43 12.33 58.64
N LYS G 128 20.34 12.91 57.43
CA LYS G 128 19.15 12.88 56.54
C LYS G 128 19.44 12.03 55.30
N GLY G 129 18.44 11.27 54.84
CA GLY G 129 18.43 10.57 53.54
C GLY G 129 17.95 9.14 53.65
N VAL G 130 17.46 8.59 52.53
CA VAL G 130 16.88 7.22 52.42
C VAL G 130 17.58 6.43 51.32
N TYR G 131 18.48 5.55 51.71
CA TYR G 131 19.47 4.95 50.80
C TYR G 131 18.83 3.81 50.01
N CYS G 132 17.83 3.14 50.59
CA CYS G 132 17.22 1.91 50.00
C CYS G 132 15.74 1.78 50.36
N LEU G 133 15.02 0.97 49.60
CA LEU G 133 13.61 0.67 49.90
C LEU G 133 13.16 -0.59 49.15
N GLN G 134 12.09 -1.19 49.64
CA GLN G 134 11.34 -2.27 48.95
C GLN G 134 9.87 -2.16 49.37
N TYR G 135 8.94 -2.47 48.47
CA TYR G 135 7.49 -2.38 48.78
C TYR G 135 6.76 -3.61 48.25
N ASP G 136 5.51 -3.72 48.71
CA ASP G 136 4.46 -4.67 48.25
C ASP G 136 3.10 -3.99 48.40
N ASP G 137 2.02 -4.76 48.13
CA ASP G 137 0.62 -4.29 48.26
C ASP G 137 0.42 -3.63 49.64
N GLU G 138 1.07 -4.13 50.70
CA GLU G 138 0.73 -3.80 52.12
C GLU G 138 1.73 -2.83 52.77
N LYS G 139 3.01 -2.84 52.41
CA LYS G 139 3.97 -1.98 53.13
C LYS G 139 5.13 -1.54 52.22
N ILE G 140 5.81 -0.48 52.68
CA ILE G 140 7.13 0.02 52.20
C ILE G 140 8.12 -0.09 53.35
N ILE G 141 9.20 -0.83 53.16
CA ILE G 141 10.34 -0.87 54.12
C ILE G 141 11.49 -0.07 53.51
N SER G 142 12.19 0.71 54.35
CA SER G 142 13.18 1.72 53.94
C SER G 142 14.38 1.71 54.89
N GLY G 143 15.57 1.97 54.36
CA GLY G 143 16.80 2.14 55.15
C GLY G 143 17.32 3.57 55.08
N LEU G 144 17.73 4.10 56.24
CA LEU G 144 17.99 5.55 56.40
C LEU G 144 19.41 5.81 56.88
N ARG G 145 19.85 7.04 56.70
CA ARG G 145 21.22 7.49 57.01
C ARG G 145 21.39 7.54 58.54
N ASP G 146 20.29 7.73 59.28
CA ASP G 146 20.30 7.78 60.78
C ASP G 146 20.42 6.35 61.34
N ASN G 147 20.73 5.36 60.51
CA ASN G 147 21.04 3.97 60.95
C ASN G 147 19.76 3.16 61.25
N SER G 148 18.57 3.72 61.07
CA SER G 148 17.27 3.05 61.38
C SER G 148 16.68 2.42 60.12
N ILE G 149 15.86 1.39 60.29
CA ILE G 149 14.92 0.88 59.25
C ILE G 149 13.52 1.35 59.61
N LYS G 150 12.78 1.92 58.67
CA LYS G 150 11.41 2.40 58.95
C LYS G 150 10.43 1.65 58.02
N ILE G 151 9.31 1.18 58.59
CA ILE G 151 8.25 0.47 57.82
C ILE G 151 7.03 1.37 57.77
N TRP G 152 6.51 1.60 56.57
CA TRP G 152 5.38 2.50 56.27
C TRP G 152 4.17 1.67 55.82
N ASP G 153 2.97 2.03 56.29
CA ASP G 153 1.73 1.49 55.72
C ASP G 153 1.64 2.01 54.28
N LYS G 154 1.42 1.08 53.34
CA LYS G 154 1.39 1.34 51.89
C LYS G 154 0.25 2.32 51.56
N THR G 155 -0.89 2.21 52.24
CA THR G 155 -2.08 3.04 51.89
C THR G 155 -2.08 4.30 52.76
N SER G 156 -1.97 4.20 54.09
CA SER G 156 -2.11 5.34 55.05
C SER G 156 -0.83 6.17 55.14
N LEU G 157 0.31 5.59 54.74
CA LEU G 157 1.66 6.21 54.80
C LEU G 157 2.13 6.39 56.24
N GLU G 158 1.44 5.81 57.22
CA GLU G 158 1.85 5.85 58.65
C GLU G 158 3.11 5.00 58.84
N CYS G 159 3.93 5.33 59.84
CA CYS G 159 5.12 4.56 60.26
C CYS G 159 4.69 3.50 61.28
N LEU G 160 4.85 2.22 60.94
CA LEU G 160 4.37 1.07 61.75
C LEU G 160 5.46 0.57 62.69
N LYS G 161 6.72 0.53 62.22
CA LYS G 161 7.89 0.10 63.04
C LYS G 161 9.09 0.99 62.75
N VAL G 162 10.04 0.99 63.68
CA VAL G 162 11.40 1.60 63.51
C VAL G 162 12.42 0.62 64.09
N LEU G 163 13.10 -0.15 63.24
CA LEU G 163 14.11 -1.13 63.68
C LEU G 163 15.45 -0.42 63.88
N THR G 164 16.04 -0.66 65.05
CA THR G 164 17.26 -0.02 65.59
C THR G 164 18.31 -1.11 65.81
N GLY G 165 19.57 -0.85 65.47
CA GLY G 165 20.61 -1.86 65.71
C GLY G 165 21.88 -1.54 64.99
N HIS G 166 21.81 -1.27 63.69
CA HIS G 166 23.00 -0.89 62.89
C HIS G 166 23.63 0.32 63.55
N THR G 167 24.95 0.37 63.53
CA THR G 167 25.88 1.40 64.06
C THR G 167 26.20 2.39 62.94
N GLY G 168 25.64 2.17 61.76
CA GLY G 168 25.86 3.01 60.58
C GLY G 168 24.66 2.99 59.67
N SER G 169 24.61 3.93 58.73
CA SER G 169 23.58 4.02 57.66
C SER G 169 23.21 2.62 57.13
N VAL G 170 21.92 2.43 56.87
CA VAL G 170 21.37 1.20 56.21
C VAL G 170 21.35 1.48 54.71
N LEU G 171 22.20 0.78 53.96
CA LEU G 171 22.59 1.14 52.59
C LEU G 171 21.79 0.33 51.58
N CYS G 172 21.50 -0.91 51.94
CA CYS G 172 20.77 -1.86 51.08
C CYS G 172 19.85 -2.67 51.97
N LEU G 173 18.73 -3.14 51.43
CA LEU G 173 17.87 -4.10 52.14
C LEU G 173 17.10 -4.92 51.11
N GLN G 174 16.66 -6.11 51.53
CA GLN G 174 15.70 -6.93 50.79
C GLN G 174 14.91 -7.71 51.84
N TYR G 175 13.63 -7.96 51.60
CA TYR G 175 12.78 -8.74 52.53
C TYR G 175 11.95 -9.75 51.75
N ASP G 176 11.47 -10.78 52.44
CA ASP G 176 10.48 -11.76 51.91
C ASP G 176 9.44 -11.99 53.00
N GLU G 177 8.66 -13.06 52.84
CA GLU G 177 7.58 -13.43 53.80
C GLU G 177 8.17 -13.61 55.20
N ARG G 178 9.44 -14.03 55.34
CA ARG G 178 10.02 -14.46 56.65
C ARG G 178 10.94 -13.38 57.24
N VAL G 179 11.80 -12.71 56.43
CA VAL G 179 12.88 -11.84 56.99
C VAL G 179 13.11 -10.57 56.18
N ILE G 180 13.76 -9.62 56.85
CA ILE G 180 14.46 -8.44 56.27
C ILE G 180 15.95 -8.69 56.41
N VAL G 181 16.73 -8.36 55.38
CA VAL G 181 18.21 -8.46 55.39
C VAL G 181 18.78 -7.11 54.98
N THR G 182 19.75 -6.60 55.73
CA THR G 182 20.29 -5.23 55.54
C THR G 182 21.81 -5.25 55.64
N GLY G 183 22.46 -4.42 54.81
CA GLY G 183 23.89 -4.06 54.94
C GLY G 183 24.03 -2.62 55.36
N SER G 184 25.01 -2.33 56.19
CA SER G 184 25.22 -0.98 56.75
C SER G 184 26.63 -0.48 56.46
N SER G 185 26.83 0.83 56.55
CA SER G 185 28.14 1.50 56.73
C SER G 185 28.93 0.82 57.85
N ASP G 186 28.26 0.23 58.85
CA ASP G 186 28.93 -0.41 60.01
C ASP G 186 29.59 -1.74 59.62
N SER G 187 29.46 -2.20 58.37
CA SER G 187 30.16 -3.39 57.80
C SER G 187 29.42 -4.70 58.08
N THR G 188 28.32 -4.64 58.83
CA THR G 188 27.54 -5.84 59.23
C THR G 188 26.39 -6.04 58.25
N VAL G 189 25.97 -7.29 58.13
CA VAL G 189 24.64 -7.63 57.55
C VAL G 189 23.80 -8.13 58.70
N ARG G 190 22.54 -7.68 58.75
CA ARG G 190 21.59 -8.08 59.82
C ARG G 190 20.36 -8.69 59.17
N VAL G 191 19.95 -9.84 59.73
CA VAL G 191 18.68 -10.51 59.41
C VAL G 191 17.67 -10.15 60.50
N TRP G 192 16.54 -9.56 60.14
CA TRP G 192 15.48 -9.21 61.10
C TRP G 192 14.24 -10.07 60.79
N ASP G 193 13.45 -10.37 61.83
CA ASP G 193 12.11 -10.98 61.67
C ASP G 193 11.22 -9.91 61.02
N VAL G 194 10.66 -10.21 59.86
CA VAL G 194 9.89 -9.23 59.07
C VAL G 194 8.65 -8.78 59.85
N ASN G 195 8.25 -9.49 60.92
CA ASN G 195 7.01 -9.22 61.71
C ASN G 195 7.37 -8.57 63.06
N THR G 196 8.05 -9.32 63.93
CA THR G 196 8.42 -8.87 65.32
C THR G 196 9.46 -7.75 65.23
N GLY G 197 10.22 -7.68 64.13
CA GLY G 197 11.29 -6.70 63.93
C GLY G 197 12.52 -7.04 64.77
N GLU G 198 12.56 -8.22 65.38
CA GLU G 198 13.71 -8.65 66.24
C GLU G 198 14.88 -9.04 65.32
N VAL G 199 16.09 -8.71 65.76
CA VAL G 199 17.35 -9.16 65.11
C VAL G 199 17.45 -10.69 65.26
N LEU G 200 17.57 -11.42 64.16
CA LEU G 200 17.68 -12.91 64.18
C LEU G 200 19.13 -13.35 63.98
N ASN G 201 19.93 -12.56 63.27
CA ASN G 201 21.34 -12.90 62.93
C ASN G 201 22.10 -11.61 62.61
N THR G 202 23.42 -11.61 62.82
CA THR G 202 24.34 -10.52 62.42
C THR G 202 25.58 -11.16 61.79
N LEU G 203 25.81 -10.92 60.51
CA LEU G 203 27.00 -11.43 59.79
C LEU G 203 28.12 -10.40 59.90
N ILE G 204 29.15 -10.75 60.66
CA ILE G 204 30.46 -10.04 60.68
C ILE G 204 31.36 -10.74 59.67
N HIS G 205 31.91 -9.98 58.74
CA HIS G 205 32.74 -10.52 57.62
C HIS G 205 33.38 -9.35 56.88
N HIS G 206 32.59 -8.57 56.14
CA HIS G 206 33.13 -7.36 55.46
C HIS G 206 33.81 -6.52 56.53
N ASN G 207 35.00 -5.99 56.24
CA ASN G 207 35.76 -5.11 57.16
C ASN G 207 35.49 -3.66 56.79
N GLU G 208 34.66 -3.41 55.76
CA GLU G 208 34.26 -2.05 55.30
C GLU G 208 32.76 -2.08 54.95
N ALA G 209 32.16 -0.91 54.73
CA ALA G 209 30.71 -0.74 54.49
C ALA G 209 30.18 -1.83 53.53
N VAL G 210 29.06 -2.45 53.88
CA VAL G 210 28.41 -3.45 52.98
C VAL G 210 27.33 -2.71 52.14
N LEU G 211 27.54 -2.66 50.83
CA LEU G 211 26.93 -1.65 49.92
C LEU G 211 25.73 -2.21 49.19
N HIS G 212 25.76 -3.50 48.94
CA HIS G 212 24.62 -4.18 48.30
C HIS G 212 24.58 -5.62 48.80
N LEU G 213 23.39 -6.21 48.65
CA LEU G 213 23.16 -7.65 48.87
C LEU G 213 21.89 -8.05 48.12
N ARG G 214 21.78 -9.34 47.87
CA ARG G 214 20.55 -9.97 47.35
C ARG G 214 20.55 -11.40 47.89
N PHE G 215 19.38 -11.95 48.16
CA PHE G 215 19.21 -13.38 48.53
C PHE G 215 18.00 -13.94 47.77
N SER G 216 18.08 -15.21 47.39
CA SER G 216 16.97 -15.96 46.77
C SER G 216 17.27 -17.45 46.93
N ASN G 217 16.23 -18.26 47.17
CA ASN G 217 16.26 -19.75 47.20
C ASN G 217 17.46 -20.22 48.03
N GLY G 218 17.67 -19.63 49.20
CA GLY G 218 18.65 -20.16 50.18
C GLY G 218 20.08 -19.82 49.79
N LEU G 219 20.23 -18.80 48.96
CA LEU G 219 21.54 -18.23 48.56
C LEU G 219 21.49 -16.71 48.77
N MET G 220 22.53 -16.16 49.39
CA MET G 220 22.70 -14.69 49.57
C MET G 220 24.09 -14.29 49.06
N VAL G 221 24.16 -13.12 48.43
CA VAL G 221 25.47 -12.54 47.99
C VAL G 221 25.54 -11.13 48.57
N THR G 222 26.66 -10.79 49.18
CA THR G 222 26.90 -9.45 49.74
C THR G 222 28.09 -8.87 48.98
N CYS G 223 28.20 -7.56 48.90
CA CYS G 223 29.39 -6.90 48.28
C CYS G 223 29.67 -5.62 49.05
N SER G 224 30.93 -5.22 49.13
CA SER G 224 31.38 -4.18 50.11
C SER G 224 32.38 -3.22 49.48
N LYS G 225 32.57 -2.09 50.16
CA LYS G 225 33.64 -1.09 49.90
C LYS G 225 35.01 -1.78 50.00
N ASP G 226 35.10 -2.86 50.77
CA ASP G 226 36.34 -3.67 50.92
C ASP G 226 36.72 -4.35 49.60
N ARG G 227 35.92 -4.21 48.53
CA ARG G 227 36.23 -4.66 47.15
C ARG G 227 35.87 -6.14 46.97
N SER G 228 35.28 -6.76 47.99
CA SER G 228 34.96 -8.22 48.00
C SER G 228 33.48 -8.44 47.75
N ILE G 229 33.17 -9.62 47.20
CA ILE G 229 31.82 -10.23 47.15
C ILE G 229 31.87 -11.46 48.03
N ALA G 230 30.84 -11.65 48.85
CA ALA G 230 30.69 -12.83 49.70
C ALA G 230 29.47 -13.60 49.20
N VAL G 231 29.59 -14.92 49.11
CA VAL G 231 28.47 -15.81 48.71
C VAL G 231 28.15 -16.72 49.90
N TRP G 232 26.89 -16.76 50.29
CA TRP G 232 26.41 -17.49 51.50
C TRP G 232 25.37 -18.53 51.10
N ASP G 233 25.46 -19.72 51.68
CA ASP G 233 24.31 -20.67 51.79
C ASP G 233 23.43 -20.13 52.92
N MET G 234 22.15 -19.91 52.65
CA MET G 234 21.19 -19.29 53.60
C MET G 234 20.04 -20.28 53.89
N ALA G 235 20.36 -21.32 54.65
CA ALA G 235 19.43 -22.44 54.98
C ALA G 235 18.22 -21.89 55.72
N SER G 236 18.46 -20.97 56.65
CA SER G 236 17.44 -20.30 57.50
C SER G 236 17.98 -18.92 57.87
N ALA G 237 17.20 -18.15 58.61
CA ALA G 237 17.64 -16.86 59.18
C ALA G 237 18.87 -17.04 60.08
N THR G 238 19.07 -18.21 60.71
CA THR G 238 20.12 -18.46 61.73
C THR G 238 21.24 -19.36 61.18
N ASP G 239 20.98 -20.09 60.08
CA ASP G 239 21.93 -21.05 59.46
C ASP G 239 22.42 -20.45 58.15
N ILE G 240 23.43 -19.58 58.24
CA ILE G 240 23.99 -18.83 57.09
C ILE G 240 25.51 -18.96 57.11
N THR G 241 26.05 -19.78 56.21
CA THR G 241 27.48 -20.15 56.10
C THR G 241 28.09 -19.47 54.87
N LEU G 242 29.29 -18.91 55.03
CA LEU G 242 30.12 -18.34 53.95
C LEU G 242 30.61 -19.48 53.04
N ARG G 243 30.14 -19.53 51.79
CA ARG G 243 30.57 -20.57 50.82
C ARG G 243 31.90 -20.14 50.19
N ARG G 244 31.97 -18.96 49.56
CA ARG G 244 33.21 -18.48 48.90
C ARG G 244 33.28 -16.96 48.93
N VAL G 245 34.50 -16.43 48.87
CA VAL G 245 34.79 -14.98 48.70
C VAL G 245 35.31 -14.78 47.27
N LEU G 246 34.68 -13.89 46.50
CA LEU G 246 35.17 -13.53 45.15
C LEU G 246 35.95 -12.22 45.29
N VAL G 247 37.26 -12.26 45.09
CA VAL G 247 38.11 -11.04 45.00
C VAL G 247 38.47 -10.85 43.52
N GLY G 248 38.33 -9.62 43.02
CA GLY G 248 38.18 -9.36 41.58
C GLY G 248 38.22 -7.89 41.25
N HIS G 249 37.44 -7.04 41.93
CA HIS G 249 37.36 -5.59 41.64
C HIS G 249 38.53 -4.83 42.28
N ARG G 250 38.94 -3.75 41.64
CA ARG G 250 40.10 -2.90 42.00
C ARG G 250 39.61 -1.73 42.86
N ALA G 251 38.29 -1.63 43.05
CA ALA G 251 37.64 -0.58 43.87
C ALA G 251 36.34 -1.15 44.47
N ALA G 252 35.69 -0.37 45.32
CA ALA G 252 34.38 -0.68 45.95
C ALA G 252 33.48 -1.42 44.95
N VAL G 253 32.85 -2.50 45.42
CA VAL G 253 31.77 -3.23 44.69
C VAL G 253 30.42 -2.66 45.16
N ASN G 254 29.78 -1.84 44.33
CA ASN G 254 28.62 -0.99 44.70
C ASN G 254 27.32 -1.77 44.60
N VAL G 255 27.30 -2.84 43.80
CA VAL G 255 26.02 -3.55 43.52
C VAL G 255 26.33 -4.94 43.00
N VAL G 256 25.38 -5.81 43.26
CA VAL G 256 25.48 -7.27 42.99
C VAL G 256 24.04 -7.75 42.76
N ASP G 257 23.82 -8.56 41.73
CA ASP G 257 22.53 -9.23 41.41
C ASP G 257 22.91 -10.65 40.95
N PHE G 258 21.93 -11.53 40.83
CA PHE G 258 22.19 -12.93 40.39
C PHE G 258 20.90 -13.67 40.11
N ASP G 259 21.04 -14.79 39.41
CA ASP G 259 19.98 -15.80 39.20
C ASP G 259 20.63 -17.17 39.25
N ASP G 260 19.93 -18.21 38.82
CA ASP G 260 20.40 -19.62 38.78
C ASP G 260 21.78 -19.68 38.13
N LYS G 261 22.00 -18.95 37.03
CA LYS G 261 23.17 -19.13 36.14
C LYS G 261 24.36 -18.31 36.65
N TYR G 262 24.14 -17.01 36.82
CA TYR G 262 25.21 -16.00 36.96
C TYR G 262 24.98 -15.11 38.19
N ILE G 263 26.08 -14.78 38.86
CA ILE G 263 26.20 -13.59 39.74
C ILE G 263 26.79 -12.45 38.91
N VAL G 264 26.26 -11.25 39.08
CA VAL G 264 26.77 -10.04 38.38
C VAL G 264 27.15 -9.02 39.43
N SER G 265 28.41 -8.58 39.41
CA SER G 265 28.97 -7.54 40.31
C SER G 265 29.30 -6.31 39.46
N ALA G 266 29.19 -5.12 40.04
CA ALA G 266 29.57 -3.83 39.40
C ALA G 266 30.23 -2.94 40.44
N SER G 267 31.15 -2.08 40.02
CA SER G 267 32.21 -1.54 40.89
C SER G 267 32.56 -0.11 40.49
N GLY G 268 33.15 0.65 41.42
CA GLY G 268 33.77 1.98 41.17
C GLY G 268 34.94 1.87 40.20
N ASP G 269 35.46 0.66 40.00
CA ASP G 269 36.57 0.36 39.06
C ASP G 269 36.07 0.35 37.60
N ARG G 270 34.80 0.70 37.34
CA ARG G 270 34.21 0.93 35.99
C ARG G 270 33.85 -0.37 35.25
N THR G 271 33.90 -1.51 35.94
CA THR G 271 33.67 -2.86 35.36
C THR G 271 32.42 -3.49 35.93
N ILE G 272 31.70 -4.21 35.07
CA ILE G 272 30.80 -5.32 35.50
C ILE G 272 31.59 -6.62 35.37
N LYS G 273 31.51 -7.49 36.38
CA LYS G 273 32.08 -8.85 36.29
C LYS G 273 30.96 -9.88 36.47
N VAL G 274 30.99 -10.95 35.66
CA VAL G 274 30.02 -12.08 35.75
C VAL G 274 30.75 -13.32 36.28
N TRP G 275 30.07 -14.05 37.18
CA TRP G 275 30.57 -15.25 37.89
C TRP G 275 29.52 -16.37 37.81
N SER G 276 29.98 -17.63 37.85
CA SER G 276 29.10 -18.82 37.88
C SER G 276 28.38 -18.87 39.22
N THR G 277 27.06 -18.92 39.23
CA THR G 277 26.31 -19.05 40.50
C THR G 277 26.65 -20.39 41.14
N SER G 278 26.84 -21.43 40.33
CA SER G 278 27.05 -22.82 40.83
C SER G 278 28.50 -23.01 41.31
N THR G 279 29.50 -22.55 40.55
CA THR G 279 30.93 -22.83 40.85
C THR G 279 31.58 -21.66 41.60
N CYS G 280 31.02 -20.45 41.47
CA CYS G 280 31.60 -19.20 42.03
C CYS G 280 32.93 -18.88 41.35
N GLU G 281 33.21 -19.49 40.21
CA GLU G 281 34.36 -19.15 39.35
C GLU G 281 34.00 -17.88 38.57
N PHE G 282 34.97 -16.98 38.38
CA PHE G 282 34.92 -15.85 37.44
C PHE G 282 34.59 -16.35 36.04
N VAL G 283 33.82 -15.60 35.26
CA VAL G 283 33.54 -15.99 33.85
C VAL G 283 34.08 -14.91 32.93
N ARG G 284 33.56 -13.68 33.02
CA ARG G 284 33.93 -12.58 32.09
C ARG G 284 33.74 -11.21 32.74
N THR G 285 34.53 -10.22 32.30
CA THR G 285 34.39 -8.77 32.60
C THR G 285 33.62 -8.07 31.48
N LEU G 286 32.74 -7.13 31.84
CA LEU G 286 32.01 -6.27 30.89
C LEU G 286 32.52 -4.84 31.09
N ASN G 287 33.48 -4.43 30.29
CA ASN G 287 34.07 -3.07 30.42
C ASN G 287 33.52 -2.22 29.29
N GLY G 288 33.57 -0.90 29.47
CA GLY G 288 33.07 0.06 28.48
C GLY G 288 32.74 1.38 29.14
N HIS G 289 32.16 1.32 30.33
CA HIS G 289 31.85 2.55 31.09
C HIS G 289 33.16 3.31 31.26
N LYS G 290 33.07 4.64 31.21
CA LYS G 290 34.20 5.60 31.28
C LYS G 290 34.47 5.94 32.74
N ARG G 291 33.51 5.62 33.62
CA ARG G 291 33.54 5.98 35.05
C ARG G 291 32.87 4.88 35.88
N GLY G 292 32.92 5.02 37.20
CA GLY G 292 32.35 4.06 38.16
C GLY G 292 30.90 3.72 37.84
N ILE G 293 30.48 2.54 38.25
CA ILE G 293 29.08 2.04 38.10
C ILE G 293 28.41 2.08 39.47
N ALA G 294 27.28 2.77 39.56
CA ALA G 294 26.57 3.07 40.83
C ALA G 294 25.41 2.10 41.01
N CYS G 295 24.87 1.57 39.91
CA CYS G 295 23.63 0.75 39.97
C CYS G 295 23.56 -0.19 38.77
N LEU G 296 22.79 -1.26 38.91
CA LEU G 296 22.69 -2.33 37.90
C LEU G 296 21.45 -3.19 38.19
N GLN G 297 20.83 -3.75 37.15
CA GLN G 297 19.87 -4.87 37.30
C GLN G 297 20.23 -5.97 36.30
N TYR G 298 20.10 -7.23 36.70
CA TYR G 298 20.35 -8.40 35.85
C TYR G 298 19.07 -9.22 35.79
N ARG G 299 18.62 -9.54 34.56
CA ARG G 299 17.44 -10.42 34.33
C ARG G 299 17.57 -11.08 32.96
N ASP G 300 17.46 -12.40 32.93
CA ASP G 300 17.46 -13.22 31.69
C ASP G 300 18.85 -13.15 31.06
N ARG G 301 19.00 -12.45 29.94
CA ARG G 301 20.30 -12.26 29.24
C ARG G 301 20.81 -10.82 29.45
N LEU G 302 19.98 -9.98 30.08
CA LEU G 302 20.15 -8.52 29.98
C LEU G 302 20.71 -7.99 31.30
N VAL G 303 21.83 -7.29 31.20
CA VAL G 303 22.38 -6.43 32.28
C VAL G 303 22.18 -4.99 31.85
N VAL G 304 21.57 -4.22 32.71
CA VAL G 304 21.43 -2.74 32.57
C VAL G 304 22.22 -2.11 33.71
N SER G 305 22.99 -1.08 33.41
CA SER G 305 23.92 -0.45 34.36
C SER G 305 23.86 1.07 34.20
N GLY G 306 24.04 1.78 35.31
CA GLY G 306 24.10 3.25 35.37
C GLY G 306 25.41 3.68 35.98
N SER G 307 26.07 4.67 35.39
CA SER G 307 27.46 5.02 35.72
C SER G 307 27.57 6.48 36.14
N SER G 308 28.66 6.75 36.85
CA SER G 308 29.21 8.09 37.18
C SER G 308 29.54 8.83 35.88
N ASP G 309 29.54 8.15 34.72
CA ASP G 309 29.81 8.77 33.41
C ASP G 309 28.51 9.39 32.86
N ASN G 310 27.40 9.29 33.60
CA ASN G 310 26.08 9.87 33.23
C ASN G 310 25.36 9.03 32.17
N THR G 311 25.96 7.91 31.73
CA THR G 311 25.32 6.99 30.76
C THR G 311 24.69 5.81 31.48
N ILE G 312 23.67 5.25 30.85
CA ILE G 312 23.12 3.89 31.12
C ILE G 312 23.54 3.01 29.96
N ARG G 313 23.97 1.79 30.25
CA ARG G 313 24.33 0.80 29.20
C ARG G 313 23.47 -0.46 29.36
N LEU G 314 23.10 -1.03 28.22
CA LEU G 314 22.43 -2.35 28.12
C LEU G 314 23.46 -3.34 27.61
N TRP G 315 23.62 -4.48 28.28
CA TRP G 315 24.62 -5.50 27.87
C TRP G 315 23.92 -6.84 27.65
N ASP G 316 24.48 -7.67 26.78
CA ASP G 316 24.16 -9.12 26.76
C ASP G 316 25.22 -9.83 27.60
N ILE G 317 24.81 -10.57 28.63
CA ILE G 317 25.77 -11.17 29.59
C ILE G 317 26.59 -12.27 28.91
N GLU G 318 26.13 -12.84 27.80
CA GLU G 318 26.76 -14.06 27.21
C GLU G 318 27.99 -13.65 26.40
N CYS G 319 27.91 -12.63 25.55
CA CYS G 319 29.06 -12.15 24.74
C CYS G 319 29.68 -10.88 25.36
N GLY G 320 29.02 -10.29 26.36
CA GLY G 320 29.52 -9.11 27.09
C GLY G 320 29.44 -7.84 26.27
N ALA G 321 28.73 -7.87 25.14
CA ALA G 321 28.60 -6.73 24.20
C ALA G 321 27.61 -5.72 24.78
N CYS G 322 27.92 -4.44 24.61
CA CYS G 322 26.99 -3.34 24.92
C CYS G 322 26.08 -3.19 23.73
N LEU G 323 24.76 -3.29 23.94
CA LEU G 323 23.73 -3.24 22.87
C LEU G 323 23.29 -1.80 22.64
N ARG G 324 23.28 -1.01 23.71
CA ARG G 324 22.77 0.39 23.65
C ARG G 324 23.39 1.22 24.76
N VAL G 325 23.79 2.44 24.41
CA VAL G 325 24.12 3.50 25.39
C VAL G 325 22.94 4.46 25.48
N LEU G 326 22.53 4.82 26.70
CA LEU G 326 21.43 5.78 26.93
C LEU G 326 22.03 7.05 27.53
N GLU G 327 22.00 8.13 26.76
CA GLU G 327 22.32 9.48 27.24
C GLU G 327 21.03 10.25 27.51
N GLY G 328 21.13 11.27 28.36
CA GLY G 328 20.01 12.13 28.76
C GLY G 328 20.23 12.65 30.16
N HIS G 329 20.57 11.77 31.11
CA HIS G 329 20.84 12.18 32.50
C HIS G 329 21.98 13.18 32.44
N GLU G 330 21.83 14.31 33.12
CA GLU G 330 22.87 15.37 33.15
C GLU G 330 23.80 15.13 34.35
N GLU G 331 23.56 14.06 35.10
CA GLU G 331 24.27 13.75 36.38
C GLU G 331 24.47 12.25 36.54
N LEU G 332 25.23 11.84 37.54
CA LEU G 332 25.52 10.41 37.83
C LEU G 332 24.20 9.64 37.93
N VAL G 333 24.15 8.43 37.36
CA VAL G 333 22.95 7.55 37.43
C VAL G 333 23.09 6.63 38.64
N ARG G 334 22.28 6.86 39.69
CA ARG G 334 22.54 6.34 41.06
C ARG G 334 21.67 5.13 41.37
N CYS G 335 20.60 4.92 40.61
CA CYS G 335 19.71 3.75 40.80
C CYS G 335 18.98 3.51 39.51
N ILE G 336 18.48 2.29 39.31
CA ILE G 336 17.94 1.83 38.00
C ILE G 336 17.18 0.51 38.20
N ARG G 337 16.00 0.38 37.60
CA ARG G 337 15.30 -0.93 37.52
C ARG G 337 14.70 -1.02 36.12
N PHE G 338 14.21 -2.21 35.74
CA PHE G 338 13.45 -2.42 34.48
C PHE G 338 12.48 -3.58 34.63
N ASP G 339 11.45 -3.60 33.77
CA ASP G 339 10.61 -4.79 33.44
C ASP G 339 10.67 -4.98 31.92
N ASN G 340 9.69 -5.61 31.28
CA ASN G 340 9.68 -5.84 29.82
C ASN G 340 9.43 -4.53 29.06
N LYS G 341 8.72 -3.58 29.67
CA LYS G 341 8.21 -2.39 28.95
C LYS G 341 9.21 -1.25 29.10
N ARG G 342 9.87 -1.13 30.25
CA ARG G 342 10.72 0.07 30.46
C ARG G 342 11.82 -0.12 31.48
N ILE G 343 12.73 0.84 31.40
CA ILE G 343 13.84 1.17 32.34
C ILE G 343 13.40 2.44 33.06
N VAL G 344 13.57 2.46 34.38
CA VAL G 344 13.37 3.68 35.22
C VAL G 344 14.67 3.93 35.98
N SER G 345 15.29 5.06 35.75
CA SER G 345 16.59 5.46 36.35
C SER G 345 16.38 6.68 37.24
N GLY G 346 17.16 6.78 38.32
CA GLY G 346 17.25 7.97 39.17
C GLY G 346 18.68 8.48 39.17
N ALA G 347 18.87 9.80 39.23
CA ALA G 347 20.19 10.43 39.13
C ALA G 347 20.42 11.47 40.24
N TYR G 348 21.67 11.89 40.35
CA TYR G 348 22.18 12.77 41.43
C TYR G 348 21.50 14.15 41.40
N ASP G 349 20.87 14.53 40.29
CA ASP G 349 20.19 15.86 40.21
C ASP G 349 18.71 15.71 40.61
N GLY G 350 18.35 14.56 41.18
CA GLY G 350 17.00 14.33 41.73
C GLY G 350 15.96 14.05 40.65
N LYS G 351 16.43 13.87 39.41
CA LYS G 351 15.58 13.60 38.24
C LYS G 351 15.42 12.09 38.07
N ILE G 352 14.23 11.67 37.65
CA ILE G 352 13.95 10.25 37.31
C ILE G 352 13.58 10.22 35.84
N LYS G 353 14.16 9.26 35.12
CA LYS G 353 13.89 9.10 33.68
C LYS G 353 13.24 7.73 33.43
N VAL G 354 12.34 7.72 32.46
CA VAL G 354 11.61 6.50 32.02
C VAL G 354 11.97 6.29 30.56
N TRP G 355 12.43 5.08 30.25
CA TRP G 355 12.98 4.73 28.93
C TRP G 355 12.18 3.60 28.28
N ASP G 356 11.94 3.71 26.98
CA ASP G 356 11.25 2.64 26.22
C ASP G 356 12.27 1.52 26.08
N LEU G 357 12.09 0.43 26.81
CA LEU G 357 13.12 -0.64 26.81
C LEU G 357 13.17 -1.28 25.42
N GLN G 358 12.00 -1.61 24.87
CA GLN G 358 11.94 -2.35 23.58
C GLN G 358 12.58 -1.48 22.50
N ALA G 359 12.34 -0.17 22.53
CA ALA G 359 12.95 0.79 21.58
C ALA G 359 14.47 0.80 21.78
N ALA G 360 14.95 0.77 23.03
CA ALA G 360 16.39 0.82 23.35
C ALA G 360 17.09 -0.35 22.64
N LEU G 361 16.49 -1.54 22.69
CA LEU G 361 17.00 -2.81 22.10
C LEU G 361 16.79 -2.86 20.57
N ASP G 362 15.92 -2.04 19.98
CA ASP G 362 15.82 -1.89 18.49
C ASP G 362 16.95 -0.97 18.05
N PRO G 363 18.04 -1.52 17.46
CA PRO G 363 19.18 -0.69 17.08
C PRO G 363 18.85 0.37 16.02
N ARG G 364 17.72 0.23 15.32
CA ARG G 364 17.20 1.19 14.30
C ARG G 364 16.71 2.45 15.01
N ALA G 365 16.12 2.31 16.20
CA ALA G 365 15.52 3.40 17.00
C ALA G 365 16.55 4.52 17.20
N PRO G 366 16.23 5.79 16.89
CA PRO G 366 17.13 6.90 17.22
C PRO G 366 17.10 7.21 18.72
N ALA G 367 18.25 7.63 19.26
CA ALA G 367 18.43 7.92 20.70
C ALA G 367 17.43 9.00 21.12
N SER G 368 17.25 10.02 20.29
CA SER G 368 16.21 11.06 20.42
C SER G 368 14.93 10.50 21.04
N THR G 369 14.46 9.34 20.61
CA THR G 369 13.10 8.83 20.93
C THR G 369 13.08 7.89 22.15
N LEU G 370 14.18 7.71 22.88
CA LEU G 370 14.33 6.58 23.86
C LEU G 370 13.89 6.96 25.27
N CYS G 371 14.11 8.22 25.65
CA CYS G 371 13.63 8.79 26.93
C CYS G 371 12.17 9.22 26.76
N LEU G 372 11.23 8.46 27.34
CA LEU G 372 9.78 8.77 27.24
C LEU G 372 9.44 9.98 28.11
N ARG G 373 10.10 10.11 29.26
CA ARG G 373 9.70 11.11 30.29
C ARG G 373 10.83 11.41 31.26
N THR G 374 10.88 12.66 31.74
CA THR G 374 11.69 13.10 32.88
C THR G 374 10.78 13.63 33.99
N LEU G 375 10.93 13.04 35.19
CA LEU G 375 10.08 13.24 36.39
C LEU G 375 10.90 13.92 37.48
N VAL G 376 10.50 15.13 37.85
CA VAL G 376 11.33 16.03 38.69
C VAL G 376 10.49 16.41 39.91
N GLU G 377 10.59 15.63 40.99
CA GLU G 377 9.87 15.94 42.24
C GLU G 377 10.80 15.80 43.44
N HIS G 378 11.85 15.00 43.35
CA HIS G 378 12.88 14.96 44.41
C HIS G 378 13.69 16.25 44.38
N SER G 379 14.16 16.72 45.55
CA SER G 379 15.04 17.90 45.68
C SER G 379 16.42 17.45 46.18
N GLY G 380 16.83 16.25 45.83
CA GLY G 380 18.13 15.68 46.20
C GLY G 380 18.42 14.41 45.44
N ARG G 381 19.65 13.91 45.56
CA ARG G 381 20.08 12.69 44.84
C ARG G 381 19.01 11.61 45.04
N VAL G 382 18.77 10.82 44.00
CA VAL G 382 17.86 9.64 44.10
C VAL G 382 18.68 8.38 44.38
N PHE G 383 18.45 7.73 45.52
CA PHE G 383 19.28 6.61 46.02
C PHE G 383 18.70 5.27 45.58
N ARG G 384 17.39 5.21 45.38
CA ARG G 384 16.70 3.92 45.15
C ARG G 384 15.30 4.13 44.60
N LEU G 385 14.90 3.26 43.68
CA LEU G 385 13.48 3.18 43.25
C LEU G 385 13.10 1.73 42.94
N GLN G 386 11.80 1.49 42.97
CA GLN G 386 11.15 0.20 42.62
C GLN G 386 9.89 0.60 41.87
N PHE G 387 9.50 -0.16 40.85
CA PHE G 387 8.28 0.21 40.08
C PHE G 387 7.61 -1.05 39.57
N ASP G 388 6.37 -0.88 39.15
CA ASP G 388 5.56 -1.95 38.51
C ASP G 388 4.72 -1.28 37.42
N GLU G 389 3.72 -1.98 36.92
CA GLU G 389 2.89 -1.54 35.77
C GLU G 389 2.19 -0.22 36.12
N PHE G 390 2.07 0.13 37.42
CA PHE G 390 1.12 1.17 37.92
C PHE G 390 1.80 2.32 38.66
N GLN G 391 3.03 2.13 39.14
CA GLN G 391 3.62 3.12 40.06
C GLN G 391 5.14 3.00 40.06
N ILE G 392 5.77 4.12 40.39
CA ILE G 392 7.18 4.19 40.89
C ILE G 392 7.13 4.55 42.37
N ILE G 393 7.96 3.89 43.16
CA ILE G 393 8.32 4.40 44.51
C ILE G 393 9.83 4.63 44.55
N SER G 394 10.22 5.84 44.91
CA SER G 394 11.61 6.36 44.86
C SER G 394 11.96 6.92 46.23
N SER G 395 13.23 6.81 46.64
CA SER G 395 13.76 7.43 47.88
C SER G 395 15.02 8.24 47.56
N SER G 396 15.38 9.16 48.44
CA SER G 396 16.27 10.29 48.09
C SER G 396 16.99 10.87 49.32
N HIS G 397 18.11 11.52 49.04
CA HIS G 397 18.92 12.32 49.99
C HIS G 397 18.05 13.40 50.64
N ASP G 398 17.00 13.87 49.95
CA ASP G 398 16.07 14.91 50.43
C ASP G 398 15.22 14.37 51.60
N ASP G 399 15.44 13.12 52.01
CA ASP G 399 14.79 12.49 53.20
C ASP G 399 13.31 12.21 52.92
N THR G 400 12.90 12.11 51.66
CA THR G 400 11.51 11.77 51.27
C THR G 400 11.46 10.41 50.58
N ILE G 401 10.33 9.72 50.71
CA ILE G 401 9.91 8.62 49.78
C ILE G 401 8.76 9.17 48.96
N LEU G 402 8.81 8.97 47.64
CA LEU G 402 7.77 9.43 46.71
C LEU G 402 7.05 8.22 46.12
N ILE G 403 5.72 8.22 46.18
CA ILE G 403 4.90 7.26 45.42
C ILE G 403 4.32 8.01 44.21
N TRP G 404 4.73 7.62 43.02
CA TRP G 404 4.19 8.15 41.74
C TRP G 404 3.13 7.18 41.20
N ASP G 405 1.85 7.57 41.20
CA ASP G 405 0.72 6.69 40.79
C ASP G 405 0.25 7.09 39.39
N PHE G 406 0.38 6.18 38.42
CA PHE G 406 0.00 6.38 37.00
C PHE G 406 -1.37 5.75 36.71
N LEU G 407 -2.01 5.23 37.75
CA LEU G 407 -3.30 4.51 37.69
C LEU G 407 -4.45 5.48 37.98
N ASN G 408 -4.40 6.13 39.14
CA ASN G 408 -5.37 7.17 39.58
C ASN G 408 -4.71 8.49 39.29
N VAL G 409 -5.01 9.05 38.12
CA VAL G 409 -4.34 10.28 37.61
C VAL G 409 -5.27 11.47 37.85
N PRO G 410 -4.74 12.66 38.23
CA PRO G 410 -5.57 13.80 38.60
C PRO G 410 -6.51 14.17 37.45
N PRO G 411 -7.68 14.80 37.74
CA PRO G 411 -8.56 15.31 36.70
C PRO G 411 -8.33 16.80 36.40
N PRO H 2 5.55 -57.62 21.32
CA PRO H 2 4.67 -58.16 20.26
C PRO H 2 4.25 -57.14 19.19
N SER H 3 3.61 -57.63 18.12
CA SER H 3 2.75 -56.86 17.17
C SER H 3 1.27 -57.15 17.46
N ILE H 4 0.37 -56.39 16.86
CA ILE H 4 -1.11 -56.51 17.04
C ILE H 4 -1.78 -56.06 15.75
N LYS H 5 -2.93 -56.65 15.40
CA LYS H 5 -3.60 -56.33 14.11
C LYS H 5 -4.54 -55.14 14.28
N LEU H 6 -4.37 -54.13 13.42
CA LEU H 6 -5.40 -53.08 13.20
C LEU H 6 -6.09 -53.33 11.87
N GLN H 7 -7.37 -52.97 11.81
CA GLN H 7 -8.20 -53.17 10.61
C GLN H 7 -8.72 -51.82 10.15
N SER H 8 -8.18 -51.30 9.05
CA SER H 8 -8.69 -50.10 8.35
C SER H 8 -10.15 -50.30 8.00
N SER H 9 -10.87 -49.17 7.93
CA SER H 9 -12.27 -49.04 7.46
C SER H 9 -12.50 -49.85 6.18
N ASP H 10 -11.48 -49.94 5.32
CA ASP H 10 -11.56 -50.55 3.97
C ASP H 10 -10.92 -51.94 3.97
N GLY H 11 -10.93 -52.66 5.09
CA GLY H 11 -10.57 -54.10 5.12
C GLY H 11 -9.10 -54.39 5.45
N GLU H 12 -8.15 -53.56 5.01
CA GLU H 12 -6.70 -53.85 5.14
C GLU H 12 -6.26 -53.96 6.61
N ILE H 13 -5.45 -54.97 6.90
CA ILE H 13 -4.85 -55.27 8.23
C ILE H 13 -3.45 -54.64 8.33
N PHE H 14 -3.12 -54.08 9.49
CA PHE H 14 -1.78 -53.55 9.82
C PHE H 14 -1.25 -54.24 11.07
N GLU H 15 -0.11 -54.90 10.95
CA GLU H 15 0.61 -55.52 12.08
C GLU H 15 1.54 -54.45 12.64
N VAL H 16 1.18 -53.91 13.82
CA VAL H 16 1.85 -52.73 14.45
C VAL H 16 2.41 -53.16 15.80
N ASP H 17 3.69 -52.84 16.06
CA ASP H 17 4.30 -52.92 17.40
C ASP H 17 3.27 -52.42 18.41
N VAL H 18 2.97 -53.20 19.42
CA VAL H 18 1.90 -52.85 20.40
C VAL H 18 2.26 -51.54 21.10
N GLU H 19 3.53 -51.36 21.46
CA GLU H 19 4.04 -50.14 22.16
C GLU H 19 3.64 -48.90 21.34
N ILE H 20 3.80 -48.97 20.01
CA ILE H 20 3.49 -47.87 19.04
C ILE H 20 1.97 -47.66 18.99
N ALA H 21 1.24 -48.73 18.70
CA ALA H 21 -0.23 -48.77 18.59
C ALA H 21 -0.91 -48.13 19.80
N LYS H 22 -0.43 -48.38 21.03
CA LYS H 22 -1.09 -47.91 22.29
C LYS H 22 -0.81 -46.39 22.52
N GLN H 23 -0.09 -45.73 21.62
CA GLN H 23 -0.02 -44.25 21.58
C GLN H 23 -1.45 -43.75 21.39
N SER H 24 -2.26 -44.55 20.70
CA SER H 24 -3.74 -44.38 20.59
C SER H 24 -4.42 -44.97 21.83
N VAL H 25 -4.93 -44.09 22.67
CA VAL H 25 -5.67 -44.47 23.90
C VAL H 25 -6.89 -45.29 23.46
N THR H 26 -7.59 -44.87 22.42
CA THR H 26 -8.74 -45.63 21.90
C THR H 26 -8.29 -47.08 21.71
N ILE H 27 -7.27 -47.31 20.90
CA ILE H 27 -6.73 -48.66 20.63
C ILE H 27 -6.30 -49.33 21.95
N LYS H 28 -5.68 -48.59 22.84
CA LYS H 28 -5.24 -49.16 24.14
C LYS H 28 -6.47 -49.82 24.76
N THR H 29 -7.57 -49.07 24.87
CA THR H 29 -8.82 -49.45 25.59
C THR H 29 -9.44 -50.68 24.92
N MET H 30 -9.47 -50.69 23.61
CA MET H 30 -10.04 -51.79 22.81
C MET H 30 -9.24 -53.06 23.04
N LEU H 31 -7.92 -52.95 23.12
CA LEU H 31 -7.02 -54.10 23.39
C LEU H 31 -7.16 -54.57 24.84
N GLU H 32 -7.17 -53.63 25.77
CA GLU H 32 -7.00 -53.92 27.21
C GLU H 32 -8.37 -54.25 27.81
N ASP H 33 -9.35 -53.36 27.67
CA ASP H 33 -10.65 -53.51 28.36
C ASP H 33 -11.56 -54.44 27.56
N LEU H 34 -11.38 -54.55 26.23
CA LEU H 34 -12.38 -55.20 25.35
C LEU H 34 -11.81 -56.44 24.66
N GLY H 35 -10.53 -56.75 24.84
CA GLY H 35 -9.88 -57.95 24.28
C GLY H 35 -10.04 -58.05 22.77
N MET H 36 -10.18 -56.94 22.05
CA MET H 36 -10.37 -56.97 20.59
C MET H 36 -9.05 -57.44 19.94
N ASP H 37 -9.12 -58.48 19.10
CA ASP H 37 -8.09 -58.89 18.12
C ASP H 37 -8.80 -59.45 16.90
N PRO H 38 -8.72 -58.79 15.73
CA PRO H 38 -7.97 -57.55 15.56
C PRO H 38 -8.72 -56.37 16.19
N VAL H 39 -8.25 -55.16 15.89
CA VAL H 39 -8.91 -53.89 16.32
C VAL H 39 -9.53 -53.26 15.09
N PRO H 40 -10.85 -53.28 14.93
CA PRO H 40 -11.50 -52.61 13.81
C PRO H 40 -11.41 -51.11 14.05
N LEU H 41 -11.20 -50.39 12.95
CA LEU H 41 -11.25 -48.92 12.90
C LEU H 41 -12.16 -48.54 11.74
N PRO H 42 -13.50 -48.64 11.94
CA PRO H 42 -14.44 -48.33 10.86
C PRO H 42 -14.35 -46.87 10.43
N ASN H 43 -13.81 -46.01 11.30
CA ASN H 43 -13.72 -44.54 11.11
C ASN H 43 -12.44 -44.15 10.41
N VAL H 44 -11.45 -45.05 10.26
CA VAL H 44 -10.12 -44.67 9.73
C VAL H 44 -9.76 -45.59 8.57
N ASN H 45 -9.45 -44.99 7.42
CA ASN H 45 -9.09 -45.77 6.19
C ASN H 45 -7.58 -46.08 6.18
N ALA H 46 -7.13 -46.91 5.24
CA ALA H 46 -5.73 -47.36 5.15
C ALA H 46 -4.86 -46.13 4.95
N ALA H 47 -5.12 -45.38 3.88
CA ALA H 47 -4.35 -44.17 3.53
C ALA H 47 -3.99 -43.40 4.82
N ILE H 48 -5.00 -42.98 5.58
CA ILE H 48 -4.82 -42.15 6.81
C ILE H 48 -4.16 -42.98 7.92
N LEU H 49 -4.52 -44.24 8.05
CA LEU H 49 -3.96 -45.11 9.12
C LEU H 49 -2.46 -45.21 8.92
N LYS H 50 -1.99 -45.34 7.68
CA LYS H 50 -0.54 -45.33 7.35
C LYS H 50 0.08 -44.06 7.93
N LYS H 51 -0.49 -42.91 7.59
CA LYS H 51 -0.04 -41.56 8.01
C LYS H 51 0.07 -41.53 9.53
N VAL H 52 -0.86 -42.16 10.23
CA VAL H 52 -0.91 -42.11 11.71
C VAL H 52 0.20 -42.99 12.29
N ILE H 53 0.30 -44.21 11.78
CA ILE H 53 1.38 -45.16 12.18
C ILE H 53 2.70 -44.42 12.02
N GLN H 54 2.94 -43.89 10.83
CA GLN H 54 4.12 -43.07 10.48
C GLN H 54 4.34 -42.04 11.59
N TRP H 55 3.32 -41.26 11.92
CA TRP H 55 3.46 -40.16 12.89
C TRP H 55 3.86 -40.74 14.25
N CYS H 56 3.28 -41.88 14.66
CA CYS H 56 3.58 -42.54 15.96
C CYS H 56 4.99 -43.14 15.95
N THR H 57 5.33 -43.85 14.90
CA THR H 57 6.68 -44.43 14.64
C THR H 57 7.69 -43.28 14.86
N HIS H 58 7.57 -42.20 14.07
CA HIS H 58 8.54 -41.07 14.01
C HIS H 58 8.50 -40.29 15.32
N HIS H 59 7.45 -40.41 16.15
CA HIS H 59 7.46 -39.98 17.58
C HIS H 59 8.03 -41.11 18.45
N LYS H 60 9.07 -41.77 17.89
CA LYS H 60 10.09 -42.70 18.46
C LYS H 60 11.40 -42.53 17.68
N ASP H 61 11.81 -41.26 17.47
CA ASP H 61 12.98 -40.70 16.74
C ASP H 61 13.85 -39.96 17.77
N ASP H 62 14.54 -38.89 17.36
CA ASP H 62 15.35 -38.05 18.27
C ASP H 62 14.54 -36.79 18.59
N PRO H 63 14.21 -36.51 19.87
CA PRO H 63 13.36 -35.39 20.28
C PRO H 63 13.46 -34.07 19.50
N PRO H 64 14.65 -33.46 19.28
CA PRO H 64 14.75 -32.25 18.48
C PRO H 64 14.79 -32.43 16.95
N ASP H 65 14.32 -33.58 16.44
CA ASP H 65 14.20 -33.82 14.99
C ASP H 65 12.73 -33.67 14.64
N ASP H 66 11.86 -33.99 15.61
CA ASP H 66 10.39 -33.84 15.47
C ASP H 66 10.11 -32.35 15.49
N ILE H 67 10.19 -31.74 16.70
CA ILE H 67 10.00 -30.30 17.07
C ILE H 67 9.38 -29.53 15.91
N PRO H 68 8.08 -29.72 15.64
CA PRO H 68 7.40 -29.23 14.46
C PRO H 68 8.22 -28.98 13.18
N VAL H 69 9.25 -29.80 12.91
CA VAL H 69 9.95 -29.64 11.61
C VAL H 69 9.77 -30.96 10.89
N TRP H 70 9.77 -32.05 11.66
CA TRP H 70 9.41 -33.33 11.00
C TRP H 70 7.91 -33.19 10.72
N ASP H 71 7.18 -32.72 11.73
CA ASP H 71 5.73 -32.50 11.66
C ASP H 71 5.41 -31.42 10.64
N GLN H 72 6.24 -30.39 10.48
CA GLN H 72 5.91 -29.34 9.48
C GLN H 72 5.88 -29.98 8.10
N GLU H 73 6.87 -30.83 7.79
CA GLU H 73 6.91 -31.43 6.45
C GLU H 73 5.86 -32.53 6.40
N PHE H 74 5.69 -33.29 7.49
CA PHE H 74 4.66 -34.34 7.59
C PHE H 74 3.28 -33.73 7.33
N LEU H 75 3.04 -32.50 7.78
CA LEU H 75 1.71 -31.85 7.73
C LEU H 75 1.63 -30.91 6.53
N LYS H 76 2.57 -30.96 5.60
CA LYS H 76 2.41 -30.25 4.30
C LYS H 76 1.54 -31.15 3.44
N VAL H 77 0.26 -31.24 3.79
CA VAL H 77 -0.79 -32.02 3.07
C VAL H 77 -1.99 -31.12 2.81
N ASP H 78 -2.84 -31.49 1.86
CA ASP H 78 -3.98 -30.63 1.45
C ASP H 78 -4.89 -30.49 2.68
N GLN H 79 -5.75 -29.49 2.68
CA GLN H 79 -6.64 -29.24 3.86
C GLN H 79 -7.51 -30.47 4.08
N GLY H 80 -8.00 -31.09 3.01
CA GLY H 80 -8.78 -32.34 3.08
C GLY H 80 -8.10 -33.36 3.98
N THR H 81 -6.87 -33.75 3.63
CA THR H 81 -6.04 -34.75 4.37
C THR H 81 -5.87 -34.30 5.82
N LEU H 82 -5.53 -33.03 6.02
CA LEU H 82 -5.29 -32.47 7.36
C LEU H 82 -6.55 -32.69 8.20
N PHE H 83 -7.70 -32.37 7.65
CA PHE H 83 -8.99 -32.60 8.35
C PHE H 83 -9.14 -34.09 8.70
N GLU H 84 -8.97 -34.98 7.72
CA GLU H 84 -9.05 -36.45 7.91
C GLU H 84 -8.12 -36.87 9.06
N LEU H 85 -6.98 -36.21 9.18
CA LEU H 85 -6.00 -36.47 10.25
C LEU H 85 -6.52 -35.98 11.59
N ILE H 86 -7.20 -34.84 11.64
CA ILE H 86 -7.79 -34.34 12.91
C ILE H 86 -8.86 -35.32 13.36
N LEU H 87 -9.72 -35.74 12.45
CA LEU H 87 -10.79 -36.70 12.78
C LEU H 87 -10.18 -37.95 13.38
N ALA H 88 -9.14 -38.49 12.73
CA ALA H 88 -8.48 -39.75 13.10
C ALA H 88 -7.80 -39.60 14.48
N ALA H 89 -7.12 -38.47 14.70
CA ALA H 89 -6.41 -38.18 15.96
C ALA H 89 -7.43 -38.21 17.10
N ASN H 90 -8.57 -37.57 16.89
CA ASN H 90 -9.62 -37.49 17.92
C ASN H 90 -10.24 -38.87 18.15
N TYR H 91 -10.52 -39.59 17.04
CA TYR H 91 -11.09 -40.96 17.10
C TYR H 91 -10.15 -41.91 17.86
N LEU H 92 -8.86 -41.79 17.62
CA LEU H 92 -7.89 -42.73 18.23
C LEU H 92 -7.43 -42.17 19.56
N ASP H 93 -7.80 -40.91 19.88
CA ASP H 93 -7.36 -40.24 21.13
C ASP H 93 -5.82 -40.31 21.17
N ILE H 94 -5.21 -39.61 20.22
CA ILE H 94 -3.74 -39.32 20.18
C ILE H 94 -3.54 -37.81 20.38
N LYS H 95 -3.45 -37.36 21.63
CA LYS H 95 -3.34 -35.93 21.99
C LYS H 95 -2.25 -35.25 21.17
N GLY H 96 -1.05 -35.79 21.08
CA GLY H 96 0.09 -35.13 20.41
C GLY H 96 -0.24 -34.74 18.98
N LEU H 97 -0.83 -35.69 18.27
CA LEU H 97 -1.16 -35.55 16.85
C LEU H 97 -2.31 -34.57 16.72
N LEU H 98 -3.30 -34.73 17.58
CA LEU H 98 -4.45 -33.81 17.60
C LEU H 98 -3.92 -32.39 17.87
N ASP H 99 -2.96 -32.25 18.78
CA ASP H 99 -2.42 -30.93 19.18
C ASP H 99 -1.72 -30.27 18.00
N VAL H 100 -0.86 -31.00 17.26
CA VAL H 100 -0.09 -30.39 16.14
C VAL H 100 -1.05 -30.02 15.01
N THR H 101 -1.94 -30.93 14.66
CA THR H 101 -2.92 -30.72 13.56
C THR H 101 -3.72 -29.45 13.87
N CYS H 102 -4.11 -29.26 15.12
CA CYS H 102 -4.94 -28.10 15.54
C CYS H 102 -4.11 -26.81 15.42
N LYS H 103 -2.91 -26.79 16.00
CA LYS H 103 -1.98 -25.63 15.92
C LYS H 103 -1.70 -25.31 14.44
N THR H 104 -1.69 -26.33 13.56
CA THR H 104 -1.40 -26.14 12.11
C THR H 104 -2.53 -25.33 11.47
N VAL H 105 -3.78 -25.63 11.82
CA VAL H 105 -4.96 -24.90 11.31
C VAL H 105 -4.94 -23.49 11.89
N ALA H 106 -4.73 -23.37 13.20
CA ALA H 106 -4.62 -22.07 13.90
C ALA H 106 -3.65 -21.17 13.12
N ASN H 107 -2.52 -21.75 12.67
CA ASN H 107 -1.44 -21.00 11.99
C ASN H 107 -1.97 -20.55 10.63
N MET H 108 -2.83 -21.34 9.99
CA MET H 108 -3.45 -20.95 8.70
C MET H 108 -4.48 -19.84 8.91
N ILE H 109 -4.96 -19.60 10.13
CA ILE H 109 -5.94 -18.51 10.41
C ILE H 109 -5.23 -17.23 10.91
N LYS H 110 -4.20 -17.32 11.77
CA LYS H 110 -3.74 -16.13 12.56
C LYS H 110 -3.22 -15.06 11.61
N GLY H 111 -3.47 -13.80 11.94
CA GLY H 111 -2.83 -12.65 11.30
C GLY H 111 -3.34 -12.45 9.89
N LYS H 112 -4.61 -12.73 9.67
CA LYS H 112 -5.25 -12.53 8.35
C LYS H 112 -6.55 -11.78 8.56
N THR H 113 -6.90 -10.94 7.59
CA THR H 113 -8.21 -10.26 7.47
C THR H 113 -9.29 -11.31 7.22
N PRO H 114 -10.55 -11.06 7.63
CA PRO H 114 -11.62 -12.03 7.37
C PRO H 114 -11.62 -12.44 5.90
N GLU H 115 -11.52 -11.47 4.98
CA GLU H 115 -11.47 -11.71 3.52
C GLU H 115 -10.35 -12.73 3.22
N GLU H 116 -9.15 -12.50 3.75
CA GLU H 116 -7.97 -13.36 3.49
C GLU H 116 -8.27 -14.77 3.99
N ILE H 117 -8.88 -14.89 5.16
CA ILE H 117 -9.28 -16.21 5.75
C ILE H 117 -10.27 -16.92 4.83
N ARG H 118 -11.28 -16.20 4.35
CA ARG H 118 -12.34 -16.78 3.47
C ARG H 118 -11.67 -17.41 2.25
N LYS H 119 -10.66 -16.75 1.67
CA LYS H 119 -9.99 -17.21 0.44
C LYS H 119 -9.22 -18.50 0.74
N THR H 120 -8.62 -18.55 1.93
CA THR H 120 -7.82 -19.71 2.40
C THR H 120 -8.67 -20.98 2.43
N PHE H 121 -9.89 -20.89 2.97
CA PHE H 121 -10.71 -22.09 3.30
C PHE H 121 -11.97 -22.19 2.42
N ASN H 122 -12.13 -21.24 1.48
CA ASN H 122 -13.19 -21.24 0.47
C ASN H 122 -14.54 -21.07 1.17
N ILE H 123 -14.74 -19.94 1.87
CA ILE H 123 -15.93 -19.68 2.72
C ILE H 123 -16.66 -18.47 2.15
N LYS H 124 -17.99 -18.54 2.16
CA LYS H 124 -18.88 -17.45 1.72
C LYS H 124 -19.20 -16.62 2.96
N ASN H 125 -19.10 -15.31 2.83
CA ASN H 125 -19.58 -14.36 3.84
C ASN H 125 -21.10 -14.49 3.89
N ASP H 126 -21.68 -15.04 4.96
CA ASP H 126 -23.16 -15.12 5.10
C ASP H 126 -23.68 -14.01 6.03
N PHE H 127 -23.02 -12.86 6.09
CA PHE H 127 -23.50 -11.70 6.86
C PHE H 127 -24.20 -10.75 5.89
N THR H 128 -25.32 -10.17 6.32
CA THR H 128 -25.94 -9.03 5.60
C THR H 128 -24.85 -7.95 5.58
N GLU H 129 -24.87 -6.97 4.67
CA GLU H 129 -23.90 -5.85 4.71
C GLU H 129 -24.13 -5.06 6.02
N GLU H 130 -25.38 -5.08 6.52
CA GLU H 130 -25.82 -4.42 7.78
C GLU H 130 -25.10 -5.12 8.95
N GLU H 131 -25.46 -6.38 9.24
CA GLU H 131 -24.87 -7.23 10.31
C GLU H 131 -23.34 -7.07 10.34
N GLU H 132 -22.70 -6.98 9.18
CA GLU H 132 -21.21 -7.00 9.01
C GLU H 132 -20.63 -5.67 9.48
N ALA H 133 -21.15 -4.55 8.96
CA ALA H 133 -20.79 -3.19 9.39
C ALA H 133 -20.80 -3.11 10.93
N GLN H 134 -21.81 -3.71 11.56
CA GLN H 134 -22.07 -3.66 13.02
C GLN H 134 -20.88 -4.31 13.73
N VAL H 135 -20.46 -5.49 13.27
CA VAL H 135 -19.38 -6.27 13.92
C VAL H 135 -18.05 -5.57 13.65
N ARG H 136 -17.81 -5.18 12.39
CA ARG H 136 -16.58 -4.48 11.92
C ARG H 136 -16.29 -3.28 12.85
N LYS H 137 -17.33 -2.45 13.08
CA LYS H 137 -17.34 -1.29 14.01
C LYS H 137 -16.98 -1.78 15.43
N GLU H 138 -17.69 -2.78 15.93
CA GLU H 138 -17.54 -3.31 17.32
C GLU H 138 -16.09 -3.78 17.58
N ASN H 139 -15.39 -4.23 16.54
CA ASN H 139 -14.08 -4.93 16.63
C ASN H 139 -12.94 -4.00 16.19
N GLN H 140 -13.21 -2.78 15.69
CA GLN H 140 -12.24 -1.89 15.02
C GLN H 140 -11.13 -1.50 15.99
N TRP H 141 -11.36 -1.62 17.29
CA TRP H 141 -10.37 -1.27 18.33
C TRP H 141 -9.07 -2.08 18.14
N CYS H 142 -9.10 -3.28 17.56
CA CYS H 142 -7.91 -4.17 17.48
C CYS H 142 -7.05 -3.85 16.25
N GLU H 143 -7.50 -2.94 15.38
CA GLU H 143 -6.69 -2.36 14.27
C GLU H 143 -5.72 -1.29 14.82
N GLU H 144 -4.45 -1.69 14.93
CA GLU H 144 -3.26 -0.81 15.11
C GLU H 144 -3.37 0.46 14.26
N LYS H 145 -2.66 1.53 14.66
CA LYS H 145 -2.38 2.73 13.82
C LYS H 145 -0.86 2.83 13.61
N LEU I 1 29.96 11.70 52.39
CA LEU I 1 28.70 12.31 51.82
C LEU I 1 27.61 11.33 51.30
N ASP I 2 27.82 10.54 50.24
CA ASP I 2 26.91 9.41 49.83
C ASP I 2 27.60 8.08 50.10
N GLY I 4 26.57 5.22 50.07
CA GLY I 4 25.99 4.12 49.30
C GLY I 4 26.92 3.55 48.23
N ILE I 5 27.76 4.39 47.59
CA ILE I 5 28.70 3.96 46.51
C ILE I 5 30.03 4.69 46.63
N HIS I 6 31.09 4.12 46.03
CA HIS I 6 32.46 4.72 45.92
C HIS I 6 33.04 4.43 44.54
N GLY I 8 36.64 4.90 41.84
CA GLY I 8 37.93 4.24 41.92
C GLY I 8 39.06 5.20 42.20
N ALA I 9 40.23 4.91 41.63
CA ALA I 9 41.24 5.91 41.24
C ALA I 9 40.64 6.81 40.15
#